data_1M8L
# 
_entry.id   1M8L 
# 
_audit_conform.dict_name       mmcif_pdbx.dic 
_audit_conform.dict_version    5.392 
_audit_conform.dict_location   http://mmcif.pdb.org/dictionaries/ascii/mmcif_pdbx.dic 
# 
loop_
_database_2.database_id 
_database_2.database_code 
_database_2.pdbx_database_accession 
_database_2.pdbx_DOI 
PDB   1M8L         pdb_00001m8l 10.2210/pdb1m8l/pdb 
RCSB  RCSB016731   ?            ?                   
WWPDB D_1000016731 ?            ?                   
# 
loop_
_pdbx_audit_revision_history.ordinal 
_pdbx_audit_revision_history.data_content_type 
_pdbx_audit_revision_history.major_revision 
_pdbx_audit_revision_history.minor_revision 
_pdbx_audit_revision_history.revision_date 
1 'Structure model' 1 0 2003-03-18 
2 'Structure model' 1 1 2008-04-28 
3 'Structure model' 1 2 2011-07-13 
4 'Structure model' 1 3 2022-02-23 
5 'Structure model' 1 4 2024-05-22 
# 
_pdbx_audit_revision_details.ordinal             1 
_pdbx_audit_revision_details.revision_ordinal    1 
_pdbx_audit_revision_details.data_content_type   'Structure model' 
_pdbx_audit_revision_details.provider            repository 
_pdbx_audit_revision_details.type                'Initial release' 
_pdbx_audit_revision_details.description         ? 
_pdbx_audit_revision_details.details             ? 
# 
loop_
_pdbx_audit_revision_group.ordinal 
_pdbx_audit_revision_group.revision_ordinal 
_pdbx_audit_revision_group.data_content_type 
_pdbx_audit_revision_group.group 
1 2 'Structure model' 'Version format compliance' 
2 3 'Structure model' 'Version format compliance' 
3 4 'Structure model' 'Data collection'           
4 4 'Structure model' 'Database references'       
5 4 'Structure model' 'Derived calculations'      
6 5 'Structure model' 'Data collection'           
# 
loop_
_pdbx_audit_revision_category.ordinal 
_pdbx_audit_revision_category.revision_ordinal 
_pdbx_audit_revision_category.data_content_type 
_pdbx_audit_revision_category.category 
1 4 'Structure model' database_2            
2 4 'Structure model' pdbx_nmr_software     
3 4 'Structure model' pdbx_nmr_spectrometer 
4 4 'Structure model' pdbx_struct_assembly  
5 4 'Structure model' pdbx_struct_oper_list 
6 5 'Structure model' chem_comp_atom        
7 5 'Structure model' chem_comp_bond        
# 
loop_
_pdbx_audit_revision_item.ordinal 
_pdbx_audit_revision_item.revision_ordinal 
_pdbx_audit_revision_item.data_content_type 
_pdbx_audit_revision_item.item 
1 4 'Structure model' '_database_2.pdbx_DOI'                
2 4 'Structure model' '_database_2.pdbx_database_accession' 
3 4 'Structure model' '_pdbx_nmr_software.name'             
4 4 'Structure model' '_pdbx_nmr_spectrometer.model'        
# 
_pdbx_database_status.status_code                     REL 
_pdbx_database_status.entry_id                        1M8L 
_pdbx_database_status.recvd_initial_deposition_date   2002-07-25 
_pdbx_database_status.deposit_site                    RCSB 
_pdbx_database_status.process_site                    RCSB 
_pdbx_database_status.status_code_mr                  REL 
_pdbx_database_status.SG_entry                        . 
_pdbx_database_status.pdb_format_compatible           Y 
_pdbx_database_status.status_code_sf                  ? 
_pdbx_database_status.status_code_cs                  ? 
_pdbx_database_status.status_code_nmr_data            ? 
_pdbx_database_status.methods_development_category    ? 
# 
loop_
_audit_author.name 
_audit_author.pdbx_ordinal 
'Morellet, N.' 1 
'Bouaziz, S.'  2 
'Lenoir, C.'   3 
'Roques, B.P.' 4 
# 
_citation.id                        primary 
_citation.title                     'NMR Structure of the HIV-1 Regulatory Protein Vpr' 
_citation.journal_abbrev            J.Mol.Biol. 
_citation.journal_volume            327 
_citation.page_first                215 
_citation.page_last                 227 
_citation.year                      2003 
_citation.journal_id_ASTM           JMOBAK 
_citation.country                   UK 
_citation.journal_id_ISSN           0022-2836 
_citation.journal_id_CSD            0070 
_citation.book_publisher            ? 
_citation.pdbx_database_id_PubMed   12614620 
_citation.pdbx_database_id_DOI      '10.1016/S0022-2836(03)00060-3' 
# 
loop_
_citation_author.citation_id 
_citation_author.name 
_citation_author.ordinal 
_citation_author.identifier_ORCID 
primary 'Morellet, N.' 1 ? 
primary 'Bouaziz, S.'  2 ? 
primary 'Lenoir, C.'   3 ? 
primary 'Roques, B.P.' 4 ? 
# 
_entity.id                         1 
_entity.type                       polymer 
_entity.src_method                 syn 
_entity.pdbx_description           'VPR Protein' 
_entity.formula_weight             11411.905 
_entity.pdbx_number_of_molecules   1 
_entity.pdbx_ec                    ? 
_entity.pdbx_mutation              ? 
_entity.pdbx_fragment              ? 
_entity.details                    ? 
# 
_entity_poly.entity_id                      1 
_entity_poly.type                           'polypeptide(L)' 
_entity_poly.nstd_linkage                   no 
_entity_poly.nstd_monomer                   no 
_entity_poly.pdbx_seq_one_letter_code       
;MEQAPEDQGPQREPYNDWTLELLEELKNEAVRHFPRIWLHSLGQHIYETYGDTWTGVEALIRILQQLLFIHFRIGCRHSR
IGIIQQRRTRNGASKS
;
_entity_poly.pdbx_seq_one_letter_code_can   
;MEQAPEDQGPQREPYNDWTLELLEELKNEAVRHFPRIWLHSLGQHIYETYGDTWTGVEALIRILQQLLFIHFRIGCRHSR
IGIIQQRRTRNGASKS
;
_entity_poly.pdbx_strand_id                 A 
_entity_poly.pdbx_target_identifier         ? 
# 
loop_
_entity_poly_seq.entity_id 
_entity_poly_seq.num 
_entity_poly_seq.mon_id 
_entity_poly_seq.hetero 
1 1  MET n 
1 2  GLU n 
1 3  GLN n 
1 4  ALA n 
1 5  PRO n 
1 6  GLU n 
1 7  ASP n 
1 8  GLN n 
1 9  GLY n 
1 10 PRO n 
1 11 GLN n 
1 12 ARG n 
1 13 GLU n 
1 14 PRO n 
1 15 TYR n 
1 16 ASN n 
1 17 ASP n 
1 18 TRP n 
1 19 THR n 
1 20 LEU n 
1 21 GLU n 
1 22 LEU n 
1 23 LEU n 
1 24 GLU n 
1 25 GLU n 
1 26 LEU n 
1 27 LYS n 
1 28 ASN n 
1 29 GLU n 
1 30 ALA n 
1 31 VAL n 
1 32 ARG n 
1 33 HIS n 
1 34 PHE n 
1 35 PRO n 
1 36 ARG n 
1 37 ILE n 
1 38 TRP n 
1 39 LEU n 
1 40 HIS n 
1 41 SER n 
1 42 LEU n 
1 43 GLY n 
1 44 GLN n 
1 45 HIS n 
1 46 ILE n 
1 47 TYR n 
1 48 GLU n 
1 49 THR n 
1 50 TYR n 
1 51 GLY n 
1 52 ASP n 
1 53 THR n 
1 54 TRP n 
1 55 THR n 
1 56 GLY n 
1 57 VAL n 
1 58 GLU n 
1 59 ALA n 
1 60 LEU n 
1 61 ILE n 
1 62 ARG n 
1 63 ILE n 
1 64 LEU n 
1 65 GLN n 
1 66 GLN n 
1 67 LEU n 
1 68 LEU n 
1 69 PHE n 
1 70 ILE n 
1 71 HIS n 
1 72 PHE n 
1 73 ARG n 
1 74 ILE n 
1 75 GLY n 
1 76 CYS n 
1 77 ARG n 
1 78 HIS n 
1 79 SER n 
1 80 ARG n 
1 81 ILE n 
1 82 GLY n 
1 83 ILE n 
1 84 ILE n 
1 85 GLN n 
1 86 GLN n 
1 87 ARG n 
1 88 ARG n 
1 89 THR n 
1 90 ARG n 
1 91 ASN n 
1 92 GLY n 
1 93 ALA n 
1 94 SER n 
1 95 LYS n 
1 96 SER n 
# 
_pdbx_entity_src_syn.entity_id              1 
_pdbx_entity_src_syn.pdbx_src_id            1 
_pdbx_entity_src_syn.pdbx_alt_source_flag   sample 
_pdbx_entity_src_syn.pdbx_beg_seq_num       ? 
_pdbx_entity_src_syn.pdbx_end_seq_num       ? 
_pdbx_entity_src_syn.organism_scientific    ? 
_pdbx_entity_src_syn.organism_common_name   ? 
_pdbx_entity_src_syn.ncbi_taxonomy_id       ? 
_pdbx_entity_src_syn.details                
'The peptide was chemically synthesized. The sequence is naturally found in human immunodeficiency virus type 1 (HIV-1).' 
# 
loop_
_chem_comp.id 
_chem_comp.type 
_chem_comp.mon_nstd_flag 
_chem_comp.name 
_chem_comp.pdbx_synonyms 
_chem_comp.formula 
_chem_comp.formula_weight 
ALA 'L-peptide linking' y ALANINE         ? 'C3 H7 N O2'     89.093  
ARG 'L-peptide linking' y ARGININE        ? 'C6 H15 N4 O2 1' 175.209 
ASN 'L-peptide linking' y ASPARAGINE      ? 'C4 H8 N2 O3'    132.118 
ASP 'L-peptide linking' y 'ASPARTIC ACID' ? 'C4 H7 N O4'     133.103 
CYS 'L-peptide linking' y CYSTEINE        ? 'C3 H7 N O2 S'   121.158 
GLN 'L-peptide linking' y GLUTAMINE       ? 'C5 H10 N2 O3'   146.144 
GLU 'L-peptide linking' y 'GLUTAMIC ACID' ? 'C5 H9 N O4'     147.129 
GLY 'peptide linking'   y GLYCINE         ? 'C2 H5 N O2'     75.067  
HIS 'L-peptide linking' y HISTIDINE       ? 'C6 H10 N3 O2 1' 156.162 
ILE 'L-peptide linking' y ISOLEUCINE      ? 'C6 H13 N O2'    131.173 
LEU 'L-peptide linking' y LEUCINE         ? 'C6 H13 N O2'    131.173 
LYS 'L-peptide linking' y LYSINE          ? 'C6 H15 N2 O2 1' 147.195 
MET 'L-peptide linking' y METHIONINE      ? 'C5 H11 N O2 S'  149.211 
PHE 'L-peptide linking' y PHENYLALANINE   ? 'C9 H11 N O2'    165.189 
PRO 'L-peptide linking' y PROLINE         ? 'C5 H9 N O2'     115.130 
SER 'L-peptide linking' y SERINE          ? 'C3 H7 N O3'     105.093 
THR 'L-peptide linking' y THREONINE       ? 'C4 H9 N O3'     119.119 
TRP 'L-peptide linking' y TRYPTOPHAN      ? 'C11 H12 N2 O2'  204.225 
TYR 'L-peptide linking' y TYROSINE        ? 'C9 H11 N O3'    181.189 
VAL 'L-peptide linking' y VALINE          ? 'C5 H11 N O2'    117.146 
# 
loop_
_pdbx_poly_seq_scheme.asym_id 
_pdbx_poly_seq_scheme.entity_id 
_pdbx_poly_seq_scheme.seq_id 
_pdbx_poly_seq_scheme.mon_id 
_pdbx_poly_seq_scheme.ndb_seq_num 
_pdbx_poly_seq_scheme.pdb_seq_num 
_pdbx_poly_seq_scheme.auth_seq_num 
_pdbx_poly_seq_scheme.pdb_mon_id 
_pdbx_poly_seq_scheme.auth_mon_id 
_pdbx_poly_seq_scheme.pdb_strand_id 
_pdbx_poly_seq_scheme.pdb_ins_code 
_pdbx_poly_seq_scheme.hetero 
A 1 1  MET 1  1  1  MET MET A . n 
A 1 2  GLU 2  2  2  GLU GLU A . n 
A 1 3  GLN 3  3  3  GLN GLN A . n 
A 1 4  ALA 4  4  4  ALA ALA A . n 
A 1 5  PRO 5  5  5  PRO PRO A . n 
A 1 6  GLU 6  6  6  GLU GLU A . n 
A 1 7  ASP 7  7  7  ASP ASP A . n 
A 1 8  GLN 8  8  8  GLN GLN A . n 
A 1 9  GLY 9  9  9  GLY GLY A . n 
A 1 10 PRO 10 10 10 PRO PRO A . n 
A 1 11 GLN 11 11 11 GLN GLN A . n 
A 1 12 ARG 12 12 12 ARG ARG A . n 
A 1 13 GLU 13 13 13 GLU GLU A . n 
A 1 14 PRO 14 14 14 PRO PRO A . n 
A 1 15 TYR 15 15 15 TYR TYR A . n 
A 1 16 ASN 16 16 16 ASN ASN A . n 
A 1 17 ASP 17 17 17 ASP ASP A . n 
A 1 18 TRP 18 18 18 TRP TRP A . n 
A 1 19 THR 19 19 19 THR THR A . n 
A 1 20 LEU 20 20 20 LEU LEU A . n 
A 1 21 GLU 21 21 21 GLU GLU A . n 
A 1 22 LEU 22 22 22 LEU LEU A . n 
A 1 23 LEU 23 23 23 LEU LEU A . n 
A 1 24 GLU 24 24 24 GLU GLU A . n 
A 1 25 GLU 25 25 25 GLU GLU A . n 
A 1 26 LEU 26 26 26 LEU LEU A . n 
A 1 27 LYS 27 27 27 LYS LYS A . n 
A 1 28 ASN 28 28 28 ASN ASN A . n 
A 1 29 GLU 29 29 29 GLU GLU A . n 
A 1 30 ALA 30 30 30 ALA ALA A . n 
A 1 31 VAL 31 31 31 VAL VAL A . n 
A 1 32 ARG 32 32 32 ARG ARG A . n 
A 1 33 HIS 33 33 33 HIS HIS A . n 
A 1 34 PHE 34 34 34 PHE PHE A . n 
A 1 35 PRO 35 35 35 PRO PRO A . n 
A 1 36 ARG 36 36 36 ARG ARG A . n 
A 1 37 ILE 37 37 37 ILE ILE A . n 
A 1 38 TRP 38 38 38 TRP TRP A . n 
A 1 39 LEU 39 39 39 LEU LEU A . n 
A 1 40 HIS 40 40 40 HIS HIS A . n 
A 1 41 SER 41 41 41 SER SER A . n 
A 1 42 LEU 42 42 42 LEU LEU A . n 
A 1 43 GLY 43 43 43 GLY GLY A . n 
A 1 44 GLN 44 44 44 GLN GLN A . n 
A 1 45 HIS 45 45 45 HIS HIS A . n 
A 1 46 ILE 46 46 46 ILE ILE A . n 
A 1 47 TYR 47 47 47 TYR TYR A . n 
A 1 48 GLU 48 48 48 GLU GLU A . n 
A 1 49 THR 49 49 49 THR THR A . n 
A 1 50 TYR 50 50 50 TYR TYR A . n 
A 1 51 GLY 51 51 51 GLY GLY A . n 
A 1 52 ASP 52 52 52 ASP ASP A . n 
A 1 53 THR 53 53 53 THR THR A . n 
A 1 54 TRP 54 54 54 TRP TRP A . n 
A 1 55 THR 55 55 55 THR THR A . n 
A 1 56 GLY 56 56 56 GLY GLY A . n 
A 1 57 VAL 57 57 57 VAL VAL A . n 
A 1 58 GLU 58 58 58 GLU GLU A . n 
A 1 59 ALA 59 59 59 ALA ALA A . n 
A 1 60 LEU 60 60 60 LEU LEU A . n 
A 1 61 ILE 61 61 61 ILE ILE A . n 
A 1 62 ARG 62 62 62 ARG ARG A . n 
A 1 63 ILE 63 63 63 ILE ILE A . n 
A 1 64 LEU 64 64 64 LEU LEU A . n 
A 1 65 GLN 65 65 65 GLN GLN A . n 
A 1 66 GLN 66 66 66 GLN GLN A . n 
A 1 67 LEU 67 67 67 LEU LEU A . n 
A 1 68 LEU 68 68 68 LEU LEU A . n 
A 1 69 PHE 69 69 69 PHE PHE A . n 
A 1 70 ILE 70 70 70 ILE ILE A . n 
A 1 71 HIS 71 71 71 HIS HIS A . n 
A 1 72 PHE 72 72 72 PHE PHE A . n 
A 1 73 ARG 73 73 73 ARG ARG A . n 
A 1 74 ILE 74 74 74 ILE ILE A . n 
A 1 75 GLY 75 75 75 GLY GLY A . n 
A 1 76 CYS 76 76 76 CYS CYS A . n 
A 1 77 ARG 77 77 77 ARG ARG A . n 
A 1 78 HIS 78 78 78 HIS HIS A . n 
A 1 79 SER 79 79 79 SER SER A . n 
A 1 80 ARG 80 80 80 ARG ARG A . n 
A 1 81 ILE 81 81 81 ILE ILE A . n 
A 1 82 GLY 82 82 82 GLY GLY A . n 
A 1 83 ILE 83 83 83 ILE ILE A . n 
A 1 84 ILE 84 84 84 ILE ILE A . n 
A 1 85 GLN 85 85 85 GLN GLN A . n 
A 1 86 GLN 86 86 86 GLN GLN A . n 
A 1 87 ARG 87 87 87 ARG ARG A . n 
A 1 88 ARG 88 88 88 ARG ARG A . n 
A 1 89 THR 89 89 89 THR THR A . n 
A 1 90 ARG 90 90 90 ARG ARG A . n 
A 1 91 ASN 91 91 91 ASN ASN A . n 
A 1 92 GLY 92 92 92 GLY GLY A . n 
A 1 93 ALA 93 93 93 ALA ALA A . n 
A 1 94 SER 94 94 94 SER SER A . n 
A 1 95 LYS 95 95 95 LYS LYS A . n 
A 1 96 SER 96 96 96 SER SER A . n 
# 
_exptl.entry_id          1M8L 
_exptl.method            'SOLUTION NMR' 
_exptl.crystals_number   ? 
# 
_exptl_crystal.id                    1 
_exptl_crystal.density_meas          ? 
_exptl_crystal.density_Matthews      ? 
_exptl_crystal.density_percent_sol   ? 
_exptl_crystal.description           ? 
# 
_diffrn.id                     1 
_diffrn.crystal_id             1 
_diffrn.ambient_temp           ? 
_diffrn.ambient_temp_details   ? 
# 
_diffrn_radiation.diffrn_id                        1 
_diffrn_radiation.wavelength_id                    1 
_diffrn_radiation.pdbx_monochromatic_or_laue_m_l   M 
_diffrn_radiation.monochromator                    ? 
_diffrn_radiation.pdbx_diffrn_protocol             'SINGLE WAVELENGTH' 
_diffrn_radiation.pdbx_scattering_type             ? 
# 
_diffrn_radiation_wavelength.id           1 
_diffrn_radiation_wavelength.wavelength   . 
_diffrn_radiation_wavelength.wt           1.0 
# 
_struct.entry_id                  1M8L 
_struct.title                     'NMR structure of the HIV-1 Regulatory Protein Vpr' 
_struct.pdbx_model_details        ? 
_struct.pdbx_CASP_flag            ? 
_struct.pdbx_model_type_details   ? 
# 
_struct_keywords.entry_id        1M8L 
_struct_keywords.pdbx_keywords   'VIRAL PROTEIN' 
_struct_keywords.text            'Vpr, CD3CN, HIV-1, Viral protein' 
# 
_struct_asym.id                            A 
_struct_asym.pdbx_blank_PDB_chainid_flag   N 
_struct_asym.pdbx_modified                 N 
_struct_asym.entity_id                     1 
_struct_asym.details                       ? 
# 
_struct_ref.id                         1 
_struct_ref.db_name                    UNP 
_struct_ref.db_code                    Q73369_9HIV1 
_struct_ref.entity_id                  1 
_struct_ref.pdbx_seq_one_letter_code   
;MEQAPEDQGPQREPYNDWTLELLEELKNEAVRHFPRIWLHSLGQHIYETYGDTWTGVEALIRILQQLLFIHFRIGCRHSR
IGIIQQRRTRNGASKS
;
_struct_ref.pdbx_align_begin           1 
_struct_ref.pdbx_db_accession          Q73369 
_struct_ref.pdbx_db_isoform            ? 
# 
_struct_ref_seq.align_id                      1 
_struct_ref_seq.ref_id                        1 
_struct_ref_seq.pdbx_PDB_id_code              1M8L 
_struct_ref_seq.pdbx_strand_id                A 
_struct_ref_seq.seq_align_beg                 1 
_struct_ref_seq.pdbx_seq_align_beg_ins_code   ? 
_struct_ref_seq.seq_align_end                 96 
_struct_ref_seq.pdbx_seq_align_end_ins_code   ? 
_struct_ref_seq.pdbx_db_accession             Q73369 
_struct_ref_seq.db_align_beg                  1 
_struct_ref_seq.pdbx_db_align_beg_ins_code    ? 
_struct_ref_seq.db_align_end                  96 
_struct_ref_seq.pdbx_db_align_end_ins_code    ? 
_struct_ref_seq.pdbx_auth_seq_align_beg       1 
_struct_ref_seq.pdbx_auth_seq_align_end       96 
# 
_pdbx_struct_assembly.id                   1 
_pdbx_struct_assembly.details              author_defined_assembly 
_pdbx_struct_assembly.method_details       ? 
_pdbx_struct_assembly.oligomeric_details   monomeric 
_pdbx_struct_assembly.oligomeric_count     1 
# 
_pdbx_struct_assembly_gen.assembly_id       1 
_pdbx_struct_assembly_gen.oper_expression   1 
_pdbx_struct_assembly_gen.asym_id_list      A 
# 
_pdbx_struct_oper_list.id                   1 
_pdbx_struct_oper_list.type                 'identity operation' 
_pdbx_struct_oper_list.name                 1_555 
_pdbx_struct_oper_list.symmetry_operation   x,y,z 
_pdbx_struct_oper_list.matrix[1][1]         1.0000000000 
_pdbx_struct_oper_list.matrix[1][2]         0.0000000000 
_pdbx_struct_oper_list.matrix[1][3]         0.0000000000 
_pdbx_struct_oper_list.vector[1]            0.0000000000 
_pdbx_struct_oper_list.matrix[2][1]         0.0000000000 
_pdbx_struct_oper_list.matrix[2][2]         1.0000000000 
_pdbx_struct_oper_list.matrix[2][3]         0.0000000000 
_pdbx_struct_oper_list.vector[2]            0.0000000000 
_pdbx_struct_oper_list.matrix[3][1]         0.0000000000 
_pdbx_struct_oper_list.matrix[3][2]         0.0000000000 
_pdbx_struct_oper_list.matrix[3][3]         1.0000000000 
_pdbx_struct_oper_list.vector[3]            0.0000000000 
# 
_struct_biol.id   1 
# 
loop_
_struct_conf.conf_type_id 
_struct_conf.id 
_struct_conf.pdbx_PDB_helix_id 
_struct_conf.beg_label_comp_id 
_struct_conf.beg_label_asym_id 
_struct_conf.beg_label_seq_id 
_struct_conf.pdbx_beg_PDB_ins_code 
_struct_conf.end_label_comp_id 
_struct_conf.end_label_asym_id 
_struct_conf.end_label_seq_id 
_struct_conf.pdbx_end_PDB_ins_code 
_struct_conf.beg_auth_comp_id 
_struct_conf.beg_auth_asym_id 
_struct_conf.beg_auth_seq_id 
_struct_conf.end_auth_comp_id 
_struct_conf.end_auth_asym_id 
_struct_conf.end_auth_seq_id 
_struct_conf.pdbx_PDB_helix_class 
_struct_conf.details 
_struct_conf.pdbx_PDB_helix_length 
HELX_P HELX_P1 1 ASP A 17 ? PHE A 34 ? ASP A 17 PHE A 34 1 ? 18 
HELX_P HELX_P2 2 ILE A 37 ? TYR A 50 ? ILE A 37 TYR A 50 1 ? 14 
HELX_P HELX_P3 3 THR A 53 ? HIS A 78 ? THR A 53 HIS A 78 1 ? 26 
# 
_struct_conf_type.id          HELX_P 
_struct_conf_type.criteria    ? 
_struct_conf_type.reference   ? 
# 
loop_
_pdbx_validate_rmsd_bond.id 
_pdbx_validate_rmsd_bond.PDB_model_num 
_pdbx_validate_rmsd_bond.auth_atom_id_1 
_pdbx_validate_rmsd_bond.auth_asym_id_1 
_pdbx_validate_rmsd_bond.auth_comp_id_1 
_pdbx_validate_rmsd_bond.auth_seq_id_1 
_pdbx_validate_rmsd_bond.PDB_ins_code_1 
_pdbx_validate_rmsd_bond.label_alt_id_1 
_pdbx_validate_rmsd_bond.auth_atom_id_2 
_pdbx_validate_rmsd_bond.auth_asym_id_2 
_pdbx_validate_rmsd_bond.auth_comp_id_2 
_pdbx_validate_rmsd_bond.auth_seq_id_2 
_pdbx_validate_rmsd_bond.PDB_ins_code_2 
_pdbx_validate_rmsd_bond.label_alt_id_2 
_pdbx_validate_rmsd_bond.bond_value 
_pdbx_validate_rmsd_bond.bond_target_value 
_pdbx_validate_rmsd_bond.bond_deviation 
_pdbx_validate_rmsd_bond.bond_standard_deviation 
_pdbx_validate_rmsd_bond.linker_flag 
1 1 CD A GLU 2  ? ? OE2 A GLU 2  ? ? 1.363 1.252 0.111 0.011 N 
2 1 CD A GLU 6  ? ? OE2 A GLU 6  ? ? 1.364 1.252 0.112 0.011 N 
3 1 CD A GLU 13 ? ? OE2 A GLU 13 ? ? 1.363 1.252 0.111 0.011 N 
4 1 CD A GLU 21 ? ? OE2 A GLU 21 ? ? 1.366 1.252 0.114 0.011 N 
5 1 CD A GLU 24 ? ? OE2 A GLU 24 ? ? 1.364 1.252 0.112 0.011 N 
6 1 CD A GLU 25 ? ? OE2 A GLU 25 ? ? 1.363 1.252 0.111 0.011 N 
7 1 CD A GLU 29 ? ? OE2 A GLU 29 ? ? 1.364 1.252 0.112 0.011 N 
8 1 CD A GLU 48 ? ? OE2 A GLU 48 ? ? 1.365 1.252 0.113 0.011 N 
9 1 CD A GLU 58 ? ? OE2 A GLU 58 ? ? 1.364 1.252 0.112 0.011 N 
# 
loop_
_pdbx_validate_torsion.id 
_pdbx_validate_torsion.PDB_model_num 
_pdbx_validate_torsion.auth_comp_id 
_pdbx_validate_torsion.auth_asym_id 
_pdbx_validate_torsion.auth_seq_id 
_pdbx_validate_torsion.PDB_ins_code 
_pdbx_validate_torsion.label_alt_id 
_pdbx_validate_torsion.phi 
_pdbx_validate_torsion.psi 
1 1 GLN A 8  ? ? -67.19  95.82  
2 1 GLU A 13 ? ? 45.21   85.27  
3 1 ASP A 17 ? ? -167.83 -61.71 
4 1 ILE A 37 ? ? 78.21   -22.06 
5 1 ARG A 77 ? ? -69.73  -71.75 
6 1 THR A 89 ? ? -77.67  -75.66 
7 1 ALA A 93 ? ? 59.30   -80.74 
# 
_pdbx_validate_planes.id              1 
_pdbx_validate_planes.PDB_model_num   1 
_pdbx_validate_planes.auth_comp_id    PHE 
_pdbx_validate_planes.auth_asym_id    A 
_pdbx_validate_planes.auth_seq_id     34 
_pdbx_validate_planes.PDB_ins_code    ? 
_pdbx_validate_planes.label_alt_id    ? 
_pdbx_validate_planes.rmsd            0.099 
_pdbx_validate_planes.type            'SIDE CHAIN' 
# 
_pdbx_nmr_ensemble.entry_id                                      1M8L 
_pdbx_nmr_ensemble.conformers_calculated_total_number            100 
_pdbx_nmr_ensemble.conformers_submitted_total_number             1 
_pdbx_nmr_ensemble.conformer_selection_criteria                  'structures with the lowest energy' 
_pdbx_nmr_ensemble.average_constraints_per_residue               ? 
_pdbx_nmr_ensemble.average_constraint_violations_per_residue     ? 
_pdbx_nmr_ensemble.maximum_distance_constraint_violation         ? 
_pdbx_nmr_ensemble.average_distance_constraint_violation         ? 
_pdbx_nmr_ensemble.maximum_upper_distance_constraint_violation   ? 
_pdbx_nmr_ensemble.maximum_lower_distance_constraint_violation   ? 
_pdbx_nmr_ensemble.distance_constraint_violation_method          ? 
_pdbx_nmr_ensemble.maximum_torsion_angle_constraint_violation    ? 
_pdbx_nmr_ensemble.average_torsion_angle_constraint_violation    ? 
_pdbx_nmr_ensemble.torsion_angle_constraint_violation_method     ? 
# 
_pdbx_nmr_representative.entry_id             1M8L 
_pdbx_nmr_representative.conformer_id         1 
_pdbx_nmr_representative.selection_criteria   'lowest energy' 
# 
_pdbx_nmr_sample_details.solution_id      1 
_pdbx_nmr_sample_details.contents         '1 mM Vpr 70% H2O, 30% CD3CN pH 2.6' 
_pdbx_nmr_sample_details.solvent_system   '70% H2O, 30% CD3CN' 
# 
_pdbx_nmr_exptl_sample_conditions.conditions_id       1 
_pdbx_nmr_exptl_sample_conditions.temperature         303 
_pdbx_nmr_exptl_sample_conditions.pressure            ambient 
_pdbx_nmr_exptl_sample_conditions.pH                  2.6 
_pdbx_nmr_exptl_sample_conditions.ionic_strength      ? 
_pdbx_nmr_exptl_sample_conditions.pressure_units      ? 
_pdbx_nmr_exptl_sample_conditions.temperature_units   K 
# 
loop_
_pdbx_nmr_exptl.experiment_id 
_pdbx_nmr_exptl.solution_id 
_pdbx_nmr_exptl.conditions_id 
_pdbx_nmr_exptl.type 
1 1 1 '2D NOESY'      
2 1 1 '2D TOCSY'      
3 1 1 HSQC-NOESY      
4 1 1 HSQC-TOCSY      
5 1 1 '3D HSQC-NOESY' 
6 1 1 '3D HSQC-TOCSY' 
# 
_pdbx_nmr_details.entry_id   1M8L 
_pdbx_nmr_details.text       'This structure was determined using standard 2D and 3D homonuclear and heteronuclear techniques' 
# 
_pdbx_nmr_refine.entry_id           1M8L 
_pdbx_nmr_refine.method             'simulated annealing' 
_pdbx_nmr_refine.details            'the structures are based on a total 1115 restraints' 
_pdbx_nmr_refine.software_ordinal   1 
# 
loop_
_pdbx_nmr_software.name 
_pdbx_nmr_software.version 
_pdbx_nmr_software.classification 
_pdbx_nmr_software.authors 
_pdbx_nmr_software.ordinal 
UXNMR    3.0  collection      Bruker 1 
UXNMR    3.0  'data analysis' Bruker 2 
Discover 98.0 refinement      msi    3 
# 
loop_
_chem_comp_atom.comp_id 
_chem_comp_atom.atom_id 
_chem_comp_atom.type_symbol 
_chem_comp_atom.pdbx_aromatic_flag 
_chem_comp_atom.pdbx_stereo_config 
_chem_comp_atom.pdbx_ordinal 
ALA N    N N N 1   
ALA CA   C N S 2   
ALA C    C N N 3   
ALA O    O N N 4   
ALA CB   C N N 5   
ALA OXT  O N N 6   
ALA H    H N N 7   
ALA H2   H N N 8   
ALA HA   H N N 9   
ALA HB1  H N N 10  
ALA HB2  H N N 11  
ALA HB3  H N N 12  
ALA HXT  H N N 13  
ARG N    N N N 14  
ARG CA   C N S 15  
ARG C    C N N 16  
ARG O    O N N 17  
ARG CB   C N N 18  
ARG CG   C N N 19  
ARG CD   C N N 20  
ARG NE   N N N 21  
ARG CZ   C N N 22  
ARG NH1  N N N 23  
ARG NH2  N N N 24  
ARG OXT  O N N 25  
ARG H    H N N 26  
ARG H2   H N N 27  
ARG HA   H N N 28  
ARG HB2  H N N 29  
ARG HB3  H N N 30  
ARG HG2  H N N 31  
ARG HG3  H N N 32  
ARG HD2  H N N 33  
ARG HD3  H N N 34  
ARG HE   H N N 35  
ARG HH11 H N N 36  
ARG HH12 H N N 37  
ARG HH21 H N N 38  
ARG HH22 H N N 39  
ARG HXT  H N N 40  
ASN N    N N N 41  
ASN CA   C N S 42  
ASN C    C N N 43  
ASN O    O N N 44  
ASN CB   C N N 45  
ASN CG   C N N 46  
ASN OD1  O N N 47  
ASN ND2  N N N 48  
ASN OXT  O N N 49  
ASN H    H N N 50  
ASN H2   H N N 51  
ASN HA   H N N 52  
ASN HB2  H N N 53  
ASN HB3  H N N 54  
ASN HD21 H N N 55  
ASN HD22 H N N 56  
ASN HXT  H N N 57  
ASP N    N N N 58  
ASP CA   C N S 59  
ASP C    C N N 60  
ASP O    O N N 61  
ASP CB   C N N 62  
ASP CG   C N N 63  
ASP OD1  O N N 64  
ASP OD2  O N N 65  
ASP OXT  O N N 66  
ASP H    H N N 67  
ASP H2   H N N 68  
ASP HA   H N N 69  
ASP HB2  H N N 70  
ASP HB3  H N N 71  
ASP HD2  H N N 72  
ASP HXT  H N N 73  
CYS N    N N N 74  
CYS CA   C N R 75  
CYS C    C N N 76  
CYS O    O N N 77  
CYS CB   C N N 78  
CYS SG   S N N 79  
CYS OXT  O N N 80  
CYS H    H N N 81  
CYS H2   H N N 82  
CYS HA   H N N 83  
CYS HB2  H N N 84  
CYS HB3  H N N 85  
CYS HG   H N N 86  
CYS HXT  H N N 87  
GLN N    N N N 88  
GLN CA   C N S 89  
GLN C    C N N 90  
GLN O    O N N 91  
GLN CB   C N N 92  
GLN CG   C N N 93  
GLN CD   C N N 94  
GLN OE1  O N N 95  
GLN NE2  N N N 96  
GLN OXT  O N N 97  
GLN H    H N N 98  
GLN H2   H N N 99  
GLN HA   H N N 100 
GLN HB2  H N N 101 
GLN HB3  H N N 102 
GLN HG2  H N N 103 
GLN HG3  H N N 104 
GLN HE21 H N N 105 
GLN HE22 H N N 106 
GLN HXT  H N N 107 
GLU N    N N N 108 
GLU CA   C N S 109 
GLU C    C N N 110 
GLU O    O N N 111 
GLU CB   C N N 112 
GLU CG   C N N 113 
GLU CD   C N N 114 
GLU OE1  O N N 115 
GLU OE2  O N N 116 
GLU OXT  O N N 117 
GLU H    H N N 118 
GLU H2   H N N 119 
GLU HA   H N N 120 
GLU HB2  H N N 121 
GLU HB3  H N N 122 
GLU HG2  H N N 123 
GLU HG3  H N N 124 
GLU HE2  H N N 125 
GLU HXT  H N N 126 
GLY N    N N N 127 
GLY CA   C N N 128 
GLY C    C N N 129 
GLY O    O N N 130 
GLY OXT  O N N 131 
GLY H    H N N 132 
GLY H2   H N N 133 
GLY HA2  H N N 134 
GLY HA3  H N N 135 
GLY HXT  H N N 136 
HIS N    N N N 137 
HIS CA   C N S 138 
HIS C    C N N 139 
HIS O    O N N 140 
HIS CB   C N N 141 
HIS CG   C Y N 142 
HIS ND1  N Y N 143 
HIS CD2  C Y N 144 
HIS CE1  C Y N 145 
HIS NE2  N Y N 146 
HIS OXT  O N N 147 
HIS H    H N N 148 
HIS H2   H N N 149 
HIS HA   H N N 150 
HIS HB2  H N N 151 
HIS HB3  H N N 152 
HIS HD1  H N N 153 
HIS HD2  H N N 154 
HIS HE1  H N N 155 
HIS HE2  H N N 156 
HIS HXT  H N N 157 
ILE N    N N N 158 
ILE CA   C N S 159 
ILE C    C N N 160 
ILE O    O N N 161 
ILE CB   C N S 162 
ILE CG1  C N N 163 
ILE CG2  C N N 164 
ILE CD1  C N N 165 
ILE OXT  O N N 166 
ILE H    H N N 167 
ILE H2   H N N 168 
ILE HA   H N N 169 
ILE HB   H N N 170 
ILE HG12 H N N 171 
ILE HG13 H N N 172 
ILE HG21 H N N 173 
ILE HG22 H N N 174 
ILE HG23 H N N 175 
ILE HD11 H N N 176 
ILE HD12 H N N 177 
ILE HD13 H N N 178 
ILE HXT  H N N 179 
LEU N    N N N 180 
LEU CA   C N S 181 
LEU C    C N N 182 
LEU O    O N N 183 
LEU CB   C N N 184 
LEU CG   C N N 185 
LEU CD1  C N N 186 
LEU CD2  C N N 187 
LEU OXT  O N N 188 
LEU H    H N N 189 
LEU H2   H N N 190 
LEU HA   H N N 191 
LEU HB2  H N N 192 
LEU HB3  H N N 193 
LEU HG   H N N 194 
LEU HD11 H N N 195 
LEU HD12 H N N 196 
LEU HD13 H N N 197 
LEU HD21 H N N 198 
LEU HD22 H N N 199 
LEU HD23 H N N 200 
LEU HXT  H N N 201 
LYS N    N N N 202 
LYS CA   C N S 203 
LYS C    C N N 204 
LYS O    O N N 205 
LYS CB   C N N 206 
LYS CG   C N N 207 
LYS CD   C N N 208 
LYS CE   C N N 209 
LYS NZ   N N N 210 
LYS OXT  O N N 211 
LYS H    H N N 212 
LYS H2   H N N 213 
LYS HA   H N N 214 
LYS HB2  H N N 215 
LYS HB3  H N N 216 
LYS HG2  H N N 217 
LYS HG3  H N N 218 
LYS HD2  H N N 219 
LYS HD3  H N N 220 
LYS HE2  H N N 221 
LYS HE3  H N N 222 
LYS HZ1  H N N 223 
LYS HZ2  H N N 224 
LYS HZ3  H N N 225 
LYS HXT  H N N 226 
MET N    N N N 227 
MET CA   C N S 228 
MET C    C N N 229 
MET O    O N N 230 
MET CB   C N N 231 
MET CG   C N N 232 
MET SD   S N N 233 
MET CE   C N N 234 
MET OXT  O N N 235 
MET H    H N N 236 
MET H2   H N N 237 
MET HA   H N N 238 
MET HB2  H N N 239 
MET HB3  H N N 240 
MET HG2  H N N 241 
MET HG3  H N N 242 
MET HE1  H N N 243 
MET HE2  H N N 244 
MET HE3  H N N 245 
MET HXT  H N N 246 
PHE N    N N N 247 
PHE CA   C N S 248 
PHE C    C N N 249 
PHE O    O N N 250 
PHE CB   C N N 251 
PHE CG   C Y N 252 
PHE CD1  C Y N 253 
PHE CD2  C Y N 254 
PHE CE1  C Y N 255 
PHE CE2  C Y N 256 
PHE CZ   C Y N 257 
PHE OXT  O N N 258 
PHE H    H N N 259 
PHE H2   H N N 260 
PHE HA   H N N 261 
PHE HB2  H N N 262 
PHE HB3  H N N 263 
PHE HD1  H N N 264 
PHE HD2  H N N 265 
PHE HE1  H N N 266 
PHE HE2  H N N 267 
PHE HZ   H N N 268 
PHE HXT  H N N 269 
PRO N    N N N 270 
PRO CA   C N S 271 
PRO C    C N N 272 
PRO O    O N N 273 
PRO CB   C N N 274 
PRO CG   C N N 275 
PRO CD   C N N 276 
PRO OXT  O N N 277 
PRO H    H N N 278 
PRO HA   H N N 279 
PRO HB2  H N N 280 
PRO HB3  H N N 281 
PRO HG2  H N N 282 
PRO HG3  H N N 283 
PRO HD2  H N N 284 
PRO HD3  H N N 285 
PRO HXT  H N N 286 
SER N    N N N 287 
SER CA   C N S 288 
SER C    C N N 289 
SER O    O N N 290 
SER CB   C N N 291 
SER OG   O N N 292 
SER OXT  O N N 293 
SER H    H N N 294 
SER H2   H N N 295 
SER HA   H N N 296 
SER HB2  H N N 297 
SER HB3  H N N 298 
SER HG   H N N 299 
SER HXT  H N N 300 
THR N    N N N 301 
THR CA   C N S 302 
THR C    C N N 303 
THR O    O N N 304 
THR CB   C N R 305 
THR OG1  O N N 306 
THR CG2  C N N 307 
THR OXT  O N N 308 
THR H    H N N 309 
THR H2   H N N 310 
THR HA   H N N 311 
THR HB   H N N 312 
THR HG1  H N N 313 
THR HG21 H N N 314 
THR HG22 H N N 315 
THR HG23 H N N 316 
THR HXT  H N N 317 
TRP N    N N N 318 
TRP CA   C N S 319 
TRP C    C N N 320 
TRP O    O N N 321 
TRP CB   C N N 322 
TRP CG   C Y N 323 
TRP CD1  C Y N 324 
TRP CD2  C Y N 325 
TRP NE1  N Y N 326 
TRP CE2  C Y N 327 
TRP CE3  C Y N 328 
TRP CZ2  C Y N 329 
TRP CZ3  C Y N 330 
TRP CH2  C Y N 331 
TRP OXT  O N N 332 
TRP H    H N N 333 
TRP H2   H N N 334 
TRP HA   H N N 335 
TRP HB2  H N N 336 
TRP HB3  H N N 337 
TRP HD1  H N N 338 
TRP HE1  H N N 339 
TRP HE3  H N N 340 
TRP HZ2  H N N 341 
TRP HZ3  H N N 342 
TRP HH2  H N N 343 
TRP HXT  H N N 344 
TYR N    N N N 345 
TYR CA   C N S 346 
TYR C    C N N 347 
TYR O    O N N 348 
TYR CB   C N N 349 
TYR CG   C Y N 350 
TYR CD1  C Y N 351 
TYR CD2  C Y N 352 
TYR CE1  C Y N 353 
TYR CE2  C Y N 354 
TYR CZ   C Y N 355 
TYR OH   O N N 356 
TYR OXT  O N N 357 
TYR H    H N N 358 
TYR H2   H N N 359 
TYR HA   H N N 360 
TYR HB2  H N N 361 
TYR HB3  H N N 362 
TYR HD1  H N N 363 
TYR HD2  H N N 364 
TYR HE1  H N N 365 
TYR HE2  H N N 366 
TYR HH   H N N 367 
TYR HXT  H N N 368 
VAL N    N N N 369 
VAL CA   C N S 370 
VAL C    C N N 371 
VAL O    O N N 372 
VAL CB   C N N 373 
VAL CG1  C N N 374 
VAL CG2  C N N 375 
VAL OXT  O N N 376 
VAL H    H N N 377 
VAL H2   H N N 378 
VAL HA   H N N 379 
VAL HB   H N N 380 
VAL HG11 H N N 381 
VAL HG12 H N N 382 
VAL HG13 H N N 383 
VAL HG21 H N N 384 
VAL HG22 H N N 385 
VAL HG23 H N N 386 
VAL HXT  H N N 387 
# 
loop_
_chem_comp_bond.comp_id 
_chem_comp_bond.atom_id_1 
_chem_comp_bond.atom_id_2 
_chem_comp_bond.value_order 
_chem_comp_bond.pdbx_aromatic_flag 
_chem_comp_bond.pdbx_stereo_config 
_chem_comp_bond.pdbx_ordinal 
ALA N   CA   sing N N 1   
ALA N   H    sing N N 2   
ALA N   H2   sing N N 3   
ALA CA  C    sing N N 4   
ALA CA  CB   sing N N 5   
ALA CA  HA   sing N N 6   
ALA C   O    doub N N 7   
ALA C   OXT  sing N N 8   
ALA CB  HB1  sing N N 9   
ALA CB  HB2  sing N N 10  
ALA CB  HB3  sing N N 11  
ALA OXT HXT  sing N N 12  
ARG N   CA   sing N N 13  
ARG N   H    sing N N 14  
ARG N   H2   sing N N 15  
ARG CA  C    sing N N 16  
ARG CA  CB   sing N N 17  
ARG CA  HA   sing N N 18  
ARG C   O    doub N N 19  
ARG C   OXT  sing N N 20  
ARG CB  CG   sing N N 21  
ARG CB  HB2  sing N N 22  
ARG CB  HB3  sing N N 23  
ARG CG  CD   sing N N 24  
ARG CG  HG2  sing N N 25  
ARG CG  HG3  sing N N 26  
ARG CD  NE   sing N N 27  
ARG CD  HD2  sing N N 28  
ARG CD  HD3  sing N N 29  
ARG NE  CZ   sing N N 30  
ARG NE  HE   sing N N 31  
ARG CZ  NH1  sing N N 32  
ARG CZ  NH2  doub N N 33  
ARG NH1 HH11 sing N N 34  
ARG NH1 HH12 sing N N 35  
ARG NH2 HH21 sing N N 36  
ARG NH2 HH22 sing N N 37  
ARG OXT HXT  sing N N 38  
ASN N   CA   sing N N 39  
ASN N   H    sing N N 40  
ASN N   H2   sing N N 41  
ASN CA  C    sing N N 42  
ASN CA  CB   sing N N 43  
ASN CA  HA   sing N N 44  
ASN C   O    doub N N 45  
ASN C   OXT  sing N N 46  
ASN CB  CG   sing N N 47  
ASN CB  HB2  sing N N 48  
ASN CB  HB3  sing N N 49  
ASN CG  OD1  doub N N 50  
ASN CG  ND2  sing N N 51  
ASN ND2 HD21 sing N N 52  
ASN ND2 HD22 sing N N 53  
ASN OXT HXT  sing N N 54  
ASP N   CA   sing N N 55  
ASP N   H    sing N N 56  
ASP N   H2   sing N N 57  
ASP CA  C    sing N N 58  
ASP CA  CB   sing N N 59  
ASP CA  HA   sing N N 60  
ASP C   O    doub N N 61  
ASP C   OXT  sing N N 62  
ASP CB  CG   sing N N 63  
ASP CB  HB2  sing N N 64  
ASP CB  HB3  sing N N 65  
ASP CG  OD1  doub N N 66  
ASP CG  OD2  sing N N 67  
ASP OD2 HD2  sing N N 68  
ASP OXT HXT  sing N N 69  
CYS N   CA   sing N N 70  
CYS N   H    sing N N 71  
CYS N   H2   sing N N 72  
CYS CA  C    sing N N 73  
CYS CA  CB   sing N N 74  
CYS CA  HA   sing N N 75  
CYS C   O    doub N N 76  
CYS C   OXT  sing N N 77  
CYS CB  SG   sing N N 78  
CYS CB  HB2  sing N N 79  
CYS CB  HB3  sing N N 80  
CYS SG  HG   sing N N 81  
CYS OXT HXT  sing N N 82  
GLN N   CA   sing N N 83  
GLN N   H    sing N N 84  
GLN N   H2   sing N N 85  
GLN CA  C    sing N N 86  
GLN CA  CB   sing N N 87  
GLN CA  HA   sing N N 88  
GLN C   O    doub N N 89  
GLN C   OXT  sing N N 90  
GLN CB  CG   sing N N 91  
GLN CB  HB2  sing N N 92  
GLN CB  HB3  sing N N 93  
GLN CG  CD   sing N N 94  
GLN CG  HG2  sing N N 95  
GLN CG  HG3  sing N N 96  
GLN CD  OE1  doub N N 97  
GLN CD  NE2  sing N N 98  
GLN NE2 HE21 sing N N 99  
GLN NE2 HE22 sing N N 100 
GLN OXT HXT  sing N N 101 
GLU N   CA   sing N N 102 
GLU N   H    sing N N 103 
GLU N   H2   sing N N 104 
GLU CA  C    sing N N 105 
GLU CA  CB   sing N N 106 
GLU CA  HA   sing N N 107 
GLU C   O    doub N N 108 
GLU C   OXT  sing N N 109 
GLU CB  CG   sing N N 110 
GLU CB  HB2  sing N N 111 
GLU CB  HB3  sing N N 112 
GLU CG  CD   sing N N 113 
GLU CG  HG2  sing N N 114 
GLU CG  HG3  sing N N 115 
GLU CD  OE1  doub N N 116 
GLU CD  OE2  sing N N 117 
GLU OE2 HE2  sing N N 118 
GLU OXT HXT  sing N N 119 
GLY N   CA   sing N N 120 
GLY N   H    sing N N 121 
GLY N   H2   sing N N 122 
GLY CA  C    sing N N 123 
GLY CA  HA2  sing N N 124 
GLY CA  HA3  sing N N 125 
GLY C   O    doub N N 126 
GLY C   OXT  sing N N 127 
GLY OXT HXT  sing N N 128 
HIS N   CA   sing N N 129 
HIS N   H    sing N N 130 
HIS N   H2   sing N N 131 
HIS CA  C    sing N N 132 
HIS CA  CB   sing N N 133 
HIS CA  HA   sing N N 134 
HIS C   O    doub N N 135 
HIS C   OXT  sing N N 136 
HIS CB  CG   sing N N 137 
HIS CB  HB2  sing N N 138 
HIS CB  HB3  sing N N 139 
HIS CG  ND1  sing Y N 140 
HIS CG  CD2  doub Y N 141 
HIS ND1 CE1  doub Y N 142 
HIS ND1 HD1  sing N N 143 
HIS CD2 NE2  sing Y N 144 
HIS CD2 HD2  sing N N 145 
HIS CE1 NE2  sing Y N 146 
HIS CE1 HE1  sing N N 147 
HIS NE2 HE2  sing N N 148 
HIS OXT HXT  sing N N 149 
ILE N   CA   sing N N 150 
ILE N   H    sing N N 151 
ILE N   H2   sing N N 152 
ILE CA  C    sing N N 153 
ILE CA  CB   sing N N 154 
ILE CA  HA   sing N N 155 
ILE C   O    doub N N 156 
ILE C   OXT  sing N N 157 
ILE CB  CG1  sing N N 158 
ILE CB  CG2  sing N N 159 
ILE CB  HB   sing N N 160 
ILE CG1 CD1  sing N N 161 
ILE CG1 HG12 sing N N 162 
ILE CG1 HG13 sing N N 163 
ILE CG2 HG21 sing N N 164 
ILE CG2 HG22 sing N N 165 
ILE CG2 HG23 sing N N 166 
ILE CD1 HD11 sing N N 167 
ILE CD1 HD12 sing N N 168 
ILE CD1 HD13 sing N N 169 
ILE OXT HXT  sing N N 170 
LEU N   CA   sing N N 171 
LEU N   H    sing N N 172 
LEU N   H2   sing N N 173 
LEU CA  C    sing N N 174 
LEU CA  CB   sing N N 175 
LEU CA  HA   sing N N 176 
LEU C   O    doub N N 177 
LEU C   OXT  sing N N 178 
LEU CB  CG   sing N N 179 
LEU CB  HB2  sing N N 180 
LEU CB  HB3  sing N N 181 
LEU CG  CD1  sing N N 182 
LEU CG  CD2  sing N N 183 
LEU CG  HG   sing N N 184 
LEU CD1 HD11 sing N N 185 
LEU CD1 HD12 sing N N 186 
LEU CD1 HD13 sing N N 187 
LEU CD2 HD21 sing N N 188 
LEU CD2 HD22 sing N N 189 
LEU CD2 HD23 sing N N 190 
LEU OXT HXT  sing N N 191 
LYS N   CA   sing N N 192 
LYS N   H    sing N N 193 
LYS N   H2   sing N N 194 
LYS CA  C    sing N N 195 
LYS CA  CB   sing N N 196 
LYS CA  HA   sing N N 197 
LYS C   O    doub N N 198 
LYS C   OXT  sing N N 199 
LYS CB  CG   sing N N 200 
LYS CB  HB2  sing N N 201 
LYS CB  HB3  sing N N 202 
LYS CG  CD   sing N N 203 
LYS CG  HG2  sing N N 204 
LYS CG  HG3  sing N N 205 
LYS CD  CE   sing N N 206 
LYS CD  HD2  sing N N 207 
LYS CD  HD3  sing N N 208 
LYS CE  NZ   sing N N 209 
LYS CE  HE2  sing N N 210 
LYS CE  HE3  sing N N 211 
LYS NZ  HZ1  sing N N 212 
LYS NZ  HZ2  sing N N 213 
LYS NZ  HZ3  sing N N 214 
LYS OXT HXT  sing N N 215 
MET N   CA   sing N N 216 
MET N   H    sing N N 217 
MET N   H2   sing N N 218 
MET CA  C    sing N N 219 
MET CA  CB   sing N N 220 
MET CA  HA   sing N N 221 
MET C   O    doub N N 222 
MET C   OXT  sing N N 223 
MET CB  CG   sing N N 224 
MET CB  HB2  sing N N 225 
MET CB  HB3  sing N N 226 
MET CG  SD   sing N N 227 
MET CG  HG2  sing N N 228 
MET CG  HG3  sing N N 229 
MET SD  CE   sing N N 230 
MET CE  HE1  sing N N 231 
MET CE  HE2  sing N N 232 
MET CE  HE3  sing N N 233 
MET OXT HXT  sing N N 234 
PHE N   CA   sing N N 235 
PHE N   H    sing N N 236 
PHE N   H2   sing N N 237 
PHE CA  C    sing N N 238 
PHE CA  CB   sing N N 239 
PHE CA  HA   sing N N 240 
PHE C   O    doub N N 241 
PHE C   OXT  sing N N 242 
PHE CB  CG   sing N N 243 
PHE CB  HB2  sing N N 244 
PHE CB  HB3  sing N N 245 
PHE CG  CD1  doub Y N 246 
PHE CG  CD2  sing Y N 247 
PHE CD1 CE1  sing Y N 248 
PHE CD1 HD1  sing N N 249 
PHE CD2 CE2  doub Y N 250 
PHE CD2 HD2  sing N N 251 
PHE CE1 CZ   doub Y N 252 
PHE CE1 HE1  sing N N 253 
PHE CE2 CZ   sing Y N 254 
PHE CE2 HE2  sing N N 255 
PHE CZ  HZ   sing N N 256 
PHE OXT HXT  sing N N 257 
PRO N   CA   sing N N 258 
PRO N   CD   sing N N 259 
PRO N   H    sing N N 260 
PRO CA  C    sing N N 261 
PRO CA  CB   sing N N 262 
PRO CA  HA   sing N N 263 
PRO C   O    doub N N 264 
PRO C   OXT  sing N N 265 
PRO CB  CG   sing N N 266 
PRO CB  HB2  sing N N 267 
PRO CB  HB3  sing N N 268 
PRO CG  CD   sing N N 269 
PRO CG  HG2  sing N N 270 
PRO CG  HG3  sing N N 271 
PRO CD  HD2  sing N N 272 
PRO CD  HD3  sing N N 273 
PRO OXT HXT  sing N N 274 
SER N   CA   sing N N 275 
SER N   H    sing N N 276 
SER N   H2   sing N N 277 
SER CA  C    sing N N 278 
SER CA  CB   sing N N 279 
SER CA  HA   sing N N 280 
SER C   O    doub N N 281 
SER C   OXT  sing N N 282 
SER CB  OG   sing N N 283 
SER CB  HB2  sing N N 284 
SER CB  HB3  sing N N 285 
SER OG  HG   sing N N 286 
SER OXT HXT  sing N N 287 
THR N   CA   sing N N 288 
THR N   H    sing N N 289 
THR N   H2   sing N N 290 
THR CA  C    sing N N 291 
THR CA  CB   sing N N 292 
THR CA  HA   sing N N 293 
THR C   O    doub N N 294 
THR C   OXT  sing N N 295 
THR CB  OG1  sing N N 296 
THR CB  CG2  sing N N 297 
THR CB  HB   sing N N 298 
THR OG1 HG1  sing N N 299 
THR CG2 HG21 sing N N 300 
THR CG2 HG22 sing N N 301 
THR CG2 HG23 sing N N 302 
THR OXT HXT  sing N N 303 
TRP N   CA   sing N N 304 
TRP N   H    sing N N 305 
TRP N   H2   sing N N 306 
TRP CA  C    sing N N 307 
TRP CA  CB   sing N N 308 
TRP CA  HA   sing N N 309 
TRP C   O    doub N N 310 
TRP C   OXT  sing N N 311 
TRP CB  CG   sing N N 312 
TRP CB  HB2  sing N N 313 
TRP CB  HB3  sing N N 314 
TRP CG  CD1  doub Y N 315 
TRP CG  CD2  sing Y N 316 
TRP CD1 NE1  sing Y N 317 
TRP CD1 HD1  sing N N 318 
TRP CD2 CE2  doub Y N 319 
TRP CD2 CE3  sing Y N 320 
TRP NE1 CE2  sing Y N 321 
TRP NE1 HE1  sing N N 322 
TRP CE2 CZ2  sing Y N 323 
TRP CE3 CZ3  doub Y N 324 
TRP CE3 HE3  sing N N 325 
TRP CZ2 CH2  doub Y N 326 
TRP CZ2 HZ2  sing N N 327 
TRP CZ3 CH2  sing Y N 328 
TRP CZ3 HZ3  sing N N 329 
TRP CH2 HH2  sing N N 330 
TRP OXT HXT  sing N N 331 
TYR N   CA   sing N N 332 
TYR N   H    sing N N 333 
TYR N   H2   sing N N 334 
TYR CA  C    sing N N 335 
TYR CA  CB   sing N N 336 
TYR CA  HA   sing N N 337 
TYR C   O    doub N N 338 
TYR C   OXT  sing N N 339 
TYR CB  CG   sing N N 340 
TYR CB  HB2  sing N N 341 
TYR CB  HB3  sing N N 342 
TYR CG  CD1  doub Y N 343 
TYR CG  CD2  sing Y N 344 
TYR CD1 CE1  sing Y N 345 
TYR CD1 HD1  sing N N 346 
TYR CD2 CE2  doub Y N 347 
TYR CD2 HD2  sing N N 348 
TYR CE1 CZ   doub Y N 349 
TYR CE1 HE1  sing N N 350 
TYR CE2 CZ   sing Y N 351 
TYR CE2 HE2  sing N N 352 
TYR CZ  OH   sing N N 353 
TYR OH  HH   sing N N 354 
TYR OXT HXT  sing N N 355 
VAL N   CA   sing N N 356 
VAL N   H    sing N N 357 
VAL N   H2   sing N N 358 
VAL CA  C    sing N N 359 
VAL CA  CB   sing N N 360 
VAL CA  HA   sing N N 361 
VAL C   O    doub N N 362 
VAL C   OXT  sing N N 363 
VAL CB  CG1  sing N N 364 
VAL CB  CG2  sing N N 365 
VAL CB  HB   sing N N 366 
VAL CG1 HG11 sing N N 367 
VAL CG1 HG12 sing N N 368 
VAL CG1 HG13 sing N N 369 
VAL CG2 HG21 sing N N 370 
VAL CG2 HG22 sing N N 371 
VAL CG2 HG23 sing N N 372 
VAL OXT HXT  sing N N 373 
# 
_pdbx_nmr_spectrometer.spectrometer_id   1 
_pdbx_nmr_spectrometer.type              ? 
_pdbx_nmr_spectrometer.manufacturer      Bruker 
_pdbx_nmr_spectrometer.model             AVANCE 
_pdbx_nmr_spectrometer.field_strength    600 
# 
_atom_sites.entry_id                    1M8L 
_atom_sites.fract_transf_matrix[1][1]   1.000000 
_atom_sites.fract_transf_matrix[1][2]   0.000000 
_atom_sites.fract_transf_matrix[1][3]   0.000000 
_atom_sites.fract_transf_matrix[2][1]   0.000000 
_atom_sites.fract_transf_matrix[2][2]   1.000000 
_atom_sites.fract_transf_matrix[2][3]   0.000000 
_atom_sites.fract_transf_matrix[3][1]   0.000000 
_atom_sites.fract_transf_matrix[3][2]   0.000000 
_atom_sites.fract_transf_matrix[3][3]   1.000000 
_atom_sites.fract_transf_vector[1]      0.00000 
_atom_sites.fract_transf_vector[2]      0.00000 
_atom_sites.fract_transf_vector[3]      0.00000 
# 
loop_
_atom_type.symbol 
C 
H 
N 
O 
S 
# 
loop_
_atom_site.group_PDB 
_atom_site.id 
_atom_site.type_symbol 
_atom_site.label_atom_id 
_atom_site.label_alt_id 
_atom_site.label_comp_id 
_atom_site.label_asym_id 
_atom_site.label_entity_id 
_atom_site.label_seq_id 
_atom_site.pdbx_PDB_ins_code 
_atom_site.Cartn_x 
_atom_site.Cartn_y 
_atom_site.Cartn_z 
_atom_site.occupancy 
_atom_site.B_iso_or_equiv 
_atom_site.pdbx_formal_charge 
_atom_site.auth_seq_id 
_atom_site.auth_comp_id 
_atom_site.auth_asym_id 
_atom_site.auth_atom_id 
_atom_site.pdbx_PDB_model_num 
ATOM 1    N N    . MET A 1 1  ? -20.581 -19.515 0.205   1.00 0.00 ? 1  MET A N    1 
ATOM 2    C CA   . MET A 1 1  ? -19.892 -20.623 -0.482  1.00 0.00 ? 1  MET A CA   1 
ATOM 3    C C    . MET A 1 1  ? -18.713 -20.110 -1.306  1.00 0.00 ? 1  MET A C    1 
ATOM 4    O O    . MET A 1 1  ? -18.611 -18.910 -1.558  1.00 0.00 ? 1  MET A O    1 
ATOM 5    C CB   . MET A 1 1  ? -20.859 -21.416 -1.375  1.00 0.00 ? 1  MET A CB   1 
ATOM 6    C CG   . MET A 1 1  ? -22.073 -21.979 -0.621  1.00 0.00 ? 1  MET A CG   1 
ATOM 7    S SD   . MET A 1 1  ? -21.714 -22.995 0.839   1.00 0.00 ? 1  MET A SD   1 
ATOM 8    C CE   . MET A 1 1  ? -20.821 -24.371 0.073   1.00 0.00 ? 1  MET A CE   1 
ATOM 9    H H1   . MET A 1 1  ? -21.370 -19.887 0.752   1.00 0.00 ? 1  MET A H1   1 
ATOM 10   H H2   . MET A 1 1  ? -19.921 -19.039 0.835   1.00 0.00 ? 1  MET A H2   1 
ATOM 11   H H3   . MET A 1 1  ? -20.934 -18.845 -0.493  1.00 0.00 ? 1  MET A H3   1 
ATOM 12   H HA   . MET A 1 1  ? -19.488 -21.285 0.286   1.00 0.00 ? 1  MET A HA   1 
ATOM 13   H HB2  . MET A 1 1  ? -21.222 -20.765 -2.172  1.00 0.00 ? 1  MET A HB2  1 
ATOM 14   H HB3  . MET A 1 1  ? -20.323 -22.246 -1.836  1.00 0.00 ? 1  MET A HB3  1 
ATOM 15   H HG2  . MET A 1 1  ? -22.707 -21.151 -0.301  1.00 0.00 ? 1  MET A HG2  1 
ATOM 16   H HG3  . MET A 1 1  ? -22.653 -22.584 -1.317  1.00 0.00 ? 1  MET A HG3  1 
ATOM 17   H HE1  . MET A 1 1  ? -21.417 -24.791 -0.737  1.00 0.00 ? 1  MET A HE1  1 
ATOM 18   H HE2  . MET A 1 1  ? -19.864 -24.023 -0.317  1.00 0.00 ? 1  MET A HE2  1 
ATOM 19   H HE3  . MET A 1 1  ? -20.640 -25.140 0.824   1.00 0.00 ? 1  MET A HE3  1 
ATOM 20   N N    . GLU A 1 2  ? -17.830 -21.023 -1.729  1.00 0.00 ? 2  GLU A N    1 
ATOM 21   C CA   . GLU A 1 2  ? -16.696 -20.707 -2.585  1.00 0.00 ? 2  GLU A CA   1 
ATOM 22   C C    . GLU A 1 2  ? -17.149 -20.506 -4.035  1.00 0.00 ? 2  GLU A C    1 
ATOM 23   O O    . GLU A 1 2  ? -18.339 -20.586 -4.340  1.00 0.00 ? 2  GLU A O    1 
ATOM 24   C CB   . GLU A 1 2  ? -15.628 -21.805 -2.451  1.00 0.00 ? 2  GLU A CB   1 
ATOM 25   C CG   . GLU A 1 2  ? -16.041 -23.158 -3.056  1.00 0.00 ? 2  GLU A CG   1 
ATOM 26   C CD   . GLU A 1 2  ? -14.952 -24.218 -2.894  1.00 0.00 ? 2  GLU A CD   1 
ATOM 27   O OE1  . GLU A 1 2  ? -13.900 -23.928 -2.329  1.00 0.00 ? 2  GLU A OE1  1 
ATOM 28   O OE2  . GLU A 1 2  ? -15.237 -25.450 -3.404  1.00 0.00 ? 2  GLU A OE2  1 
ATOM 29   H H    . GLU A 1 2  ? -17.978 -21.991 -1.487  1.00 0.00 ? 2  GLU A H    1 
ATOM 30   H HA   . GLU A 1 2  ? -16.246 -19.775 -2.239  1.00 0.00 ? 2  GLU A HA   1 
ATOM 31   H HB2  . GLU A 1 2  ? -14.719 -21.467 -2.944  1.00 0.00 ? 2  GLU A HB2  1 
ATOM 32   H HB3  . GLU A 1 2  ? -15.405 -21.941 -1.391  1.00 0.00 ? 2  GLU A HB3  1 
ATOM 33   H HG2  . GLU A 1 2  ? -16.948 -23.518 -2.570  1.00 0.00 ? 2  GLU A HG2  1 
ATOM 34   H HG3  . GLU A 1 2  ? -16.235 -23.044 -4.123  1.00 0.00 ? 2  GLU A HG3  1 
ATOM 35   H HE2  . GLU A 1 2  ? -14.533 -26.095 -3.284  1.00 0.00 ? 2  GLU A HE2  1 
ATOM 36   N N    . GLN A 1 3  ? -16.188 -20.269 -4.936  1.00 0.00 ? 3  GLN A N    1 
ATOM 37   C CA   . GLN A 1 3  ? -16.411 -20.107 -6.365  1.00 0.00 ? 3  GLN A CA   1 
ATOM 38   C C    . GLN A 1 3  ? -16.572 -21.487 -7.013  1.00 0.00 ? 3  GLN A C    1 
ATOM 39   O O    . GLN A 1 3  ? -15.811 -21.851 -7.905  1.00 0.00 ? 3  GLN A O    1 
ATOM 40   C CB   . GLN A 1 3  ? -15.216 -19.340 -6.950  1.00 0.00 ? 3  GLN A CB   1 
ATOM 41   C CG   . GLN A 1 3  ? -15.096 -17.933 -6.354  1.00 0.00 ? 3  GLN A CG   1 
ATOM 42   C CD   . GLN A 1 3  ? -13.804 -17.250 -6.787  1.00 0.00 ? 3  GLN A CD   1 
ATOM 43   O OE1  . GLN A 1 3  ? -12.880 -17.107 -5.990  1.00 0.00 ? 3  GLN A OE1  1 
ATOM 44   N NE2  . GLN A 1 3  ? -13.732 -16.824 -8.050  1.00 0.00 ? 3  GLN A NE2  1 
ATOM 45   H H    . GLN A 1 3  ? -15.230 -20.211 -4.627  1.00 0.00 ? 3  GLN A H    1 
ATOM 46   H HA   . GLN A 1 3  ? -17.318 -19.526 -6.540  1.00 0.00 ? 3  GLN A HA   1 
ATOM 47   H HB2  . GLN A 1 3  ? -14.298 -19.891 -6.743  1.00 0.00 ? 3  GLN A HB2  1 
ATOM 48   H HB3  . GLN A 1 3  ? -15.337 -19.255 -8.028  1.00 0.00 ? 3  GLN A HB3  1 
ATOM 49   H HG2  . GLN A 1 3  ? -15.952 -17.329 -6.659  1.00 0.00 ? 3  GLN A HG2  1 
ATOM 50   H HG3  . GLN A 1 3  ? -15.087 -17.994 -5.267  1.00 0.00 ? 3  GLN A HG3  1 
ATOM 51   H HE21 . GLN A 1 3  ? -14.513 -16.961 -8.675  1.00 0.00 ? 3  GLN A HE21 1 
ATOM 52   H HE22 . GLN A 1 3  ? -12.893 -16.366 -8.373  1.00 0.00 ? 3  GLN A HE22 1 
ATOM 53   N N    . ALA A 1 4  ? -17.567 -22.254 -6.549  1.00 0.00 ? 4  ALA A N    1 
ATOM 54   C CA   . ALA A 1 4  ? -17.813 -23.629 -6.952  1.00 0.00 ? 4  ALA A CA   1 
ATOM 55   C C    . ALA A 1 4  ? -18.174 -23.732 -8.439  1.00 0.00 ? 4  ALA A C    1 
ATOM 56   O O    . ALA A 1 4  ? -19.215 -23.211 -8.835  1.00 0.00 ? 4  ALA A O    1 
ATOM 57   C CB   . ALA A 1 4  ? -18.943 -24.201 -6.089  1.00 0.00 ? 4  ALA A CB   1 
ATOM 58   H H    . ALA A 1 4  ? -18.167 -21.868 -5.833  1.00 0.00 ? 4  ALA A H    1 
ATOM 59   H HA   . ALA A 1 4  ? -16.920 -24.201 -6.718  1.00 0.00 ? 4  ALA A HA   1 
ATOM 60   H HB1  . ALA A 1 4  ? -19.850 -23.609 -6.215  1.00 0.00 ? 4  ALA A HB1  1 
ATOM 61   H HB2  . ALA A 1 4  ? -19.146 -25.230 -6.384  1.00 0.00 ? 4  ALA A HB2  1 
ATOM 62   H HB3  . ALA A 1 4  ? -18.650 -24.181 -5.038  1.00 0.00 ? 4  ALA A HB3  1 
ATOM 63   N N    . PRO A 1 5  ? -17.357 -24.406 -9.269  1.00 0.00 ? 5  PRO A N    1 
ATOM 64   C CA   . PRO A 1 5  ? -17.671 -24.649 -10.668 1.00 0.00 ? 5  PRO A CA   1 
ATOM 65   C C    . PRO A 1 5  ? -18.616 -25.853 -10.780 1.00 0.00 ? 5  PRO A C    1 
ATOM 66   O O    . PRO A 1 5  ? -18.980 -26.461 -9.774  1.00 0.00 ? 5  PRO A O    1 
ATOM 67   C CB   . PRO A 1 5  ? -16.315 -24.937 -11.317 1.00 0.00 ? 5  PRO A CB   1 
ATOM 68   C CG   . PRO A 1 5  ? -15.589 -25.700 -10.212 1.00 0.00 ? 5  PRO A CG   1 
ATOM 69   C CD   . PRO A 1 5  ? -16.075 -25.011 -8.936  1.00 0.00 ? 5  PRO A CD   1 
ATOM 70   H HA   . PRO A 1 5  ? -18.126 -23.775 -11.136 1.00 0.00 ? 5  PRO A HA   1 
ATOM 71   H HB2  . PRO A 1 5  ? -16.385 -25.513 -12.240 1.00 0.00 ? 5  PRO A HB2  1 
ATOM 72   H HB3  . PRO A 1 5  ? -15.797 -23.995 -11.502 1.00 0.00 ? 5  PRO A HB3  1 
ATOM 73   H HG2  . PRO A 1 5  ? -15.931 -26.734 -10.215 1.00 0.00 ? 5  PRO A HG2  1 
ATOM 74   H HG3  . PRO A 1 5  ? -14.504 -25.661 -10.320 1.00 0.00 ? 5  PRO A HG3  1 
ATOM 75   H HD2  . PRO A 1 5  ? -16.170 -25.748 -8.139  1.00 0.00 ? 5  PRO A HD2  1 
ATOM 76   H HD3  . PRO A 1 5  ? -15.360 -24.238 -8.655  1.00 0.00 ? 5  PRO A HD3  1 
ATOM 77   N N    . GLU A 1 6  ? -18.994 -26.210 -12.014 1.00 0.00 ? 6  GLU A N    1 
ATOM 78   C CA   . GLU A 1 6  ? -19.801 -27.392 -12.291 1.00 0.00 ? 6  GLU A CA   1 
ATOM 79   C C    . GLU A 1 6  ? -19.063 -28.639 -11.797 1.00 0.00 ? 6  GLU A C    1 
ATOM 80   O O    . GLU A 1 6  ? -19.547 -29.333 -10.903 1.00 0.00 ? 6  GLU A O    1 
ATOM 81   C CB   . GLU A 1 6  ? -20.126 -27.440 -13.794 1.00 0.00 ? 6  GLU A CB   1 
ATOM 82   C CG   . GLU A 1 6  ? -21.066 -28.589 -14.190 1.00 0.00 ? 6  GLU A CG   1 
ATOM 83   C CD   . GLU A 1 6  ? -20.372 -29.950 -14.235 1.00 0.00 ? 6  GLU A CD   1 
ATOM 84   O OE1  . GLU A 1 6  ? -20.709 -30.827 -13.442 1.00 0.00 ? 6  GLU A OE1  1 
ATOM 85   O OE2  . GLU A 1 6  ? -19.399 -30.095 -15.180 1.00 0.00 ? 6  GLU A OE2  1 
ATOM 86   H H    . GLU A 1 6  ? -18.668 -25.666 -12.800 1.00 0.00 ? 6  GLU A H    1 
ATOM 87   H HA   . GLU A 1 6  ? -20.740 -27.302 -11.743 1.00 0.00 ? 6  GLU A HA   1 
ATOM 88   H HB2  . GLU A 1 6  ? -20.633 -26.507 -14.048 1.00 0.00 ? 6  GLU A HB2  1 
ATOM 89   H HB3  . GLU A 1 6  ? -19.208 -27.492 -14.380 1.00 0.00 ? 6  GLU A HB3  1 
ATOM 90   H HG2  . GLU A 1 6  ? -21.906 -28.626 -13.496 1.00 0.00 ? 6  GLU A HG2  1 
ATOM 91   H HG3  . GLU A 1 6  ? -21.459 -28.386 -15.186 1.00 0.00 ? 6  GLU A HG3  1 
ATOM 92   H HE2  . GLU A 1 6  ? -18.992 -30.964 -15.170 1.00 0.00 ? 6  GLU A HE2  1 
ATOM 93   N N    . ASP A 1 7  ? -17.883 -28.907 -12.369 1.00 0.00 ? 7  ASP A N    1 
ATOM 94   C CA   . ASP A 1 7  ? -17.028 -30.009 -11.963 1.00 0.00 ? 7  ASP A CA   1 
ATOM 95   C C    . ASP A 1 7  ? -16.219 -29.579 -10.738 1.00 0.00 ? 7  ASP A C    1 
ATOM 96   O O    . ASP A 1 7  ? -15.080 -29.134 -10.868 1.00 0.00 ? 7  ASP A O    1 
ATOM 97   C CB   . ASP A 1 7  ? -16.132 -30.421 -13.140 1.00 0.00 ? 7  ASP A CB   1 
ATOM 98   C CG   . ASP A 1 7  ? -15.230 -31.600 -12.781 1.00 0.00 ? 7  ASP A CG   1 
ATOM 99   O OD1  . ASP A 1 7  ? -14.014 -31.434 -12.720 1.00 0.00 ? 7  ASP A OD1  1 
ATOM 100  O OD2  . ASP A 1 7  ? -15.861 -32.788 -12.549 1.00 0.00 ? 7  ASP A OD2  1 
ATOM 101  H H    . ASP A 1 7  ? -17.538 -28.284 -13.084 1.00 0.00 ? 7  ASP A H    1 
ATOM 102  H HA   . ASP A 1 7  ? -17.646 -30.870 -11.699 1.00 0.00 ? 7  ASP A HA   1 
ATOM 103  H HB2  . ASP A 1 7  ? -16.761 -30.712 -13.982 1.00 0.00 ? 7  ASP A HB2  1 
ATOM 104  H HB3  . ASP A 1 7  ? -15.517 -29.575 -13.448 1.00 0.00 ? 7  ASP A HB3  1 
ATOM 105  H HD2  . ASP A 1 7  ? -15.256 -33.499 -12.329 1.00 0.00 ? 7  ASP A HD2  1 
ATOM 106  N N    . GLN A 1 8  ? -16.827 -29.697 -9.551  1.00 0.00 ? 8  GLN A N    1 
ATOM 107  C CA   . GLN A 1 8  ? -16.221 -29.306 -8.286  1.00 0.00 ? 8  GLN A CA   1 
ATOM 108  C C    . GLN A 1 8  ? -15.039 -30.223 -7.961  1.00 0.00 ? 8  GLN A C    1 
ATOM 109  O O    . GLN A 1 8  ? -15.215 -31.297 -7.390  1.00 0.00 ? 8  GLN A O    1 
ATOM 110  C CB   . GLN A 1 8  ? -17.286 -29.316 -7.180  1.00 0.00 ? 8  GLN A CB   1 
ATOM 111  C CG   . GLN A 1 8  ? -16.756 -28.926 -5.791  1.00 0.00 ? 8  GLN A CG   1 
ATOM 112  C CD   . GLN A 1 8  ? -16.217 -27.499 -5.742  1.00 0.00 ? 8  GLN A CD   1 
ATOM 113  O OE1  . GLN A 1 8  ? -16.953 -26.565 -5.435  1.00 0.00 ? 8  GLN A OE1  1 
ATOM 114  N NE2  . GLN A 1 8  ? -14.926 -27.318 -6.027  1.00 0.00 ? 8  GLN A NE2  1 
ATOM 115  H H    . GLN A 1 8  ? -17.779 -30.038 -9.531  1.00 0.00 ? 8  GLN A H    1 
ATOM 116  H HA   . GLN A 1 8  ? -15.860 -28.282 -8.389  1.00 0.00 ? 8  GLN A HA   1 
ATOM 117  H HB2  . GLN A 1 8  ? -18.079 -28.619 -7.458  1.00 0.00 ? 8  GLN A HB2  1 
ATOM 118  H HB3  . GLN A 1 8  ? -17.717 -30.316 -7.116  1.00 0.00 ? 8  GLN A HB3  1 
ATOM 119  H HG2  . GLN A 1 8  ? -17.585 -28.999 -5.084  1.00 0.00 ? 8  GLN A HG2  1 
ATOM 120  H HG3  . GLN A 1 8  ? -15.983 -29.622 -5.465  1.00 0.00 ? 8  GLN A HG3  1 
ATOM 121  H HE21 . GLN A 1 8  ? -14.325 -28.110 -6.219  1.00 0.00 ? 8  GLN A HE21 1 
ATOM 122  H HE22 . GLN A 1 8  ? -14.551 -26.378 -6.015  1.00 0.00 ? 8  GLN A HE22 1 
ATOM 123  N N    . GLY A 1 9  ? -13.833 -29.770 -8.315  1.00 0.00 ? 9  GLY A N    1 
ATOM 124  C CA   . GLY A 1 9  ? -12.580 -30.439 -8.001  1.00 0.00 ? 9  GLY A CA   1 
ATOM 125  C C    . GLY A 1 9  ? -12.119 -30.089 -6.582  1.00 0.00 ? 9  GLY A C    1 
ATOM 126  O O    . GLY A 1 9  ? -12.882 -29.492 -5.821  1.00 0.00 ? 9  GLY A O    1 
ATOM 127  H H    . GLY A 1 9  ? -13.787 -28.893 -8.813  1.00 0.00 ? 9  GLY A H    1 
ATOM 128  H HA2  . GLY A 1 9  ? -12.691 -31.520 -8.098  1.00 0.00 ? 9  GLY A HA2  1 
ATOM 129  H HA3  . GLY A 1 9  ? -11.842 -30.094 -8.723  1.00 0.00 ? 9  GLY A HA3  1 
ATOM 130  N N    . PRO A 1 10 ? -10.871 -30.440 -6.219  1.00 0.00 ? 10 PRO A N    1 
ATOM 131  C CA   . PRO A 1 10 ? -10.280 -30.147 -4.919  1.00 0.00 ? 10 PRO A CA   1 
ATOM 132  C C    . PRO A 1 10 ? -9.877  -28.668 -4.854  1.00 0.00 ? 10 PRO A C    1 
ATOM 133  O O    . PRO A 1 10 ? -8.697  -28.322 -4.873  1.00 0.00 ? 10 PRO A O    1 
ATOM 134  C CB   . PRO A 1 10 ? -9.089  -31.104 -4.806  1.00 0.00 ? 10 PRO A CB   1 
ATOM 135  C CG   . PRO A 1 10 ? -8.631  -31.249 -6.257  1.00 0.00 ? 10 PRO A CG   1 
ATOM 136  C CD   . PRO A 1 10 ? -9.946  -31.206 -7.039  1.00 0.00 ? 10 PRO A CD   1 
ATOM 137  H HA   . PRO A 1 10 ? -10.985 -30.362 -4.114  1.00 0.00 ? 10 PRO A HA   1 
ATOM 138  H HB2  . PRO A 1 10 ? -8.299  -30.743 -4.148  1.00 0.00 ? 10 PRO A HB2  1 
ATOM 139  H HB3  . PRO A 1 10 ? -9.446  -32.073 -4.453  1.00 0.00 ? 10 PRO A HB3  1 
ATOM 140  H HG2  . PRO A 1 10 ? -8.015  -30.392 -6.531  1.00 0.00 ? 10 PRO A HG2  1 
ATOM 141  H HG3  . PRO A 1 10 ? -8.080  -32.175 -6.426  1.00 0.00 ? 10 PRO A HG3  1 
ATOM 142  H HD2  . PRO A 1 10 ? -9.778  -30.745 -8.012  1.00 0.00 ? 10 PRO A HD2  1 
ATOM 143  H HD3  . PRO A 1 10 ? -10.331 -32.219 -7.165  1.00 0.00 ? 10 PRO A HD3  1 
ATOM 144  N N    . GLN A 1 11 ? -10.888 -27.798 -4.791  1.00 0.00 ? 11 GLN A N    1 
ATOM 145  C CA   . GLN A 1 11 ? -10.756 -26.353 -4.827  1.00 0.00 ? 11 GLN A CA   1 
ATOM 146  C C    . GLN A 1 11 ? -10.425 -25.845 -3.422  1.00 0.00 ? 11 GLN A C    1 
ATOM 147  O O    . GLN A 1 11 ? -11.318 -25.465 -2.665  1.00 0.00 ? 11 GLN A O    1 
ATOM 148  C CB   . GLN A 1 11 ? -12.069 -25.786 -5.374  1.00 0.00 ? 11 GLN A CB   1 
ATOM 149  C CG   . GLN A 1 11 ? -12.023 -24.270 -5.570  1.00 0.00 ? 11 GLN A CG   1 
ATOM 150  C CD   . GLN A 1 11 ? -13.304 -23.750 -6.218  1.00 0.00 ? 11 GLN A CD   1 
ATOM 151  O OE1  . GLN A 1 11 ? -14.366 -24.355 -6.088  1.00 0.00 ? 11 GLN A OE1  1 
ATOM 152  N NE2  . GLN A 1 11 ? -13.204 -22.628 -6.931  1.00 0.00 ? 11 GLN A NE2  1 
ATOM 153  H H    . GLN A 1 11 ? -11.829 -28.172 -4.782  1.00 0.00 ? 11 GLN A H    1 
ATOM 154  H HA   . GLN A 1 11 ? -9.953  -26.076 -5.513  1.00 0.00 ? 11 GLN A HA   1 
ATOM 155  H HB2  . GLN A 1 11 ? -12.265 -26.250 -6.343  1.00 0.00 ? 11 GLN A HB2  1 
ATOM 156  H HB3  . GLN A 1 11 ? -12.879 -26.042 -4.691  1.00 0.00 ? 11 GLN A HB3  1 
ATOM 157  H HG2  . GLN A 1 11 ? -11.906 -23.788 -4.602  1.00 0.00 ? 11 GLN A HG2  1 
ATOM 158  H HG3  . GLN A 1 11 ? -11.170 -24.020 -6.200  1.00 0.00 ? 11 GLN A HG3  1 
ATOM 159  H HE21 . GLN A 1 11 ? -12.315 -22.159 -7.025  1.00 0.00 ? 11 GLN A HE21 1 
ATOM 160  H HE22 . GLN A 1 11 ? -14.026 -22.259 -7.391  1.00 0.00 ? 11 GLN A HE22 1 
ATOM 161  N N    . ARG A 1 12 ? -9.136  -25.862 -3.069  1.00 0.00 ? 12 ARG A N    1 
ATOM 162  C CA   . ARG A 1 12 ? -8.684  -25.512 -1.732  1.00 0.00 ? 12 ARG A CA   1 
ATOM 163  C C    . ARG A 1 12 ? -8.672  -23.993 -1.531  1.00 0.00 ? 12 ARG A C    1 
ATOM 164  O O    . ARG A 1 12 ? -7.703  -23.329 -1.896  1.00 0.00 ? 12 ARG A O    1 
ATOM 165  C CB   . ARG A 1 12 ? -7.310  -26.147 -1.460  1.00 0.00 ? 12 ARG A CB   1 
ATOM 166  C CG   . ARG A 1 12 ? -6.706  -25.772 -0.094  1.00 0.00 ? 12 ARG A CG   1 
ATOM 167  C CD   . ARG A 1 12 ? -7.531  -26.270 1.100   1.00 0.00 ? 12 ARG A CD   1 
ATOM 168  N NE   . ARG A 1 12 ? -7.149  -25.579 2.336   1.00 0.00 ? 12 ARG A NE   1 
ATOM 169  C CZ   . ARG A 1 12 ? -6.062  -25.821 3.086   1.00 0.00 ? 12 ARG A CZ   1 
ATOM 170  N NH1  . ARG A 1 12 ? -5.198  -26.792 2.760   1.00 0.00 ? 12 ARG A NH1  1 
ATOM 171  N NH2  . ARG A 1 12 ? -5.850  -25.070 4.174   1.00 0.00 ? 12 ARG A NH2  1 
ATOM 172  H H    . ARG A 1 12 ? -8.454  -26.206 -3.730  1.00 0.00 ? 12 ARG A H    1 
ATOM 173  H HA   . ARG A 1 12 ? -9.385  -25.957 -1.031  1.00 0.00 ? 12 ARG A HA   1 
ATOM 174  H HB2  . ARG A 1 12 ? -7.401  -27.233 -1.519  1.00 0.00 ? 12 ARG A HB2  1 
ATOM 175  H HB3  . ARG A 1 12 ? -6.620  -25.820 -2.236  1.00 0.00 ? 12 ARG A HB3  1 
ATOM 176  H HG2  . ARG A 1 12 ? -5.708  -26.209 -0.034  1.00 0.00 ? 12 ARG A HG2  1 
ATOM 177  H HG3  . ARG A 1 12 ? -6.593  -24.691 -0.025  1.00 0.00 ? 12 ARG A HG3  1 
ATOM 178  H HD2  . ARG A 1 12 ? -8.585  -26.046 0.954   1.00 0.00 ? 12 ARG A HD2  1 
ATOM 179  H HD3  . ARG A 1 12 ? -7.427  -27.351 1.206   1.00 0.00 ? 12 ARG A HD3  1 
ATOM 180  H HE   . ARG A 1 12 ? -7.762  -24.831 2.637   1.00 0.00 ? 12 ARG A HE   1 
ATOM 181  H HH11 . ARG A 1 12 ? -5.358  -27.353 1.936   1.00 0.00 ? 12 ARG A HH11 1 
ATOM 182  H HH12 . ARG A 1 12 ? -4.383  -26.966 3.331   1.00 0.00 ? 12 ARG A HH12 1 
ATOM 183  H HH21 . ARG A 1 12 ? -6.506  -24.331 4.401   1.00 0.00 ? 12 ARG A HH21 1 
ATOM 184  H HH22 . ARG A 1 12 ? -5.044  -25.225 4.762   1.00 0.00 ? 12 ARG A HH22 1 
ATOM 185  N N    . GLU A 1 13 ? -9.748  -23.469 -0.931  1.00 0.00 ? 13 GLU A N    1 
ATOM 186  C CA   . GLU A 1 13 ? -9.926  -22.079 -0.521  1.00 0.00 ? 13 GLU A CA   1 
ATOM 187  C C    . GLU A 1 13 ? -9.499  -21.041 -1.570  1.00 0.00 ? 13 GLU A C    1 
ATOM 188  O O    . GLU A 1 13 ? -8.377  -20.541 -1.497  1.00 0.00 ? 13 GLU A O    1 
ATOM 189  C CB   . GLU A 1 13 ? -9.180  -21.837 0.801   1.00 0.00 ? 13 GLU A CB   1 
ATOM 190  C CG   . GLU A 1 13 ? -9.696  -22.704 1.955   1.00 0.00 ? 13 GLU A CG   1 
ATOM 191  C CD   . GLU A 1 13 ? -8.933  -22.401 3.243   1.00 0.00 ? 13 GLU A CD   1 
ATOM 192  O OE1  . GLU A 1 13 ? -8.168  -23.246 3.707   1.00 0.00 ? 13 GLU A OE1  1 
ATOM 193  O OE2  . GLU A 1 13 ? -9.163  -21.177 3.798   1.00 0.00 ? 13 GLU A OE2  1 
ATOM 194  H H    . GLU A 1 13 ? -10.510 -24.099 -0.720  1.00 0.00 ? 13 GLU A H    1 
ATOM 195  H HA   . GLU A 1 13 ? -10.983 -21.928 -0.311  1.00 0.00 ? 13 GLU A HA   1 
ATOM 196  H HB2  . GLU A 1 13 ? -8.119  -22.038 0.656   1.00 0.00 ? 13 GLU A HB2  1 
ATOM 197  H HB3  . GLU A 1 13 ? -9.298  -20.789 1.081   1.00 0.00 ? 13 GLU A HB3  1 
ATOM 198  H HG2  . GLU A 1 13 ? -10.755 -22.499 2.117   1.00 0.00 ? 13 GLU A HG2  1 
ATOM 199  H HG3  . GLU A 1 13 ? -9.578  -23.759 1.710   1.00 0.00 ? 13 GLU A HG3  1 
ATOM 200  H HE2  . GLU A 1 13 ? -8.658  -21.036 4.602   1.00 0.00 ? 13 GLU A HE2  1 
ATOM 201  N N    . PRO A 1 14 ? -10.377 -20.680 -2.522  1.00 0.00 ? 14 PRO A N    1 
ATOM 202  C CA   . PRO A 1 14 ? -10.126 -19.623 -3.495  1.00 0.00 ? 14 PRO A CA   1 
ATOM 203  C C    . PRO A 1 14 ? -9.770  -18.325 -2.770  1.00 0.00 ? 14 PRO A C    1 
ATOM 204  O O    . PRO A 1 14 ? -8.654  -17.827 -2.889  1.00 0.00 ? 14 PRO A O    1 
ATOM 205  C CB   . PRO A 1 14 ? -11.416 -19.504 -4.316  1.00 0.00 ? 14 PRO A CB   1 
ATOM 206  C CG   . PRO A 1 14 ? -11.974 -20.921 -4.239  1.00 0.00 ? 14 PRO A CG   1 
ATOM 207  C CD   . PRO A 1 14 ? -11.648 -21.320 -2.798  1.00 0.00 ? 14 PRO A CD   1 
ATOM 208  H HA   . PRO A 1 14 ? -9.307  -19.930 -4.146  1.00 0.00 ? 14 PRO A HA   1 
ATOM 209  H HB2  . PRO A 1 14 ? -12.137 -18.829 -3.855  1.00 0.00 ? 14 PRO A HB2  1 
ATOM 210  H HB3  . PRO A 1 14 ? -11.216 -19.183 -5.336  1.00 0.00 ? 14 PRO A HB3  1 
ATOM 211  H HG2  . PRO A 1 14 ? -13.039 -20.963 -4.466  1.00 0.00 ? 14 PRO A HG2  1 
ATOM 212  H HG3  . PRO A 1 14 ? -11.411 -21.547 -4.930  1.00 0.00 ? 14 PRO A HG3  1 
ATOM 213  H HD2  . PRO A 1 14 ? -12.402 -20.925 -2.118  1.00 0.00 ? 14 PRO A HD2  1 
ATOM 214  H HD3  . PRO A 1 14 ? -11.589 -22.404 -2.701  1.00 0.00 ? 14 PRO A HD3  1 
ATOM 215  N N    . TYR A 1 15 ? -10.718 -17.803 -1.986  1.00 0.00 ? 15 TYR A N    1 
ATOM 216  C CA   . TYR A 1 15 ? -10.506 -16.649 -1.137  1.00 0.00 ? 15 TYR A CA   1 
ATOM 217  C C    . TYR A 1 15 ? -9.617  -17.066 0.036   1.00 0.00 ? 15 TYR A C    1 
ATOM 218  O O    . TYR A 1 15 ? -9.451  -18.255 0.302   1.00 0.00 ? 15 TYR A O    1 
ATOM 219  C CB   . TYR A 1 15 ? -11.853 -16.119 -0.657  1.00 0.00 ? 15 TYR A CB   1 
ATOM 220  C CG   . TYR A 1 15 ? -12.826 -15.799 -1.776  1.00 0.00 ? 15 TYR A CG   1 
ATOM 221  C CD1  . TYR A 1 15 ? -12.560 -14.729 -2.650  1.00 0.00 ? 15 TYR A CD1  1 
ATOM 222  C CD2  . TYR A 1 15 ? -13.973 -16.591 -1.970  1.00 0.00 ? 15 TYR A CD2  1 
ATOM 223  C CE1  . TYR A 1 15 ? -13.441 -14.445 -3.707  1.00 0.00 ? 15 TYR A CE1  1 
ATOM 224  C CE2  . TYR A 1 15 ? -14.859 -16.303 -3.022  1.00 0.00 ? 15 TYR A CE2  1 
ATOM 225  C CZ   . TYR A 1 15 ? -14.587 -15.237 -3.898  1.00 0.00 ? 15 TYR A CZ   1 
ATOM 226  O OH   . TYR A 1 15 ? -15.437 -14.975 -4.933  1.00 0.00 ? 15 TYR A OH   1 
ATOM 227  H H    . TYR A 1 15 ? -11.625 -18.241 -1.947  1.00 0.00 ? 15 TYR A H    1 
ATOM 228  H HA   . TYR A 1 15 ? -10.007 -15.867 -1.709  1.00 0.00 ? 15 TYR A HA   1 
ATOM 229  H HB2  . TYR A 1 15 ? -12.285 -16.855 0.017   1.00 0.00 ? 15 TYR A HB2  1 
ATOM 230  H HB3  . TYR A 1 15 ? -11.679 -15.211 -0.086  1.00 0.00 ? 15 TYR A HB3  1 
ATOM 231  H HD1  . TYR A 1 15 ? -11.678 -14.120 -2.511  1.00 0.00 ? 15 TYR A HD1  1 
ATOM 232  H HD2  . TYR A 1 15 ? -14.182 -17.422 -1.311  1.00 0.00 ? 15 TYR A HD2  1 
ATOM 233  H HE1  . TYR A 1 15 ? -13.235 -13.617 -4.368  1.00 0.00 ? 15 TYR A HE1  1 
ATOM 234  H HE2  . TYR A 1 15 ? -15.748 -16.901 -3.155  1.00 0.00 ? 15 TYR A HE2  1 
ATOM 235  H HH   . TYR A 1 15 ? -15.156 -14.233 -5.473  1.00 0.00 ? 15 TYR A HH   1 
ATOM 236  N N    . ASN A 1 16 ? -9.039  -16.083 0.731   1.00 0.00 ? 16 ASN A N    1 
ATOM 237  C CA   . ASN A 1 16 ? -8.060  -16.309 1.793   1.00 0.00 ? 16 ASN A CA   1 
ATOM 238  C C    . ASN A 1 16 ? -6.870  -17.108 1.238   1.00 0.00 ? 16 ASN A C    1 
ATOM 239  O O    . ASN A 1 16 ? -6.345  -18.022 1.870   1.00 0.00 ? 16 ASN A O    1 
ATOM 240  C CB   . ASN A 1 16 ? -8.732  -16.956 3.018   1.00 0.00 ? 16 ASN A CB   1 
ATOM 241  C CG   . ASN A 1 16 ? -7.838  -16.997 4.258   1.00 0.00 ? 16 ASN A CG   1 
ATOM 242  O OD1  . ASN A 1 16 ? -6.719  -16.492 4.256   1.00 0.00 ? 16 ASN A OD1  1 
ATOM 243  N ND2  . ASN A 1 16 ? -8.340  -17.606 5.334   1.00 0.00 ? 16 ASN A ND2  1 
ATOM 244  H H    . ASN A 1 16 ? -9.247  -15.127 0.471   1.00 0.00 ? 16 ASN A H    1 
ATOM 245  H HA   . ASN A 1 16 ? -7.688  -15.323 2.072   1.00 0.00 ? 16 ASN A HA   1 
ATOM 246  H HB2  . ASN A 1 16 ? -9.624  -16.381 3.270   1.00 0.00 ? 16 ASN A HB2  1 
ATOM 247  H HB3  . ASN A 1 16 ? -9.034  -17.977 2.784   1.00 0.00 ? 16 ASN A HB3  1 
ATOM 248  H HD21 . ASN A 1 16 ? -9.265  -18.008 5.304   1.00 0.00 ? 16 ASN A HD21 1 
ATOM 249  H HD22 . ASN A 1 16 ? -7.788  -17.657 6.179   1.00 0.00 ? 16 ASN A HD22 1 
ATOM 250  N N    . ASP A 1 17 ? -6.466  -16.734 0.020   1.00 0.00 ? 17 ASP A N    1 
ATOM 251  C CA   . ASP A 1 17 ? -5.340  -17.248 -0.738  1.00 0.00 ? 17 ASP A CA   1 
ATOM 252  C C    . ASP A 1 17 ? -5.155  -16.277 -1.894  1.00 0.00 ? 17 ASP A C    1 
ATOM 253  O O    . ASP A 1 17 ? -4.129  -15.611 -1.995  1.00 0.00 ? 17 ASP A O    1 
ATOM 254  C CB   . ASP A 1 17 ? -5.597  -18.681 -1.206  1.00 0.00 ? 17 ASP A CB   1 
ATOM 255  C CG   . ASP A 1 17 ? -4.418  -19.218 -2.009  1.00 0.00 ? 17 ASP A CG   1 
ATOM 256  O OD1  . ASP A 1 17 ? -4.472  -19.207 -3.237  1.00 0.00 ? 17 ASP A OD1  1 
ATOM 257  O OD2  . ASP A 1 17 ? -3.359  -19.675 -1.282  1.00 0.00 ? 17 ASP A OD2  1 
ATOM 258  H H    . ASP A 1 17 ? -6.994  -16.002 -0.426  1.00 0.00 ? 17 ASP A H    1 
ATOM 259  H HA   . ASP A 1 17 ? -4.455  -17.225 -0.116  1.00 0.00 ? 17 ASP A HA   1 
ATOM 260  H HB2  . ASP A 1 17 ? -5.770  -19.318 -0.341  1.00 0.00 ? 17 ASP A HB2  1 
ATOM 261  H HB3  . ASP A 1 17 ? -6.489  -18.705 -1.824  1.00 0.00 ? 17 ASP A HB3  1 
ATOM 262  H HD2  . ASP A 1 17 ? -2.639  -19.996 -1.830  1.00 0.00 ? 17 ASP A HD2  1 
ATOM 263  N N    . TRP A 1 18 ? -6.192  -16.182 -2.731  1.00 0.00 ? 18 TRP A N    1 
ATOM 264  C CA   . TRP A 1 18 ? -6.293  -15.229 -3.824  1.00 0.00 ? 18 TRP A CA   1 
ATOM 265  C C    . TRP A 1 18 ? -6.273  -13.832 -3.217  1.00 0.00 ? 18 TRP A C    1 
ATOM 266  O O    . TRP A 1 18 ? -5.575  -12.947 -3.692  1.00 0.00 ? 18 TRP A O    1 
ATOM 267  C CB   . TRP A 1 18 ? -7.628  -15.445 -4.542  1.00 0.00 ? 18 TRP A CB   1 
ATOM 268  C CG   . TRP A 1 18 ? -7.941  -14.574 -5.715  1.00 0.00 ? 18 TRP A CG   1 
ATOM 269  C CD1  . TRP A 1 18 ? -7.039  -13.830 -6.378  1.00 0.00 ? 18 TRP A CD1  1 
ATOM 270  C CD2  . TRP A 1 18 ? -9.227  -14.284 -6.339  1.00 0.00 ? 18 TRP A CD2  1 
ATOM 271  N NE1  . TRP A 1 18 ? -7.648  -13.124 -7.391  1.00 0.00 ? 18 TRP A NE1  1 
ATOM 272  C CE2  . TRP A 1 18 ? -9.009  -13.360 -7.405  1.00 0.00 ? 18 TRP A CE2  1 
ATOM 273  C CE3  . TRP A 1 18 ? -10.560 -14.688 -6.104  1.00 0.00 ? 18 TRP A CE3  1 
ATOM 274  C CZ2  . TRP A 1 18 ? -10.055 -12.873 -8.202  1.00 0.00 ? 18 TRP A CZ2  1 
ATOM 275  C CZ3  . TRP A 1 18 ? -11.618 -14.192 -6.891  1.00 0.00 ? 18 TRP A CZ3  1 
ATOM 276  C CH2  . TRP A 1 18 ? -11.367 -13.295 -7.942  1.00 0.00 ? 18 TRP A CH2  1 
ATOM 277  H H    . TRP A 1 18 ? -6.981  -16.794 -2.567  1.00 0.00 ? 18 TRP A H    1 
ATOM 278  H HA   . TRP A 1 18 ? -5.456  -15.352 -4.512  1.00 0.00 ? 18 TRP A HA   1 
ATOM 279  H HB2  . TRP A 1 18 ? -7.696  -16.485 -4.839  1.00 0.00 ? 18 TRP A HB2  1 
ATOM 280  H HB3  . TRP A 1 18 ? -8.410  -15.242 -3.827  1.00 0.00 ? 18 TRP A HB3  1 
ATOM 281  H HD1  . TRP A 1 18 ? -6.004  -13.802 -6.098  1.00 0.00 ? 18 TRP A HD1  1 
ATOM 282  H HE1  . TRP A 1 18 ? -7.186  -12.494 -8.030  1.00 0.00 ? 18 TRP A HE1  1 
ATOM 283  H HE3  . TRP A 1 18 ? -10.771 -15.379 -5.301  1.00 0.00 ? 18 TRP A HE3  1 
ATOM 284  H HZ2  . TRP A 1 18 ? -9.853  -12.173 -9.001  1.00 0.00 ? 18 TRP A HZ2  1 
ATOM 285  H HZ3  . TRP A 1 18 ? -12.633 -14.495 -6.682  1.00 0.00 ? 18 TRP A HZ3  1 
ATOM 286  H HH2  . TRP A 1 18 ? -12.184 -12.923 -8.543  1.00 0.00 ? 18 TRP A HH2  1 
ATOM 287  N N    . THR A 1 19 ? -7.042  -13.668 -2.140  1.00 0.00 ? 19 THR A N    1 
ATOM 288  C CA   . THR A 1 19 ? -7.120  -12.454 -1.341  1.00 0.00 ? 19 THR A CA   1 
ATOM 289  C C    . THR A 1 19 ? -5.726  -11.977 -0.931  1.00 0.00 ? 19 THR A C    1 
ATOM 290  O O    . THR A 1 19 ? -5.368  -10.820 -1.142  1.00 0.00 ? 19 THR A O    1 
ATOM 291  C CB   . THR A 1 19 ? -8.009  -12.717 -0.117  1.00 0.00 ? 19 THR A CB   1 
ATOM 292  O OG1  . THR A 1 19 ? -9.201  -13.367 -0.510  1.00 0.00 ? 19 THR A OG1  1 
ATOM 293  C CG2  . THR A 1 19 ? -8.352  -11.423 0.627   1.00 0.00 ? 19 THR A CG2  1 
ATOM 294  H H    . THR A 1 19 ? -7.594  -14.471 -1.873  1.00 0.00 ? 19 THR A H    1 
ATOM 295  H HA   . THR A 1 19 ? -7.572  -11.682 -1.951  1.00 0.00 ? 19 THR A HA   1 
ATOM 296  H HB   . THR A 1 19 ? -7.477  -13.378 0.564   1.00 0.00 ? 19 THR A HB   1 
ATOM 297  H HG1  . THR A 1 19 ? -9.678  -12.790 -1.113  1.00 0.00 ? 19 THR A HG1  1 
ATOM 298  H HG21 . THR A 1 19 ? -8.994  -11.653 1.479   1.00 0.00 ? 19 THR A HG21 1 
ATOM 299  H HG22 . THR A 1 19 ? -7.444  -10.944 0.993   1.00 0.00 ? 19 THR A HG22 1 
ATOM 300  H HG23 . THR A 1 19 ? -8.876  -10.736 -0.038  1.00 0.00 ? 19 THR A HG23 1 
ATOM 301  N N    . LEU A 1 20 ? -4.939  -12.896 -0.366  1.00 0.00 ? 20 LEU A N    1 
ATOM 302  C CA   . LEU A 1 20 ? -3.573  -12.642 0.069   1.00 0.00 ? 20 LEU A CA   1 
ATOM 303  C C    . LEU A 1 20 ? -2.648  -12.356 -1.116  1.00 0.00 ? 20 LEU A C    1 
ATOM 304  O O    . LEU A 1 20 ? -1.687  -11.610 -0.972  1.00 0.00 ? 20 LEU A O    1 
ATOM 305  C CB   . LEU A 1 20 ? -3.076  -13.819 0.918   1.00 0.00 ? 20 LEU A CB   1 
ATOM 306  C CG   . LEU A 1 20 ? -3.726  -13.820 2.314   1.00 0.00 ? 20 LEU A CG   1 
ATOM 307  C CD1  . LEU A 1 20 ? -3.645  -15.215 2.934   1.00 0.00 ? 20 LEU A CD1  1 
ATOM 308  C CD2  . LEU A 1 20 ? -3.025  -12.822 3.246   1.00 0.00 ? 20 LEU A CD2  1 
ATOM 309  H H    . LEU A 1 20 ? -5.305  -13.831 -0.272  1.00 0.00 ? 20 LEU A H    1 
ATOM 310  H HA   . LEU A 1 20 ? -3.578  -11.747 0.685   1.00 0.00 ? 20 LEU A HA   1 
ATOM 311  H HB2  . LEU A 1 20 ? -3.314  -14.748 0.399   1.00 0.00 ? 20 LEU A HB2  1 
ATOM 312  H HB3  . LEU A 1 20 ? -1.992  -13.763 1.029   1.00 0.00 ? 20 LEU A HB3  1 
ATOM 313  H HG   . LEU A 1 20 ? -4.782  -13.559 2.234   1.00 0.00 ? 20 LEU A HG   1 
ATOM 314  H HD11 . LEU A 1 20 ? -2.604  -15.527 3.009   1.00 0.00 ? 20 LEU A HD11 1 
ATOM 315  H HD12 . LEU A 1 20 ? -4.086  -15.198 3.930   1.00 0.00 ? 20 LEU A HD12 1 
ATOM 316  H HD13 . LEU A 1 20 ? -4.201  -15.921 2.318   1.00 0.00 ? 20 LEU A HD13 1 
ATOM 317  H HD21 . LEU A 1 20 ? -1.951  -13.011 3.264   1.00 0.00 ? 20 LEU A HD21 1 
ATOM 318  H HD22 . LEU A 1 20 ? -3.204  -11.802 2.912   1.00 0.00 ? 20 LEU A HD22 1 
ATOM 319  H HD23 . LEU A 1 20 ? -3.410  -12.925 4.260   1.00 0.00 ? 20 LEU A HD23 1 
ATOM 320  N N    . GLU A 1 21 ? -2.948  -12.920 -2.288  1.00 0.00 ? 21 GLU A N    1 
ATOM 321  C CA   . GLU A 1 21 ? -2.251  -12.684 -3.538  1.00 0.00 ? 21 GLU A CA   1 
ATOM 322  C C    . GLU A 1 21 ? -2.526  -11.281 -4.086  1.00 0.00 ? 21 GLU A C    1 
ATOM 323  O O    . GLU A 1 21 ? -1.594  -10.604 -4.512  1.00 0.00 ? 21 GLU A O    1 
ATOM 324  C CB   . GLU A 1 21 ? -2.717  -13.773 -4.510  1.00 0.00 ? 21 GLU A CB   1 
ATOM 325  C CG   . GLU A 1 21 ? -1.558  -14.628 -5.001  1.00 0.00 ? 21 GLU A CG   1 
ATOM 326  C CD   . GLU A 1 21 ? -0.745  -15.265 -3.872  1.00 0.00 ? 21 GLU A CD   1 
ATOM 327  O OE1  . GLU A 1 21 ? 0.476   -15.128 -3.868  1.00 0.00 ? 21 GLU A OE1  1 
ATOM 328  O OE2  . GLU A 1 21 ? -1.443  -15.954 -2.921  1.00 0.00 ? 21 GLU A OE2  1 
ATOM 329  H H    . GLU A 1 21 ? -3.722  -13.567 -2.341  1.00 0.00 ? 21 GLU A H    1 
ATOM 330  H HA   . GLU A 1 21 ? -1.171  -12.759 -3.377  1.00 0.00 ? 21 GLU A HA   1 
ATOM 331  H HB2  . GLU A 1 21 ? -3.406  -14.457 -4.026  1.00 0.00 ? 21 GLU A HB2  1 
ATOM 332  H HB3  . GLU A 1 21 ? -3.277  -13.355 -5.343  1.00 0.00 ? 21 GLU A HB3  1 
ATOM 333  H HG2  . GLU A 1 21 ? -2.035  -15.416 -5.564  1.00 0.00 ? 21 GLU A HG2  1 
ATOM 334  H HG3  . GLU A 1 21 ? -0.908  -14.037 -5.651  1.00 0.00 ? 21 GLU A HG3  1 
ATOM 335  H HE2  . GLU A 1 21 ? -0.898  -16.335 -2.228  1.00 0.00 ? 21 GLU A HE2  1 
ATOM 336  N N    . LEU A 1 22 ? -3.790  -10.841 -4.071  1.00 0.00 ? 22 LEU A N    1 
ATOM 337  C CA   . LEU A 1 22 ? -4.194  -9.506  -4.500  1.00 0.00 ? 22 LEU A CA   1 
ATOM 338  C C    . LEU A 1 22 ? -3.548  -8.464  -3.592  1.00 0.00 ? 22 LEU A C    1 
ATOM 339  O O    . LEU A 1 22 ? -3.026  -7.457  -4.065  1.00 0.00 ? 22 LEU A O    1 
ATOM 340  C CB   . LEU A 1 22 ? -5.724  -9.374  -4.468  1.00 0.00 ? 22 LEU A CB   1 
ATOM 341  C CG   . LEU A 1 22 ? -6.441  -10.207 -5.544  1.00 0.00 ? 22 LEU A CG   1 
ATOM 342  C CD1  . LEU A 1 22 ? -7.939  -10.257 -5.218  1.00 0.00 ? 22 LEU A CD1  1 
ATOM 343  C CD2  . LEU A 1 22 ? -6.250  -9.617  -6.947  1.00 0.00 ? 22 LEU A CD2  1 
ATOM 344  H H    . LEU A 1 22 ? -4.498  -11.440 -3.671  1.00 0.00 ? 22 LEU A H    1 
ATOM 345  H HA   . LEU A 1 22 ? -3.835  -9.333  -5.510  1.00 0.00 ? 22 LEU A HA   1 
ATOM 346  H HB2  . LEU A 1 22 ? -6.076  -9.685  -3.484  1.00 0.00 ? 22 LEU A HB2  1 
ATOM 347  H HB3  . LEU A 1 22 ? -5.994  -8.325  -4.607  1.00 0.00 ? 22 LEU A HB3  1 
ATOM 348  H HG   . LEU A 1 22 ? -6.057  -11.225 -5.541  1.00 0.00 ? 22 LEU A HG   1 
ATOM 349  H HD11 . LEU A 1 22 ? -8.344  -9.245  -5.171  1.00 0.00 ? 22 LEU A HD11 1 
ATOM 350  H HD12 . LEU A 1 22 ? -8.473  -10.816 -5.986  1.00 0.00 ? 22 LEU A HD12 1 
ATOM 351  H HD13 . LEU A 1 22 ? -8.093  -10.749 -4.258  1.00 0.00 ? 22 LEU A HD13 1 
ATOM 352  H HD21 . LEU A 1 22 ? -6.586  -8.580  -6.968  1.00 0.00 ? 22 LEU A HD21 1 
ATOM 353  H HD22 . LEU A 1 22 ? -5.202  -9.661  -7.242  1.00 0.00 ? 22 LEU A HD22 1 
ATOM 354  H HD23 . LEU A 1 22 ? -6.831  -10.191 -7.668  1.00 0.00 ? 22 LEU A HD23 1 
ATOM 355  N N    . LEU A 1 23 ? -3.569  -8.739  -2.285  1.00 0.00 ? 23 LEU A N    1 
ATOM 356  C CA   . LEU A 1 23 ? -2.905  -7.935  -1.271  1.00 0.00 ? 23 LEU A CA   1 
ATOM 357  C C    . LEU A 1 23 ? -1.434  -7.794  -1.614  1.00 0.00 ? 23 LEU A C    1 
ATOM 358  O O    . LEU A 1 23 ? -0.934  -6.686  -1.773  1.00 0.00 ? 23 LEU A O    1 
ATOM 359  C CB   . LEU A 1 23 ? -3.071  -8.622  0.089   1.00 0.00 ? 23 LEU A CB   1 
ATOM 360  C CG   . LEU A 1 23 ? -2.235  -8.025  1.232   1.00 0.00 ? 23 LEU A CG   1 
ATOM 361  C CD1  . LEU A 1 23 ? -2.677  -6.595  1.531   1.00 0.00 ? 23 LEU A CD1  1 
ATOM 362  C CD2  . LEU A 1 23 ? -2.376  -8.907  2.474   1.00 0.00 ? 23 LEU A CD2  1 
ATOM 363  H H    . LEU A 1 23 ? -4.033  -9.593  -1.997  1.00 0.00 ? 23 LEU A H    1 
ATOM 364  H HA   . LEU A 1 23 ? -3.347  -6.943  -1.275  1.00 0.00 ? 23 LEU A HA   1 
ATOM 365  H HB2  . LEU A 1 23 ? -4.122  -8.626  0.346   1.00 0.00 ? 23 LEU A HB2  1 
ATOM 366  H HB3  . LEU A 1 23 ? -2.769  -9.653  -0.021  1.00 0.00 ? 23 LEU A HB3  1 
ATOM 367  H HG   . LEU A 1 23 ? -1.176  -8.011  0.971   1.00 0.00 ? 23 LEU A HG   1 
ATOM 368  H HD11 . LEU A 1 23 ? -3.747  -6.572  1.738   1.00 0.00 ? 23 LEU A HD11 1 
ATOM 369  H HD12 . LEU A 1 23 ? -2.131  -6.204  2.389   1.00 0.00 ? 23 LEU A HD12 1 
ATOM 370  H HD13 . LEU A 1 23 ? -2.461  -5.974  0.664   1.00 0.00 ? 23 LEU A HD13 1 
ATOM 371  H HD21 . LEU A 1 23 ? -3.428  -9.053  2.712   1.00 0.00 ? 23 LEU A HD21 1 
ATOM 372  H HD22 . LEU A 1 23 ? -1.918  -9.878  2.280   1.00 0.00 ? 23 LEU A HD22 1 
ATOM 373  H HD23 . LEU A 1 23 ? -1.872  -8.445  3.324   1.00 0.00 ? 23 LEU A HD23 1 
ATOM 374  N N    . GLU A 1 24 ? -0.764  -8.939  -1.725  1.00 0.00 ? 24 GLU A N    1 
ATOM 375  C CA   . GLU A 1 24 ? 0.630   -9.062  -2.113  1.00 0.00 ? 24 GLU A CA   1 
ATOM 376  C C    . GLU A 1 24 ? 0.955   -8.278  -3.382  1.00 0.00 ? 24 GLU A C    1 
ATOM 377  O O    . GLU A 1 24 ? 2.026   -7.686  -3.476  1.00 0.00 ? 24 GLU A O    1 
ATOM 378  C CB   . GLU A 1 24 ? 0.966   -10.549 -2.246  1.00 0.00 ? 24 GLU A CB   1 
ATOM 379  C CG   . GLU A 1 24 ? 1.326   -11.105 -0.867  1.00 0.00 ? 24 GLU A CG   1 
ATOM 380  C CD   . GLU A 1 24 ? 2.732   -10.705 -0.424  1.00 0.00 ? 24 GLU A CD   1 
ATOM 381  O OE1  . GLU A 1 24 ? 2.869   -9.908  0.504   1.00 0.00 ? 24 GLU A OE1  1 
ATOM 382  O OE2  . GLU A 1 24 ? 3.762   -11.278 -1.109  1.00 0.00 ? 24 GLU A OE2  1 
ATOM 383  H H    . GLU A 1 24 ? -1.280  -9.785  -1.518  1.00 0.00 ? 24 GLU A H    1 
ATOM 384  H HA   . GLU A 1 24 ? 1.235   -8.641  -1.318  1.00 0.00 ? 24 GLU A HA   1 
ATOM 385  H HB2  . GLU A 1 24 ? 0.103   -11.077 -2.636  1.00 0.00 ? 24 GLU A HB2  1 
ATOM 386  H HB3  . GLU A 1 24 ? 1.773   -10.737 -2.943  1.00 0.00 ? 24 GLU A HB3  1 
ATOM 387  H HG2  . GLU A 1 24 ? 0.605   -10.750 -0.136  1.00 0.00 ? 24 GLU A HG2  1 
ATOM 388  H HG3  . GLU A 1 24 ? 1.254   -12.184 -0.915  1.00 0.00 ? 24 GLU A HG3  1 
ATOM 389  H HE2  . GLU A 1 24 ? 4.624   -10.998 -0.795  1.00 0.00 ? 24 GLU A HE2  1 
ATOM 390  N N    . GLU A 1 25 ? 0.025   -8.248  -4.339  1.00 0.00 ? 25 GLU A N    1 
ATOM 391  C CA   . GLU A 1 25 ? 0.160   -7.504  -5.577  1.00 0.00 ? 25 GLU A CA   1 
ATOM 392  C C    . GLU A 1 25 ? 0.195   -6.011  -5.301  1.00 0.00 ? 25 GLU A C    1 
ATOM 393  O O    . GLU A 1 25 ? 1.119   -5.322  -5.727  1.00 0.00 ? 25 GLU A O    1 
ATOM 394  C CB   . GLU A 1 25 ? -1.020  -7.844  -6.499  1.00 0.00 ? 25 GLU A CB   1 
ATOM 395  C CG   . GLU A 1 25 ? -0.565  -8.189  -7.914  1.00 0.00 ? 25 GLU A CG   1 
ATOM 396  C CD   . GLU A 1 25 ? -1.753  -8.527  -8.809  1.00 0.00 ? 25 GLU A CD   1 
ATOM 397  O OE1  . GLU A 1 25 ? -2.038  -7.783  -9.744  1.00 0.00 ? 25 GLU A OE1  1 
ATOM 398  O OE2  . GLU A 1 25 ? -2.432  -9.666  -8.493  1.00 0.00 ? 25 GLU A OE2  1 
ATOM 399  H H    . GLU A 1 25 ? -0.836  -8.755  -4.192  1.00 0.00 ? 25 GLU A H    1 
ATOM 400  H HA   . GLU A 1 25 ? 1.112   -7.778  -6.027  1.00 0.00 ? 25 GLU A HA   1 
ATOM 401  H HB2  . GLU A 1 25 ? -1.572  -8.678  -6.089  1.00 0.00 ? 25 GLU A HB2  1 
ATOM 402  H HB3  . GLU A 1 25 ? -1.715  -7.013  -6.545  1.00 0.00 ? 25 GLU A HB3  1 
ATOM 403  H HG2  . GLU A 1 25 ? -0.026  -7.336  -8.324  1.00 0.00 ? 25 GLU A HG2  1 
ATOM 404  H HG3  . GLU A 1 25 ? 0.103   -9.047  -7.871  1.00 0.00 ? 25 GLU A HG3  1 
ATOM 405  H HE2  . GLU A 1 25 ? -3.169  -9.829  -9.088  1.00 0.00 ? 25 GLU A HE2  1 
ATOM 406  N N    . LEU A 1 26 ? -0.822  -5.524  -4.589  1.00 0.00 ? 26 LEU A N    1 
ATOM 407  C CA   . LEU A 1 26 ? -0.935  -4.103  -4.270  1.00 0.00 ? 26 LEU A CA   1 
ATOM 408  C C    . LEU A 1 26 ? 0.226   -3.647  -3.380  1.00 0.00 ? 26 LEU A C    1 
ATOM 409  O O    . LEU A 1 26 ? 0.698   -2.518  -3.503  1.00 0.00 ? 26 LEU A O    1 
ATOM 410  C CB   . LEU A 1 26 ? -2.295  -3.800  -3.630  1.00 0.00 ? 26 LEU A CB   1 
ATOM 411  C CG   . LEU A 1 26 ? -3.472  -3.979  -4.605  1.00 0.00 ? 26 LEU A CG   1 
ATOM 412  C CD1  . LEU A 1 26 ? -4.785  -3.806  -3.838  1.00 0.00 ? 26 LEU A CD1  1 
ATOM 413  C CD2  . LEU A 1 26 ? -3.448  -2.959  -5.753  1.00 0.00 ? 26 LEU A CD2  1 
ATOM 414  H H    . LEU A 1 26 ? -1.515  -6.191  -4.253  1.00 0.00 ? 26 LEU A H    1 
ATOM 415  H HA   . LEU A 1 26 ? -0.850  -3.536  -5.194  1.00 0.00 ? 26 LEU A HA   1 
ATOM 416  H HB2  . LEU A 1 26 ? -2.430  -4.461  -2.773  1.00 0.00 ? 26 LEU A HB2  1 
ATOM 417  H HB3  . LEU A 1 26 ? -2.295  -2.769  -3.270  1.00 0.00 ? 26 LEU A HB3  1 
ATOM 418  H HG   . LEU A 1 26 ? -3.455  -4.984  -5.027  1.00 0.00 ? 26 LEU A HG   1 
ATOM 419  H HD11 . LEU A 1 26 ? -4.833  -4.527  -3.024  1.00 0.00 ? 26 LEU A HD11 1 
ATOM 420  H HD12 . LEU A 1 26 ? -4.844  -2.793  -3.436  1.00 0.00 ? 26 LEU A HD12 1 
ATOM 421  H HD13 . LEU A 1 26 ? -5.628  -3.973  -4.509  1.00 0.00 ? 26 LEU A HD13 1 
ATOM 422  H HD21 . LEU A 1 26 ? -3.365  -1.947  -5.355  1.00 0.00 ? 26 LEU A HD21 1 
ATOM 423  H HD22 . LEU A 1 26 ? -2.615  -3.152  -6.427  1.00 0.00 ? 26 LEU A HD22 1 
ATOM 424  H HD23 . LEU A 1 26 ? -4.370  -3.036  -6.330  1.00 0.00 ? 26 LEU A HD23 1 
ATOM 425  N N    . LYS A 1 27 ? 0.706   -4.541  -2.512  1.00 0.00 ? 27 LYS A N    1 
ATOM 426  C CA   . LYS A 1 27 ? 1.839   -4.303  -1.641  1.00 0.00 ? 27 LYS A CA   1 
ATOM 427  C C    . LYS A 1 27 ? 3.114   -4.171  -2.449  1.00 0.00 ? 27 LYS A C    1 
ATOM 428  O O    . LYS A 1 27 ? 3.889   -3.248  -2.226  1.00 0.00 ? 27 LYS A O    1 
ATOM 429  C CB   . LYS A 1 27 ? 1.961   -5.459  -0.649  1.00 0.00 ? 27 LYS A CB   1 
ATOM 430  C CG   . LYS A 1 27 ? 2.916   -5.135  0.505   1.00 0.00 ? 27 LYS A CG   1 
ATOM 431  C CD   . LYS A 1 27 ? 3.037   -6.352  1.428   1.00 0.00 ? 27 LYS A CD   1 
ATOM 432  C CE   . LYS A 1 27 ? 4.029   -6.076  2.561   1.00 0.00 ? 27 LYS A CE   1 
ATOM 433  N NZ   . LYS A 1 27 ? 4.166   -7.245  3.447   1.00 0.00 ? 27 LYS A NZ   1 
ATOM 434  H H    . LYS A 1 27 ? 0.279   -5.456  -2.476  1.00 0.00 ? 27 LYS A H    1 
ATOM 435  H HA   . LYS A 1 27 ? 1.675   -3.366  -1.124  1.00 0.00 ? 27 LYS A HA   1 
ATOM 436  H HB2  . LYS A 1 27 ? 0.975   -5.688  -0.262  1.00 0.00 ? 27 LYS A HB2  1 
ATOM 437  H HB3  . LYS A 1 27 ? 2.325   -6.337  -1.176  1.00 0.00 ? 27 LYS A HB3  1 
ATOM 438  H HG2  . LYS A 1 27 ? 3.902   -4.887  0.110   1.00 0.00 ? 27 LYS A HG2  1 
ATOM 439  H HG3  . LYS A 1 27 ? 2.532   -4.282  1.067   1.00 0.00 ? 27 LYS A HG3  1 
ATOM 440  H HD2  . LYS A 1 27 ? 2.056   -6.585  1.846   1.00 0.00 ? 27 LYS A HD2  1 
ATOM 441  H HD3  . LYS A 1 27 ? 3.386   -7.206  0.845   1.00 0.00 ? 27 LYS A HD3  1 
ATOM 442  H HE2  . LYS A 1 27 ? 5.007   -5.841  2.136   1.00 0.00 ? 27 LYS A HE2  1 
ATOM 443  H HE3  . LYS A 1 27 ? 3.685   -5.224  3.147   1.00 0.00 ? 27 LYS A HE3  1 
ATOM 444  H HZ1  . LYS A 1 27 ? 4.489   -8.040  2.913   1.00 0.00 ? 27 LYS A HZ1  1 
ATOM 445  H HZ2  . LYS A 1 27 ? 4.832   -7.041  4.178   1.00 0.00 ? 27 LYS A HZ2  1 
ATOM 446  H HZ3  . LYS A 1 27 ? 3.271   -7.464  3.862   1.00 0.00 ? 27 LYS A HZ3  1 
ATOM 447  N N    . ASN A 1 28 ? 3.322   -5.108  -3.374  1.00 0.00 ? 28 ASN A N    1 
ATOM 448  C CA   . ASN A 1 28 ? 4.485   -5.110  -4.250  1.00 0.00 ? 28 ASN A CA   1 
ATOM 449  C C    . ASN A 1 28 ? 4.523   -3.835  -5.077  1.00 0.00 ? 28 ASN A C    1 
ATOM 450  O O    . ASN A 1 28 ? 5.553   -3.170  -5.167  1.00 0.00 ? 28 ASN A O    1 
ATOM 451  C CB   . ASN A 1 28 ? 4.436   -6.326  -5.175  1.00 0.00 ? 28 ASN A CB   1 
ATOM 452  C CG   . ASN A 1 28 ? 5.721   -6.524  -5.982  1.00 0.00 ? 28 ASN A CG   1 
ATOM 453  O OD1  . ASN A 1 28 ? 6.762   -5.949  -5.673  1.00 0.00 ? 28 ASN A OD1  1 
ATOM 454  N ND2  . ASN A 1 28 ? 5.647   -7.347  -7.028  1.00 0.00 ? 28 ASN A ND2  1 
ATOM 455  H H    . ASN A 1 28 ? 2.627   -5.845  -3.452  1.00 0.00 ? 28 ASN A H    1 
ATOM 456  H HA   . ASN A 1 28 ? 5.367   -5.148  -3.620  1.00 0.00 ? 28 ASN A HA   1 
ATOM 457  H HB2  . ASN A 1 28 ? 4.248   -7.207  -4.575  1.00 0.00 ? 28 ASN A HB2  1 
ATOM 458  H HB3  . ASN A 1 28 ? 3.604   -6.209  -5.863  1.00 0.00 ? 28 ASN A HB3  1 
ATOM 459  H HD21 . ASN A 1 28 ? 4.775   -7.806  -7.252  1.00 0.00 ? 28 ASN A HD21 1 
ATOM 460  H HD22 . ASN A 1 28 ? 6.469   -7.513  -7.589  1.00 0.00 ? 28 ASN A HD22 1 
ATOM 461  N N    . GLU A 1 29 ? 3.370   -3.512  -5.663  1.00 0.00 ? 29 GLU A N    1 
ATOM 462  C CA   . GLU A 1 29 ? 3.172   -2.311  -6.458  1.00 0.00 ? 29 GLU A CA   1 
ATOM 463  C C    . GLU A 1 29 ? 3.628   -1.098  -5.668  1.00 0.00 ? 29 GLU A C    1 
ATOM 464  O O    . GLU A 1 29 ? 4.446   -0.312  -6.144  1.00 0.00 ? 29 GLU A O    1 
ATOM 465  C CB   . GLU A 1 29 ? 1.701   -2.190  -6.874  1.00 0.00 ? 29 GLU A CB   1 
ATOM 466  C CG   . GLU A 1 29 ? 1.466   -1.190  -8.016  1.00 0.00 ? 29 GLU A CG   1 
ATOM 467  C CD   . GLU A 1 29 ? 1.706   0.263   -7.605  1.00 0.00 ? 29 GLU A CD   1 
ATOM 468  O OE1  . GLU A 1 29 ? 1.080   0.735   -6.658  1.00 0.00 ? 29 GLU A OE1  1 
ATOM 469  O OE2  . GLU A 1 29 ? 2.630   0.948   -8.336  1.00 0.00 ? 29 GLU A OE2  1 
ATOM 470  H H    . GLU A 1 29 ? 2.593   -4.144  -5.501  1.00 0.00 ? 29 GLU A H    1 
ATOM 471  H HA   . GLU A 1 29 ? 3.798   -2.390  -7.338  1.00 0.00 ? 29 GLU A HA   1 
ATOM 472  H HB2  . GLU A 1 29 ? 1.359   -3.168  -7.199  1.00 0.00 ? 29 GLU A HB2  1 
ATOM 473  H HB3  . GLU A 1 29 ? 1.100   -1.905  -6.015  1.00 0.00 ? 29 GLU A HB3  1 
ATOM 474  H HG2  . GLU A 1 29 ? 2.111   -1.447  -8.857  1.00 0.00 ? 29 GLU A HG2  1 
ATOM 475  H HG3  . GLU A 1 29 ? 0.429   -1.277  -8.342  1.00 0.00 ? 29 GLU A HG3  1 
ATOM 476  H HE2  . GLU A 1 29 ? 2.742   1.850   -8.030  1.00 0.00 ? 29 GLU A HE2  1 
ATOM 477  N N    . ALA A 1 30 ? 3.093   -0.969  -4.453  1.00 0.00 ? 30 ALA A N    1 
ATOM 478  C CA   . ALA A 1 30 ? 3.425   0.165   -3.619  1.00 0.00 ? 30 ALA A CA   1 
ATOM 479  C C    . ALA A 1 30 ? 4.900   0.173   -3.238  1.00 0.00 ? 30 ALA A C    1 
ATOM 480  O O    . ALA A 1 30 ? 5.548   1.176   -3.494  1.00 0.00 ? 30 ALA A O    1 
ATOM 481  C CB   . ALA A 1 30 ? 2.546   0.257   -2.370  1.00 0.00 ? 30 ALA A CB   1 
ATOM 482  H H    . ALA A 1 30 ? 2.421   -1.664  -4.145  1.00 0.00 ? 30 ALA A H    1 
ATOM 483  H HA   . ALA A 1 30 ? 3.232   1.061   -4.212  1.00 0.00 ? 30 ALA A HA   1 
ATOM 484  H HB1  . ALA A 1 30 ? 2.589   -0.658  -1.786  1.00 0.00 ? 30 ALA A HB1  1 
ATOM 485  H HB2  . ALA A 1 30 ? 2.921   1.075   -1.750  1.00 0.00 ? 30 ALA A HB2  1 
ATOM 486  H HB3  . ALA A 1 30 ? 1.515   0.479   -2.648  1.00 0.00 ? 30 ALA A HB3  1 
ATOM 487  N N    . VAL A 1 31 ? 5.445   -0.906  -2.660  1.00 0.00 ? 31 VAL A N    1 
ATOM 488  C CA   . VAL A 1 31 ? 6.816   -0.902  -2.156  1.00 0.00 ? 31 VAL A CA   1 
ATOM 489  C C    . VAL A 1 31 ? 7.876   -0.705  -3.238  1.00 0.00 ? 31 VAL A C    1 
ATOM 490  O O    . VAL A 1 31 ? 8.932   -0.142  -2.956  1.00 0.00 ? 31 VAL A O    1 
ATOM 491  C CB   . VAL A 1 31 ? 7.072   -2.126  -1.266  1.00 0.00 ? 31 VAL A CB   1 
ATOM 492  C CG1  . VAL A 1 31 ? 7.301   -3.411  -2.051  1.00 0.00 ? 31 VAL A CG1  1 
ATOM 493  C CG2  . VAL A 1 31 ? 8.252   -1.895  -0.313  1.00 0.00 ? 31 VAL A CG2  1 
ATOM 494  H H    . VAL A 1 31 ? 4.901   -1.751  -2.533  1.00 0.00 ? 31 VAL A H    1 
ATOM 495  H HA   . VAL A 1 31 ? 6.873   -0.037  -1.503  1.00 0.00 ? 31 VAL A HA   1 
ATOM 496  H HB   . VAL A 1 31 ? 6.174   -2.287  -0.680  1.00 0.00 ? 31 VAL A HB   1 
ATOM 497  H HG11 . VAL A 1 31 ? 6.500   -3.510  -2.775  1.00 0.00 ? 31 VAL A HG11 1 
ATOM 498  H HG12 . VAL A 1 31 ? 8.261   -3.379  -2.560  1.00 0.00 ? 31 VAL A HG12 1 
ATOM 499  H HG13 . VAL A 1 31 ? 7.276   -4.255  -1.361  1.00 0.00 ? 31 VAL A HG13 1 
ATOM 500  H HG21 . VAL A 1 31 ? 8.098   -0.985  0.268   1.00 0.00 ? 31 VAL A HG21 1 
ATOM 501  H HG22 . VAL A 1 31 ? 8.339   -2.738  0.373   1.00 0.00 ? 31 VAL A HG22 1 
ATOM 502  H HG23 . VAL A 1 31 ? 9.183   -1.804  -0.874  1.00 0.00 ? 31 VAL A HG23 1 
ATOM 503  N N    . ARG A 1 32 ? 7.592   -1.134  -4.472  1.00 0.00 ? 32 ARG A N    1 
ATOM 504  C CA   . ARG A 1 32 ? 8.477   -0.905  -5.609  1.00 0.00 ? 32 ARG A CA   1 
ATOM 505  C C    . ARG A 1 32 ? 8.760   0.592   -5.763  1.00 0.00 ? 32 ARG A C    1 
ATOM 506  O O    . ARG A 1 32 ? 9.909   1.027   -5.793  1.00 0.00 ? 32 ARG A O    1 
ATOM 507  C CB   . ARG A 1 32 ? 7.812   -1.470  -6.865  1.00 0.00 ? 32 ARG A CB   1 
ATOM 508  C CG   . ARG A 1 32 ? 8.721   -1.388  -8.096  1.00 0.00 ? 32 ARG A CG   1 
ATOM 509  C CD   . ARG A 1 32 ? 8.020   -2.019  -9.302  1.00 0.00 ? 32 ARG A CD   1 
ATOM 510  N NE   . ARG A 1 32 ? 8.866   -1.946  -10.499 1.00 0.00 ? 32 ARG A NE   1 
ATOM 511  C CZ   . ARG A 1 32 ? 8.521   -2.411  -11.712 1.00 0.00 ? 32 ARG A CZ   1 
ATOM 512  N NH1  . ARG A 1 32 ? 7.332   -2.999  -11.905 1.00 0.00 ? 32 ARG A NH1  1 
ATOM 513  N NH2  . ARG A 1 32 ? 9.375   -2.288  -12.737 1.00 0.00 ? 32 ARG A NH2  1 
ATOM 514  H H    . ARG A 1 32 ? 6.709   -1.606  -4.638  1.00 0.00 ? 32 ARG A H    1 
ATOM 515  H HA   . ARG A 1 32 ? 9.410   -1.436  -5.443  1.00 0.00 ? 32 ARG A HA   1 
ATOM 516  H HB2  . ARG A 1 32 ? 7.561   -2.509  -6.676  1.00 0.00 ? 32 ARG A HB2  1 
ATOM 517  H HB3  . ARG A 1 32 ? 6.888   -0.931  -7.055  1.00 0.00 ? 32 ARG A HB3  1 
ATOM 518  H HG2  . ARG A 1 32 ? 8.949   -0.346  -8.322  1.00 0.00 ? 32 ARG A HG2  1 
ATOM 519  H HG3  . ARG A 1 32 ? 9.651   -1.923  -7.896  1.00 0.00 ? 32 ARG A HG3  1 
ATOM 520  H HD2  . ARG A 1 32 ? 7.802   -3.065  -9.078  1.00 0.00 ? 32 ARG A HD2  1 
ATOM 521  H HD3  . ARG A 1 32 ? 7.085   -1.487  -9.486  1.00 0.00 ? 32 ARG A HD3  1 
ATOM 522  H HE   . ARG A 1 32 ? 9.770   -1.508  -10.389 1.00 0.00 ? 32 ARG A HE   1 
ATOM 523  H HH11 . ARG A 1 32 ? 6.685   -3.094  -11.135 1.00 0.00 ? 32 ARG A HH11 1 
ATOM 524  H HH12 . ARG A 1 32 ? 7.075   -3.348  -12.817 1.00 0.00 ? 32 ARG A HH12 1 
ATOM 525  H HH21 . ARG A 1 32 ? 10.272  -1.847  -12.598 1.00 0.00 ? 32 ARG A HH21 1 
ATOM 526  H HH22 . ARG A 1 32 ? 9.127   -2.634  -13.653 1.00 0.00 ? 32 ARG A HH22 1 
ATOM 527  N N    . HIS A 1 33 ? 7.673   1.359   -5.851  1.00 0.00 ? 33 HIS A N    1 
ATOM 528  C CA   . HIS A 1 33 ? 7.654   2.808   -6.001  1.00 0.00 ? 33 HIS A CA   1 
ATOM 529  C C    . HIS A 1 33 ? 7.986   3.539   -4.689  1.00 0.00 ? 33 HIS A C    1 
ATOM 530  O O    . HIS A 1 33 ? 8.584   4.613   -4.706  1.00 0.00 ? 33 HIS A O    1 
ATOM 531  C CB   . HIS A 1 33 ? 6.243   3.178   -6.473  1.00 0.00 ? 33 HIS A CB   1 
ATOM 532  C CG   . HIS A 1 33 ? 5.972   4.633   -6.739  1.00 0.00 ? 33 HIS A CG   1 
ATOM 533  N ND1  . HIS A 1 33 ? 6.970   5.579   -6.973  1.00 0.00 ? 33 HIS A ND1  1 
ATOM 534  C CD2  . HIS A 1 33 ? 4.755   5.236   -6.860  1.00 0.00 ? 33 HIS A CD2  1 
ATOM 535  C CE1  . HIS A 1 33 ? 6.310   6.723   -7.178  1.00 0.00 ? 33 HIS A CE1  1 
ATOM 536  N NE2  . HIS A 1 33 ? 4.977   6.572   -7.113  1.00 0.00 ? 33 HIS A NE2  1 
ATOM 537  H H    . HIS A 1 33 ? 6.788   0.869   -5.826  1.00 0.00 ? 33 HIS A H    1 
ATOM 538  H HA   . HIS A 1 33 ? 8.365   3.101   -6.770  1.00 0.00 ? 33 HIS A HA   1 
ATOM 539  H HB2  . HIS A 1 33 ? 5.992   2.651   -7.393  1.00 0.00 ? 33 HIS A HB2  1 
ATOM 540  H HB3  . HIS A 1 33 ? 5.542   2.852   -5.708  1.00 0.00 ? 33 HIS A HB3  1 
ATOM 541  H HD2  . HIS A 1 33 ? 3.813   4.719   -6.779  1.00 0.00 ? 33 HIS A HD2  1 
ATOM 542  H HE1  . HIS A 1 33 ? 6.796   7.665   -7.385  1.00 0.00 ? 33 HIS A HE1  1 
ATOM 543  H HE2  . HIS A 1 33 ? 4.271   7.282   -7.245  1.00 0.00 ? 33 HIS A HE2  1 
ATOM 544  N N    . PHE A 1 34 ? 7.601   2.944   -3.557  1.00 0.00 ? 34 PHE A N    1 
ATOM 545  C CA   . PHE A 1 34 ? 7.683   3.486   -2.208  1.00 0.00 ? 34 PHE A CA   1 
ATOM 546  C C    . PHE A 1 34 ? 8.468   2.537   -1.293  1.00 0.00 ? 34 PHE A C    1 
ATOM 547  O O    . PHE A 1 34 ? 7.871   1.907   -0.421  1.00 0.00 ? 34 PHE A O    1 
ATOM 548  C CB   . PHE A 1 34 ? 6.218   3.662   -1.759  1.00 0.00 ? 34 PHE A CB   1 
ATOM 549  C CG   . PHE A 1 34 ? 5.910   4.414   -0.482  1.00 0.00 ? 34 PHE A CG   1 
ATOM 550  C CD1  . PHE A 1 34 ? 5.615   5.789   -0.563  1.00 0.00 ? 34 PHE A CD1  1 
ATOM 551  C CD2  . PHE A 1 34 ? 5.479   3.688   0.648   1.00 0.00 ? 34 PHE A CD2  1 
ATOM 552  C CE1  . PHE A 1 34 ? 4.937   6.433   0.483   1.00 0.00 ? 34 PHE A CE1  1 
ATOM 553  C CE2  . PHE A 1 34 ? 4.817   4.335   1.701   1.00 0.00 ? 34 PHE A CE2  1 
ATOM 554  C CZ   . PHE A 1 34 ? 4.576   5.716   1.636   1.00 0.00 ? 34 PHE A CZ   1 
ATOM 555  H H    . PHE A 1 34 ? 7.172   2.035   -3.645  1.00 0.00 ? 34 PHE A H    1 
ATOM 556  H HA   . PHE A 1 34 ? 8.167   4.463   -2.216  1.00 0.00 ? 34 PHE A HA   1 
ATOM 557  H HB2  . PHE A 1 34 ? 5.698   4.177   -2.565  1.00 0.00 ? 34 PHE A HB2  1 
ATOM 558  H HB3  . PHE A 1 34 ? 5.758   2.681   -1.664  1.00 0.00 ? 34 PHE A HB3  1 
ATOM 559  H HD1  . PHE A 1 34 ? 5.822   6.349   -1.462  1.00 0.00 ? 34 PHE A HD1  1 
ATOM 560  H HD2  . PHE A 1 34 ? 5.572   2.614   0.690   1.00 0.00 ? 34 PHE A HD2  1 
ATOM 561  H HE1  . PHE A 1 34 ? 4.634   7.460   0.352   1.00 0.00 ? 34 PHE A HE1  1 
ATOM 562  H HE2  . PHE A 1 34 ? 4.421   3.747   2.513   1.00 0.00 ? 34 PHE A HE2  1 
ATOM 563  H HZ   . PHE A 1 34 ? 4.065   6.207   2.446   1.00 0.00 ? 34 PHE A HZ   1 
ATOM 564  N N    . PRO A 1 35 ? 9.798   2.424   -1.462  1.00 0.00 ? 35 PRO A N    1 
ATOM 565  C CA   . PRO A 1 35 ? 10.654  1.571   -0.643  1.00 0.00 ? 35 PRO A CA   1 
ATOM 566  C C    . PRO A 1 35 ? 10.854  2.249   0.716   1.00 0.00 ? 35 PRO A C    1 
ATOM 567  O O    . PRO A 1 35 ? 11.915  2.800   1.005   1.00 0.00 ? 35 PRO A O    1 
ATOM 568  C CB   . PRO A 1 35 ? 11.948  1.429   -1.448  1.00 0.00 ? 35 PRO A CB   1 
ATOM 569  C CG   . PRO A 1 35 ? 12.044  2.766   -2.183  1.00 0.00 ? 35 PRO A CG   1 
ATOM 570  C CD   . PRO A 1 35 ? 10.583  3.107   -2.478  1.00 0.00 ? 35 PRO A CD   1 
ATOM 571  H HA   . PRO A 1 35 ? 10.209  0.585   -0.498  1.00 0.00 ? 35 PRO A HA   1 
ATOM 572  H HB2  . PRO A 1 35 ? 12.823  1.221   -0.832  1.00 0.00 ? 35 PRO A HB2  1 
ATOM 573  H HB3  . PRO A 1 35 ? 11.820  0.634   -2.185  1.00 0.00 ? 35 PRO A HB3  1 
ATOM 574  H HG2  . PRO A 1 35 ? 12.468  3.519   -1.518  1.00 0.00 ? 35 PRO A HG2  1 
ATOM 575  H HG3  . PRO A 1 35 ? 12.641  2.694   -3.093  1.00 0.00 ? 35 PRO A HG3  1 
ATOM 576  H HD2  . PRO A 1 35 ? 10.441  4.187   -2.448  1.00 0.00 ? 35 PRO A HD2  1 
ATOM 577  H HD3  . PRO A 1 35 ? 10.312  2.720   -3.458  1.00 0.00 ? 35 PRO A HD3  1 
ATOM 578  N N    . ARG A 1 36 ? 9.805   2.200   1.542   1.00 0.00 ? 36 ARG A N    1 
ATOM 579  C CA   . ARG A 1 36 ? 9.715   2.872   2.824   1.00 0.00 ? 36 ARG A CA   1 
ATOM 580  C C    . ARG A 1 36 ? 9.939   1.932   4.013   1.00 0.00 ? 36 ARG A C    1 
ATOM 581  O O    . ARG A 1 36 ? 10.527  2.359   5.004   1.00 0.00 ? 36 ARG A O    1 
ATOM 582  C CB   . ARG A 1 36 ? 8.330   3.530   2.893   1.00 0.00 ? 36 ARG A CB   1 
ATOM 583  C CG   . ARG A 1 36 ? 8.219   4.621   3.961   1.00 0.00 ? 36 ARG A CG   1 
ATOM 584  C CD   . ARG A 1 36 ? 8.818   5.957   3.505   1.00 0.00 ? 36 ARG A CD   1 
ATOM 585  N NE   . ARG A 1 36 ? 8.581   7.005   4.507   1.00 0.00 ? 36 ARG A NE   1 
ATOM 586  C CZ   . ARG A 1 36 ? 7.420   7.657   4.694   1.00 0.00 ? 36 ARG A CZ   1 
ATOM 587  N NH1  . ARG A 1 36 ? 6.360   7.418   3.909   1.00 0.00 ? 36 ARG A NH1  1 
ATOM 588  N NH2  . ARG A 1 36 ? 7.319   8.556   5.682   1.00 0.00 ? 36 ARG A NH2  1 
ATOM 589  H H    . ARG A 1 36 ? 8.970   1.738   1.205   1.00 0.00 ? 36 ARG A H    1 
ATOM 590  H HA   . ARG A 1 36 ? 10.460  3.664   2.865   1.00 0.00 ? 36 ARG A HA   1 
ATOM 591  H HB2  . ARG A 1 36 ? 8.085   3.975   1.926   1.00 0.00 ? 36 ARG A HB2  1 
ATOM 592  H HB3  . ARG A 1 36 ? 7.593   2.755   3.102   1.00 0.00 ? 36 ARG A HB3  1 
ATOM 593  H HG2  . ARG A 1 36 ? 7.158   4.770   4.165   1.00 0.00 ? 36 ARG A HG2  1 
ATOM 594  H HG3  . ARG A 1 36 ? 8.714   4.304   4.877   1.00 0.00 ? 36 ARG A HG3  1 
ATOM 595  H HD2  . ARG A 1 36 ? 9.896   5.845   3.379   1.00 0.00 ? 36 ARG A HD2  1 
ATOM 596  H HD3  . ARG A 1 36 ? 8.394   6.253   2.545   1.00 0.00 ? 36 ARG A HD3  1 
ATOM 597  H HE   . ARG A 1 36 ? 9.358   7.225   5.114   1.00 0.00 ? 36 ARG A HE   1 
ATOM 598  H HH11 . ARG A 1 36 ? 6.427   6.741   3.164   1.00 0.00 ? 36 ARG A HH11 1 
ATOM 599  H HH12 . ARG A 1 36 ? 5.489   7.905   4.063   1.00 0.00 ? 36 ARG A HH12 1 
ATOM 600  H HH21 . ARG A 1 36 ? 8.111   8.744   6.280   1.00 0.00 ? 36 ARG A HH21 1 
ATOM 601  H HH22 . ARG A 1 36 ? 6.451   9.050   5.836   1.00 0.00 ? 36 ARG A HH22 1 
ATOM 602  N N    . ILE A 1 37 ? 9.427   0.691   3.946   1.00 0.00 ? 37 ILE A N    1 
ATOM 603  C CA   . ILE A 1 37 ? 9.440   -0.311  5.024   1.00 0.00 ? 37 ILE A CA   1 
ATOM 604  C C    . ILE A 1 37 ? 8.356   -0.027  6.076   1.00 0.00 ? 37 ILE A C    1 
ATOM 605  O O    . ILE A 1 37 ? 7.928   -0.947  6.768   1.00 0.00 ? 37 ILE A O    1 
ATOM 606  C CB   . ILE A 1 37 ? 10.857  -0.535  5.611   1.00 0.00 ? 37 ILE A CB   1 
ATOM 607  C CG1  . ILE A 1 37 ? 11.278  -2.014  5.514   1.00 0.00 ? 37 ILE A CG1  1 
ATOM 608  C CG2  . ILE A 1 37 ? 11.038  -0.017  7.050   1.00 0.00 ? 37 ILE A CG2  1 
ATOM 609  C CD1  . ILE A 1 37 ? 10.438  -3.000  6.337   1.00 0.00 ? 37 ILE A CD1  1 
ATOM 610  H H    . ILE A 1 37 ? 8.955   0.427   3.094   1.00 0.00 ? 37 ILE A H    1 
ATOM 611  H HA   . ILE A 1 37 ? 9.139   -1.254  4.566   1.00 0.00 ? 37 ILE A HA   1 
ATOM 612  H HB   . ILE A 1 37 ? 11.578  -0.002  4.989   1.00 0.00 ? 37 ILE A HB   1 
ATOM 613  H HG12 . ILE A 1 37 ? 11.239  -2.319  4.467   1.00 0.00 ? 37 ILE A HG12 1 
ATOM 614  H HG13 . ILE A 1 37 ? 12.312  -2.096  5.844   1.00 0.00 ? 37 ILE A HG13 1 
ATOM 615  H HG21 . ILE A 1 37 ? 10.805  1.044   7.110   1.00 0.00 ? 37 ILE A HG21 1 
ATOM 616  H HG22 . ILE A 1 37 ? 10.399  -0.550  7.752   1.00 0.00 ? 37 ILE A HG22 1 
ATOM 617  H HG23 . ILE A 1 37 ? 12.076  -0.157  7.353   1.00 0.00 ? 37 ILE A HG23 1 
ATOM 618  H HD11 . ILE A 1 37 ? 10.485  -2.760  7.398   1.00 0.00 ? 37 ILE A HD11 1 
ATOM 619  H HD12 . ILE A 1 37 ? 9.401   -2.997  6.007   1.00 0.00 ? 37 ILE A HD12 1 
ATOM 620  H HD13 . ILE A 1 37 ? 10.840  -4.004  6.194   1.00 0.00 ? 37 ILE A HD13 1 
ATOM 621  N N    . TRP A 1 38 ? 7.882   1.224   6.169   1.00 0.00 ? 38 TRP A N    1 
ATOM 622  C CA   . TRP A 1 38 ? 6.776   1.659   7.014   1.00 0.00 ? 38 TRP A CA   1 
ATOM 623  C C    . TRP A 1 38 ? 5.589   0.703   6.912   1.00 0.00 ? 38 TRP A C    1 
ATOM 624  O O    . TRP A 1 38 ? 4.949   0.408   7.914   1.00 0.00 ? 38 TRP A O    1 
ATOM 625  C CB   . TRP A 1 38 ? 6.325   3.032   6.529   1.00 0.00 ? 38 TRP A CB   1 
ATOM 626  C CG   . TRP A 1 38 ? 5.374   3.799   7.385   1.00 0.00 ? 38 TRP A CG   1 
ATOM 627  C CD1  . TRP A 1 38 ? 5.177   3.705   8.719   1.00 0.00 ? 38 TRP A CD1  1 
ATOM 628  C CD2  . TRP A 1 38 ? 4.473   4.831   6.924   1.00 0.00 ? 38 TRP A CD2  1 
ATOM 629  N NE1  . TRP A 1 38 ? 4.188   4.591   9.105   1.00 0.00 ? 38 TRP A NE1  1 
ATOM 630  C CE2  . TRP A 1 38 ? 3.706   5.304   8.023   1.00 0.00 ? 38 TRP A CE2  1 
ATOM 631  C CE3  . TRP A 1 38 ? 4.236   5.401   5.663   1.00 0.00 ? 38 TRP A CE3  1 
ATOM 632  C CZ2  . TRP A 1 38 ? 2.712   6.281   7.865   1.00 0.00 ? 38 TRP A CZ2  1 
ATOM 633  C CZ3  . TRP A 1 38 ? 3.228   6.364   5.485   1.00 0.00 ? 38 TRP A CZ3  1 
ATOM 634  C CH2  . TRP A 1 38 ? 2.453   6.788   6.581   1.00 0.00 ? 38 TRP A CH2  1 
ATOM 635  H H    . TRP A 1 38 ? 8.311   1.941   5.603   1.00 0.00 ? 38 TRP A H    1 
ATOM 636  H HA   . TRP A 1 38 ? 7.132   1.716   8.043   1.00 0.00 ? 38 TRP A HA   1 
ATOM 637  H HB2  . TRP A 1 38 ? 7.174   3.674   6.354   1.00 0.00 ? 38 TRP A HB2  1 
ATOM 638  H HB3  . TRP A 1 38 ? 5.849   2.901   5.556   1.00 0.00 ? 38 TRP A HB3  1 
ATOM 639  H HD1  . TRP A 1 38 ? 5.695   3.034   9.387   1.00 0.00 ? 38 TRP A HD1  1 
ATOM 640  H HE1  . TRP A 1 38 ? 3.836   4.706   10.045  1.00 0.00 ? 38 TRP A HE1  1 
ATOM 641  H HE3  . TRP A 1 38 ? 4.855   5.064   4.844   1.00 0.00 ? 38 TRP A HE3  1 
ATOM 642  H HZ2  . TRP A 1 38 ? 2.135   6.618   8.715   1.00 0.00 ? 38 TRP A HZ2  1 
ATOM 643  H HZ3  . TRP A 1 38 ? 3.042   6.759   4.500   1.00 0.00 ? 38 TRP A HZ3  1 
ATOM 644  H HH2  . TRP A 1 38 ? 1.649   7.491   6.431   1.00 0.00 ? 38 TRP A HH2  1 
ATOM 645  N N    . LEU A 1 39 ? 5.321   0.245   5.682   1.00 0.00 ? 39 LEU A N    1 
ATOM 646  C CA   . LEU A 1 39 ? 4.320   -0.756  5.319   1.00 0.00 ? 39 LEU A CA   1 
ATOM 647  C C    . LEU A 1 39 ? 4.217   -1.858  6.380   1.00 0.00 ? 39 LEU A C    1 
ATOM 648  O O    . LEU A 1 39 ? 3.129   -2.193  6.845   1.00 0.00 ? 39 LEU A O    1 
ATOM 649  C CB   . LEU A 1 39 ? 4.692   -1.401  3.967   1.00 0.00 ? 39 LEU A CB   1 
ATOM 650  C CG   . LEU A 1 39 ? 4.886   -0.432  2.788   1.00 0.00 ? 39 LEU A CG   1 
ATOM 651  C CD1  . LEU A 1 39 ? 5.315   -1.224  1.545   1.00 0.00 ? 39 LEU A CD1  1 
ATOM 652  C CD2  . LEU A 1 39 ? 3.604   0.344   2.475   1.00 0.00 ? 39 LEU A CD2  1 
ATOM 653  H H    . LEU A 1 39 ? 5.889   0.642   4.948   1.00 0.00 ? 39 LEU A H    1 
ATOM 654  H HA   . LEU A 1 39 ? 3.351   -0.271  5.239   1.00 0.00 ? 39 LEU A HA   1 
ATOM 655  H HB2  . LEU A 1 39 ? 5.626   -1.950  4.094   1.00 0.00 ? 39 LEU A HB2  1 
ATOM 656  H HB3  . LEU A 1 39 ? 3.913   -2.118  3.705   1.00 0.00 ? 39 LEU A HB3  1 
ATOM 657  H HG   . LEU A 1 39 ? 5.682   0.279   3.013   1.00 0.00 ? 39 LEU A HG   1 
ATOM 658  H HD11 . LEU A 1 39 ? 6.232   -1.778  1.751   1.00 0.00 ? 39 LEU A HD11 1 
ATOM 659  H HD12 . LEU A 1 39 ? 4.540   -1.930  1.245   1.00 0.00 ? 39 LEU A HD12 1 
ATOM 660  H HD13 . LEU A 1 39 ? 5.503   -0.537  0.718   1.00 0.00 ? 39 LEU A HD13 1 
ATOM 661  H HD21 . LEU A 1 39 ? 2.782   -0.351  2.300   1.00 0.00 ? 39 LEU A HD21 1 
ATOM 662  H HD22 . LEU A 1 39 ? 3.351   1.006   3.302   1.00 0.00 ? 39 LEU A HD22 1 
ATOM 663  H HD23 . LEU A 1 39 ? 3.758   0.946   1.579   1.00 0.00 ? 39 LEU A HD23 1 
ATOM 664  N N    . HIS A 1 40 ? 5.377   -2.404  6.754   1.00 0.00 ? 40 HIS A N    1 
ATOM 665  C CA   . HIS A 1 40 ? 5.529   -3.461  7.738   1.00 0.00 ? 40 HIS A CA   1 
ATOM 666  C C    . HIS A 1 40 ? 5.087   -2.984  9.125   1.00 0.00 ? 40 HIS A C    1 
ATOM 667  O O    . HIS A 1 40 ? 4.259   -3.631  9.765   1.00 0.00 ? 40 HIS A O    1 
ATOM 668  C CB   . HIS A 1 40 ? 6.986   -3.934  7.721   1.00 0.00 ? 40 HIS A CB   1 
ATOM 669  C CG   . HIS A 1 40 ? 7.224   -5.108  8.630   1.00 0.00 ? 40 HIS A CG   1 
ATOM 670  N ND1  . HIS A 1 40 ? 7.259   -6.418  8.152   1.00 0.00 ? 40 HIS A ND1  1 
ATOM 671  C CD2  . HIS A 1 40 ? 7.390   -5.125  9.988   1.00 0.00 ? 40 HIS A CD2  1 
ATOM 672  C CE1  . HIS A 1 40 ? 7.454   -7.170  9.240   1.00 0.00 ? 40 HIS A CE1  1 
ATOM 673  N NE2  . HIS A 1 40 ? 7.539   -6.442  10.366  1.00 0.00 ? 40 HIS A NE2  1 
ATOM 674  H H    . HIS A 1 40 ? 6.220   -2.019  6.351   1.00 0.00 ? 40 HIS A H    1 
ATOM 675  H HA   . HIS A 1 40 ? 4.905   -4.307  7.451   1.00 0.00 ? 40 HIS A HA   1 
ATOM 676  H HB2  . HIS A 1 40 ? 7.259   -4.211  6.699   1.00 0.00 ? 40 HIS A HB2  1 
ATOM 677  H HB3  . HIS A 1 40 ? 7.644   -3.120  8.030   1.00 0.00 ? 40 HIS A HB3  1 
ATOM 678  H HD2  . HIS A 1 40 ? 7.381   -4.260  10.632  1.00 0.00 ? 40 HIS A HD2  1 
ATOM 679  H HE1  . HIS A 1 40 ? 7.531   -8.247  9.216   1.00 0.00 ? 40 HIS A HE1  1 
ATOM 680  H HE2  . HIS A 1 40 ? 7.679   -6.783  11.306  1.00 0.00 ? 40 HIS A HE2  1 
ATOM 681  N N    . SER A 1 41 ? 5.636   -1.853  9.582   1.00 0.00 ? 41 SER A N    1 
ATOM 682  C CA   . SER A 1 41 ? 5.343   -1.269  10.886  1.00 0.00 ? 41 SER A CA   1 
ATOM 683  C C    . SER A 1 41 ? 3.851   -0.955  11.052  1.00 0.00 ? 41 SER A C    1 
ATOM 684  O O    . SER A 1 41 ? 3.298   -1.166  12.129  1.00 0.00 ? 41 SER A O    1 
ATOM 685  C CB   . SER A 1 41 ? 6.199   -0.016  11.090  1.00 0.00 ? 41 SER A CB   1 
ATOM 686  O OG   . SER A 1 41 ? 6.062   0.469   12.410  1.00 0.00 ? 41 SER A OG   1 
ATOM 687  H H    . SER A 1 41 ? 6.280   -1.358  8.981   1.00 0.00 ? 41 SER A H    1 
ATOM 688  H HA   . SER A 1 41 ? 5.635   -1.987  11.649  1.00 0.00 ? 41 SER A HA   1 
ATOM 689  H HB2  . SER A 1 41 ? 7.249   -0.256  10.917  1.00 0.00 ? 41 SER A HB2  1 
ATOM 690  H HB3  . SER A 1 41 ? 5.889   0.755   10.389  1.00 0.00 ? 41 SER A HB3  1 
ATOM 691  H HG   . SER A 1 41 ? 5.133   0.636   12.586  1.00 0.00 ? 41 SER A HG   1 
ATOM 692  N N    . LEU A 1 42 ? 3.199   -0.461  9.993   1.00 0.00 ? 42 LEU A N    1 
ATOM 693  C CA   . LEU A 1 42 ? 1.766   -0.203  9.986   1.00 0.00 ? 42 LEU A CA   1 
ATOM 694  C C    . LEU A 1 42 ? 0.982   -1.494  10.210  1.00 0.00 ? 42 LEU A C    1 
ATOM 695  O O    . LEU A 1 42 ? -0.006  -1.489  10.937  1.00 0.00 ? 42 LEU A O    1 
ATOM 696  C CB   . LEU A 1 42 ? 1.344   0.469   8.675   1.00 0.00 ? 42 LEU A CB   1 
ATOM 697  C CG   . LEU A 1 42 ? 1.858   1.909   8.523   1.00 0.00 ? 42 LEU A CG   1 
ATOM 698  C CD1  . LEU A 1 42 ? 1.589   2.377   7.091   1.00 0.00 ? 42 LEU A CD1  1 
ATOM 699  C CD2  . LEU A 1 42 ? 1.167   2.875   9.495   1.00 0.00 ? 42 LEU A CD2  1 
ATOM 700  H H    . LEU A 1 42 ? 3.709   -0.302  9.136   1.00 0.00 ? 42 LEU A H    1 
ATOM 701  H HA   . LEU A 1 42 ? 1.532   0.463   10.808  1.00 0.00 ? 42 LEU A HA   1 
ATOM 702  H HB2  . LEU A 1 42 ? 1.703   -0.137  7.843   1.00 0.00 ? 42 LEU A HB2  1 
ATOM 703  H HB3  . LEU A 1 42 ? 0.255   0.490   8.637   1.00 0.00 ? 42 LEU A HB3  1 
ATOM 704  H HG   . LEU A 1 42 ? 2.934   1.937   8.697   1.00 0.00 ? 42 LEU A HG   1 
ATOM 705  H HD11 . LEU A 1 42 ? 2.096   1.719   6.387   1.00 0.00 ? 42 LEU A HD11 1 
ATOM 706  H HD12 . LEU A 1 42 ? 0.516   2.364   6.897   1.00 0.00 ? 42 LEU A HD12 1 
ATOM 707  H HD13 . LEU A 1 42 ? 1.958   3.392   6.957   1.00 0.00 ? 42 LEU A HD13 1 
ATOM 708  H HD21 . LEU A 1 42 ? 0.084   2.786   9.404   1.00 0.00 ? 42 LEU A HD21 1 
ATOM 709  H HD22 . LEU A 1 42 ? 1.463   2.667   10.521  1.00 0.00 ? 42 LEU A HD22 1 
ATOM 710  H HD23 . LEU A 1 42 ? 1.450   3.901   9.261   1.00 0.00 ? 42 LEU A HD23 1 
ATOM 711  N N    . GLY A 1 43 ? 1.434   -2.598  9.608   1.00 0.00 ? 43 GLY A N    1 
ATOM 712  C CA   . GLY A 1 43 ? 0.855   -3.917  9.813   1.00 0.00 ? 43 GLY A CA   1 
ATOM 713  C C    . GLY A 1 43 ? 0.963   -4.361  11.266  1.00 0.00 ? 43 GLY A C    1 
ATOM 714  O O    . GLY A 1 43 ? -0.014  -4.832  11.845  1.00 0.00 ? 43 GLY A O    1 
ATOM 715  H H    . GLY A 1 43 ? 2.259   -2.519  9.029   1.00 0.00 ? 43 GLY A H    1 
ATOM 716  H HA2  . GLY A 1 43 ? -0.188  -3.905  9.515   1.00 0.00 ? 43 GLY A HA2  1 
ATOM 717  H HA3  . GLY A 1 43 ? 1.382   -4.651  9.212   1.00 0.00 ? 43 GLY A HA3  1 
ATOM 718  N N    . GLN A 1 44 ? 2.155   -4.203  11.849  1.00 0.00 ? 44 GLN A N    1 
ATOM 719  C CA   . GLN A 1 44 ? 2.410   -4.532  13.245  1.00 0.00 ? 44 GLN A CA   1 
ATOM 720  C C    . GLN A 1 44 ? 1.468   -3.739  14.154  1.00 0.00 ? 44 GLN A C    1 
ATOM 721  O O    . GLN A 1 44 ? 0.833   -4.323  15.029  1.00 0.00 ? 44 GLN A O    1 
ATOM 722  C CB   . GLN A 1 44 ? 3.878   -4.285  13.609  1.00 0.00 ? 44 GLN A CB   1 
ATOM 723  C CG   . GLN A 1 44 ? 4.809   -5.268  12.889  1.00 0.00 ? 44 GLN A CG   1 
ATOM 724  C CD   . GLN A 1 44 ? 6.267   -5.052  13.286  1.00 0.00 ? 44 GLN A CD   1 
ATOM 725  O OE1  . GLN A 1 44 ? 6.766   -3.930  13.248  1.00 0.00 ? 44 GLN A OE1  1 
ATOM 726  N NE2  . GLN A 1 44 ? 6.963   -6.127  13.665  1.00 0.00 ? 44 GLN A NE2  1 
ATOM 727  H H    . GLN A 1 44 ? 2.896   -3.805  11.289  1.00 0.00 ? 44 GLN A H    1 
ATOM 728  H HA   . GLN A 1 44 ? 2.200   -5.593  13.393  1.00 0.00 ? 44 GLN A HA   1 
ATOM 729  H HB2  . GLN A 1 44 ? 4.156   -3.261  13.361  1.00 0.00 ? 44 GLN A HB2  1 
ATOM 730  H HB3  . GLN A 1 44 ? 4.000   -4.426  14.685  1.00 0.00 ? 44 GLN A HB3  1 
ATOM 731  H HG2  . GLN A 1 44 ? 4.507   -6.285  13.141  1.00 0.00 ? 44 GLN A HG2  1 
ATOM 732  H HG3  . GLN A 1 44 ? 4.725   -5.142  11.811  1.00 0.00 ? 44 GLN A HG3  1 
ATOM 733  H HE21 . GLN A 1 44 ? 6.521   -7.034  13.695  1.00 0.00 ? 44 GLN A HE21 1 
ATOM 734  H HE22 . GLN A 1 44 ? 7.927   -6.020  13.943  1.00 0.00 ? 44 GLN A HE22 1 
ATOM 735  N N    . HIS A 1 45 ? 1.343   -2.426  13.924  1.00 0.00 ? 45 HIS A N    1 
ATOM 736  C CA   . HIS A 1 45 ? 0.398   -1.589  14.648  1.00 0.00 ? 45 HIS A CA   1 
ATOM 737  C C    . HIS A 1 45 ? -1.036  -2.091  14.478  1.00 0.00 ? 45 HIS A C    1 
ATOM 738  O O    . HIS A 1 45 ? -1.800  -2.151  15.441  1.00 0.00 ? 45 HIS A O    1 
ATOM 739  C CB   . HIS A 1 45 ? 0.502   -0.139  14.178  1.00 0.00 ? 45 HIS A CB   1 
ATOM 740  C CG   . HIS A 1 45 ? -0.465  0.757   14.901  1.00 0.00 ? 45 HIS A CG   1 
ATOM 741  N ND1  . HIS A 1 45 ? -0.598  0.736   16.290  1.00 0.00 ? 45 HIS A ND1  1 
ATOM 742  C CD2  . HIS A 1 45 ? -1.385  1.618   14.376  1.00 0.00 ? 45 HIS A CD2  1 
ATOM 743  C CE1  . HIS A 1 45 ? -1.594  1.590   16.545  1.00 0.00 ? 45 HIS A CE1  1 
ATOM 744  N NE2  . HIS A 1 45 ? -2.100  2.145   15.431  1.00 0.00 ? 45 HIS A NE2  1 
ATOM 745  H H    . HIS A 1 45 ? 1.902   -1.988  13.204  1.00 0.00 ? 45 HIS A H    1 
ATOM 746  H HA   . HIS A 1 45 ? 0.658   -1.625  15.700  1.00 0.00 ? 45 HIS A HA   1 
ATOM 747  H HB2  . HIS A 1 45 ? 1.510   0.241   14.315  1.00 0.00 ? 45 HIS A HB2  1 
ATOM 748  H HB3  . HIS A 1 45 ? 0.274   -0.101  13.115  1.00 0.00 ? 45 HIS A HB3  1 
ATOM 749  H HD2  . HIS A 1 45 ? -1.528  1.803   13.324  1.00 0.00 ? 45 HIS A HD2  1 
ATOM 750  H HE1  . HIS A 1 45 ? -1.960  1.803   17.538  1.00 0.00 ? 45 HIS A HE1  1 
ATOM 751  H HE2  . HIS A 1 45 ? -2.861  2.808   15.369  1.00 0.00 ? 45 HIS A HE2  1 
ATOM 752  N N    . ILE A 1 46 ? -1.395  -2.451  13.244  1.00 0.00 ? 46 ILE A N    1 
ATOM 753  C CA   . ILE A 1 46 ? -2.715  -2.962  12.913  1.00 0.00 ? 46 ILE A CA   1 
ATOM 754  C C    . ILE A 1 46 ? -2.971  -4.315  13.572  1.00 0.00 ? 46 ILE A C    1 
ATOM 755  O O    . ILE A 1 46 ? -4.126  -4.662  13.790  1.00 0.00 ? 46 ILE A O    1 
ATOM 756  C CB   . ILE A 1 46 ? -2.947  -2.905  11.391  1.00 0.00 ? 46 ILE A CB   1 
ATOM 757  C CG1  . ILE A 1 46 ? -3.396  -1.461  11.093  1.00 0.00 ? 46 ILE A CG1  1 
ATOM 758  C CG2  . ILE A 1 46 ? -3.961  -3.931  10.861  1.00 0.00 ? 46 ILE A CG2  1 
ATOM 759  C CD1  . ILE A 1 46 ? -3.671  -1.209  9.617   1.00 0.00 ? 46 ILE A CD1  1 
ATOM 760  H H    . ILE A 1 46 ? -0.705  -2.378  12.509  1.00 0.00 ? 46 ILE A H    1 
ATOM 761  H HA   . ILE A 1 46 ? -3.432  -2.289  13.376  1.00 0.00 ? 46 ILE A HA   1 
ATOM 762  H HB   . ILE A 1 46 ? -2.009  -3.110  10.879  1.00 0.00 ? 46 ILE A HB   1 
ATOM 763  H HG12 . ILE A 1 46 ? -4.308  -1.224  11.639  1.00 0.00 ? 46 ILE A HG12 1 
ATOM 764  H HG13 . ILE A 1 46 ? -2.613  -0.771  11.413  1.00 0.00 ? 46 ILE A HG13 1 
ATOM 765  H HG21 . ILE A 1 46 ? -3.655  -4.942  11.125  1.00 0.00 ? 46 ILE A HG21 1 
ATOM 766  H HG22 . ILE A 1 46 ? -4.950  -3.732  11.265  1.00 0.00 ? 46 ILE A HG22 1 
ATOM 767  H HG23 . ILE A 1 46 ? -4.008  -3.884  9.774   1.00 0.00 ? 46 ILE A HG23 1 
ATOM 768  H HD11 . ILE A 1 46 ? -2.803  -1.533  9.049   1.00 0.00 ? 46 ILE A HD11 1 
ATOM 769  H HD12 . ILE A 1 46 ? -4.561  -1.756  9.304   1.00 0.00 ? 46 ILE A HD12 1 
ATOM 770  H HD13 . ILE A 1 46 ? -3.845  -0.146  9.453   1.00 0.00 ? 46 ILE A HD13 1 
ATOM 771  N N    . TYR A 1 47 ? -1.935  -5.072  13.941  1.00 0.00 ? 47 TYR A N    1 
ATOM 772  C CA   . TYR A 1 47 ? -2.157  -6.286  14.713  1.00 0.00 ? 47 TYR A CA   1 
ATOM 773  C C    . TYR A 1 47 ? -2.581  -5.949  16.149  1.00 0.00 ? 47 TYR A C    1 
ATOM 774  O O    . TYR A 1 47 ? -3.313  -6.719  16.766  1.00 0.00 ? 47 TYR A O    1 
ATOM 775  C CB   . TYR A 1 47 ? -0.925  -7.197  14.676  1.00 0.00 ? 47 TYR A CB   1 
ATOM 776  C CG   . TYR A 1 47 ? -1.139  -8.525  15.376  1.00 0.00 ? 47 TYR A CG   1 
ATOM 777  C CD1  . TYR A 1 47 ? -1.955  -9.506  14.782  1.00 0.00 ? 47 TYR A CD1  1 
ATOM 778  C CD2  . TYR A 1 47 ? -0.627  -8.734  16.670  1.00 0.00 ? 47 TYR A CD2  1 
ATOM 779  C CE1  . TYR A 1 47 ? -2.249  -10.693 15.473  1.00 0.00 ? 47 TYR A CE1  1 
ATOM 780  C CE2  . TYR A 1 47 ? -0.917  -9.924  17.359  1.00 0.00 ? 47 TYR A CE2  1 
ATOM 781  C CZ   . TYR A 1 47 ? -1.731  -10.903 16.761  1.00 0.00 ? 47 TYR A CZ   1 
ATOM 782  O OH   . TYR A 1 47 ? -2.019  -12.057 17.430  1.00 0.00 ? 47 TYR A OH   1 
ATOM 783  H H    . TYR A 1 47 ? -0.992  -4.804  13.678  1.00 0.00 ? 47 TYR A H    1 
ATOM 784  H HA   . TYR A 1 47 ? -3.008  -6.799  14.269  1.00 0.00 ? 47 TYR A HA   1 
ATOM 785  H HB2  . TYR A 1 47 ? -0.655  -7.391  13.638  1.00 0.00 ? 47 TYR A HB2  1 
ATOM 786  H HB3  . TYR A 1 47 ? -0.087  -6.683  15.145  1.00 0.00 ? 47 TYR A HB3  1 
ATOM 787  H HD1  . TYR A 1 47 ? -2.377  -9.343  13.804  1.00 0.00 ? 47 TYR A HD1  1 
ATOM 788  H HD2  . TYR A 1 47 ? -0.022  -7.976  17.146  1.00 0.00 ? 47 TYR A HD2  1 
ATOM 789  H HE1  . TYR A 1 47 ? -2.881  -11.440 15.015  1.00 0.00 ? 47 TYR A HE1  1 
ATOM 790  H HE2  . TYR A 1 47 ? -0.520  -10.078 18.352  1.00 0.00 ? 47 TYR A HE2  1 
ATOM 791  H HH   . TYR A 1 47 ? -1.622  -12.099 18.303  1.00 0.00 ? 47 TYR A HH   1 
ATOM 792  N N    . GLU A 1 48 ? -2.158  -4.798  16.681  1.00 0.00 ? 48 GLU A N    1 
ATOM 793  C CA   . GLU A 1 48 ? -2.606  -4.335  17.988  1.00 0.00 ? 48 GLU A CA   1 
ATOM 794  C C    . GLU A 1 48 ? -4.049  -3.842  17.885  1.00 0.00 ? 48 GLU A C    1 
ATOM 795  O O    . GLU A 1 48 ? -4.904  -4.195  18.694  1.00 0.00 ? 48 GLU A O    1 
ATOM 796  C CB   . GLU A 1 48 ? -1.723  -3.183  18.499  1.00 0.00 ? 48 GLU A CB   1 
ATOM 797  C CG   . GLU A 1 48 ? -0.231  -3.462  18.323  1.00 0.00 ? 48 GLU A CG   1 
ATOM 798  C CD   . GLU A 1 48 ? 0.622   -2.410  19.024  1.00 0.00 ? 48 GLU A CD   1 
ATOM 799  O OE1  . GLU A 1 48 ? 1.319   -2.741  19.981  1.00 0.00 ? 48 GLU A OE1  1 
ATOM 800  O OE2  . GLU A 1 48 ? 0.550   -1.142  18.522  1.00 0.00 ? 48 GLU A OE2  1 
ATOM 801  H H    . GLU A 1 48 ? -1.572  -4.182  16.134  1.00 0.00 ? 48 GLU A H    1 
ATOM 802  H HA   . GLU A 1 48 ? -2.548  -5.157  18.702  1.00 0.00 ? 48 GLU A HA   1 
ATOM 803  H HB2  . GLU A 1 48 ? -1.965  -2.255  17.982  1.00 0.00 ? 48 GLU A HB2  1 
ATOM 804  H HB3  . GLU A 1 48 ? -1.936  -3.042  19.560  1.00 0.00 ? 48 GLU A HB3  1 
ATOM 805  H HG2  . GLU A 1 48 ? -0.022  -4.450  18.725  1.00 0.00 ? 48 GLU A HG2  1 
ATOM 806  H HG3  . GLU A 1 48 ? 0.031   -3.455  17.267  1.00 0.00 ? 48 GLU A HG3  1 
ATOM 807  H HE2  . GLU A 1 48 ? 1.102   -0.507  18.986  1.00 0.00 ? 48 GLU A HE2  1 
ATOM 808  N N    . THR A 1 49 ? -4.287  -3.014  16.866  1.00 0.00 ? 49 THR A N    1 
ATOM 809  C CA   . THR A 1 49 ? -5.540  -2.314  16.624  1.00 0.00 ? 49 THR A CA   1 
ATOM 810  C C    . THR A 1 49 ? -6.697  -3.210  16.170  1.00 0.00 ? 49 THR A C    1 
ATOM 811  O O    . THR A 1 49 ? -7.815  -3.048  16.655  1.00 0.00 ? 49 THR A O    1 
ATOM 812  C CB   . THR A 1 49 ? -5.287  -1.159  15.640  1.00 0.00 ? 49 THR A CB   1 
ATOM 813  O OG1  . THR A 1 49 ? -4.143  -0.419  16.025  1.00 0.00 ? 49 THR A OG1  1 
ATOM 814  C CG2  . THR A 1 49 ? -6.481  -0.204  15.561  1.00 0.00 ? 49 THR A CG2  1 
ATOM 815  H H    . THR A 1 49 ? -3.492  -2.795  16.279  1.00 0.00 ? 49 THR A H    1 
ATOM 816  H HA   . THR A 1 49 ? -5.840  -1.878  17.570  1.00 0.00 ? 49 THR A HA   1 
ATOM 817  H HB   . THR A 1 49 ? -5.105  -1.566  14.650  1.00 0.00 ? 49 THR A HB   1 
ATOM 818  H HG1  . THR A 1 49 ? -3.359  -0.964  15.904  1.00 0.00 ? 49 THR A HG1  1 
ATOM 819  H HG21 . THR A 1 49 ? -6.245  0.614   14.879  1.00 0.00 ? 49 THR A HG21 1 
ATOM 820  H HG22 . THR A 1 49 ? -7.363  -0.725  15.185  1.00 0.00 ? 49 THR A HG22 1 
ATOM 821  H HG23 . THR A 1 49 ? -6.698  0.207   16.547  1.00 0.00 ? 49 THR A HG23 1 
ATOM 822  N N    . TYR A 1 50 ? -6.443  -4.126  15.231  1.00 0.00 ? 50 TYR A N    1 
ATOM 823  C CA   . TYR A 1 50 ? -7.438  -4.979  14.602  1.00 0.00 ? 50 TYR A CA   1 
ATOM 824  C C    . TYR A 1 50 ? -7.185  -6.449  14.931  1.00 0.00 ? 50 TYR A C    1 
ATOM 825  O O    . TYR A 1 50 ? -8.111  -7.167  15.305  1.00 0.00 ? 50 TYR A O    1 
ATOM 826  C CB   . TYR A 1 50 ? -7.387  -4.760  13.084  1.00 0.00 ? 50 TYR A CB   1 
ATOM 827  C CG   . TYR A 1 50 ? -7.941  -3.440  12.587  1.00 0.00 ? 50 TYR A CG   1 
ATOM 828  C CD1  . TYR A 1 50 ? -7.090  -2.329  12.452  1.00 0.00 ? 50 TYR A CD1  1 
ATOM 829  C CD2  . TYR A 1 50 ? -9.263  -3.366  12.110  1.00 0.00 ? 50 TYR A CD2  1 
ATOM 830  C CE1  . TYR A 1 50 ? -7.549  -1.156  11.830  1.00 0.00 ? 50 TYR A CE1  1 
ATOM 831  C CE2  . TYR A 1 50 ? -9.725  -2.191  11.491  1.00 0.00 ? 50 TYR A CE2  1 
ATOM 832  C CZ   . TYR A 1 50 ? -8.864  -1.089  11.341  1.00 0.00 ? 50 TYR A CZ   1 
ATOM 833  O OH   . TYR A 1 50 ? -9.299  0.042   10.716  1.00 0.00 ? 50 TYR A OH   1 
ATOM 834  H H    . TYR A 1 50 ? -5.494  -4.259  14.919  1.00 0.00 ? 50 TYR A H    1 
ATOM 835  H HA   . TYR A 1 50 ? -8.439  -4.733  14.948  1.00 0.00 ? 50 TYR A HA   1 
ATOM 836  H HB2  . TYR A 1 50 ? -6.368  -4.865  12.718  1.00 0.00 ? 50 TYR A HB2  1 
ATOM 837  H HB3  . TYR A 1 50 ? -7.951  -5.551  12.614  1.00 0.00 ? 50 TYR A HB3  1 
ATOM 838  H HD1  . TYR A 1 50 ? -6.072  -2.388  12.800  1.00 0.00 ? 50 TYR A HD1  1 
ATOM 839  H HD2  . TYR A 1 50 ? -9.924  -4.217  12.200  1.00 0.00 ? 50 TYR A HD2  1 
ATOM 840  H HE1  . TYR A 1 50 ? -6.883  -0.312  11.714  1.00 0.00 ? 50 TYR A HE1  1 
ATOM 841  H HE2  . TYR A 1 50 ? -10.737 -2.142  11.121  1.00 0.00 ? 50 TYR A HE2  1 
ATOM 842  H HH   . TYR A 1 50 ? -10.211 -0.013  10.419  1.00 0.00 ? 50 TYR A HH   1 
ATOM 843  N N    . GLY A 1 51 ? -5.934  -6.883  14.765  1.00 0.00 ? 51 GLY A N    1 
ATOM 844  C CA   . GLY A 1 51 ? -5.513  -8.274  14.898  1.00 0.00 ? 51 GLY A CA   1 
ATOM 845  C C    . GLY A 1 51 ? -5.333  -8.884  13.513  1.00 0.00 ? 51 GLY A C    1 
ATOM 846  O O    . GLY A 1 51 ? -5.708  -10.032 13.282  1.00 0.00 ? 51 GLY A O    1 
ATOM 847  H H    . GLY A 1 51 ? -5.246  -6.202  14.477  1.00 0.00 ? 51 GLY A H    1 
ATOM 848  H HA2  . GLY A 1 51 ? -4.567  -8.335  15.428  1.00 0.00 ? 51 GLY A HA2  1 
ATOM 849  H HA3  . GLY A 1 51 ? -6.250  -8.853  15.449  1.00 0.00 ? 51 GLY A HA3  1 
ATOM 850  N N    . ASP A 1 52 ? -4.773  -8.084  12.596  1.00 0.00 ? 52 ASP A N    1 
ATOM 851  C CA   . ASP A 1 52 ? -4.659  -8.341  11.170  1.00 0.00 ? 52 ASP A CA   1 
ATOM 852  C C    . ASP A 1 52 ? -5.945  -8.931  10.595  1.00 0.00 ? 52 ASP A C    1 
ATOM 853  O O    . ASP A 1 52 ? -5.932  -9.922  9.866   1.00 0.00 ? 52 ASP A O    1 
ATOM 854  C CB   . ASP A 1 52 ? -3.405  -9.171  10.881  1.00 0.00 ? 52 ASP A CB   1 
ATOM 855  C CG   . ASP A 1 52 ? -2.109  -8.430  11.214  1.00 0.00 ? 52 ASP A CG   1 
ATOM 856  O OD1  . ASP A 1 52 ? -2.124  -7.213  11.392  1.00 0.00 ? 52 ASP A OD1  1 
ATOM 857  O OD2  . ASP A 1 52 ? -0.989  -9.204  11.291  1.00 0.00 ? 52 ASP A OD2  1 
ATOM 858  H H    . ASP A 1 52 ? -4.444  -7.186  12.901  1.00 0.00 ? 52 ASP A H    1 
ATOM 859  H HA   . ASP A 1 52 ? -4.563  -7.372  10.679  1.00 0.00 ? 52 ASP A HA   1 
ATOM 860  H HB2  . ASP A 1 52 ? -3.455  -10.090 11.466  1.00 0.00 ? 52 ASP A HB2  1 
ATOM 861  H HB3  . ASP A 1 52 ? -3.381  -9.412  9.821   1.00 0.00 ? 52 ASP A HB3  1 
ATOM 862  H HD2  . ASP A 1 52 ? -0.198  -8.703  11.503  1.00 0.00 ? 52 ASP A HD2  1 
ATOM 863  N N    . THR A 1 53 ? -7.057  -8.273  10.931  1.00 0.00 ? 53 THR A N    1 
ATOM 864  C CA   . THR A 1 53 ? -8.381  -8.573  10.414  1.00 0.00 ? 53 THR A CA   1 
ATOM 865  C C    . THR A 1 53 ? -8.377  -8.173  8.950   1.00 0.00 ? 53 THR A C    1 
ATOM 866  O O    . THR A 1 53 ? -7.747  -7.181  8.593   1.00 0.00 ? 53 THR A O    1 
ATOM 867  C CB   . THR A 1 53 ? -9.438  -7.816  11.233  1.00 0.00 ? 53 THR A CB   1 
ATOM 868  O OG1  . THR A 1 53 ? -9.131  -7.935  12.607  1.00 0.00 ? 53 THR A OG1  1 
ATOM 869  C CG2  . THR A 1 53 ? -10.845 -8.377  11.012  1.00 0.00 ? 53 THR A CG2  1 
ATOM 870  H H    . THR A 1 53 ? -6.959  -7.467  11.530  1.00 0.00 ? 53 THR A H    1 
ATOM 871  H HA   . THR A 1 53 ? -8.622  -9.626  10.459  1.00 0.00 ? 53 THR A HA   1 
ATOM 872  H HB   . THR A 1 53 ? -9.416  -6.761  10.963  1.00 0.00 ? 53 THR A HB   1 
ATOM 873  H HG1  . THR A 1 53 ? -9.773  -7.437  13.119  1.00 0.00 ? 53 THR A HG1  1 
ATOM 874  H HG21 . THR A 1 53 ? -10.889 -9.413  11.352  1.00 0.00 ? 53 THR A HG21 1 
ATOM 875  H HG22 . THR A 1 53 ? -11.566 -7.788  11.582  1.00 0.00 ? 53 THR A HG22 1 
ATOM 876  H HG23 . THR A 1 53 ? -11.121 -8.342  9.960   1.00 0.00 ? 53 THR A HG23 1 
ATOM 877  N N    . TRP A 1 54 ? -9.080  -8.935  8.106   1.00 0.00 ? 54 TRP A N    1 
ATOM 878  C CA   . TRP A 1 54 ? -9.245  -8.591  6.701   1.00 0.00 ? 54 TRP A CA   1 
ATOM 879  C C    . TRP A 1 54 ? -9.772  -7.159  6.566   1.00 0.00 ? 54 TRP A C    1 
ATOM 880  O O    . TRP A 1 54 ? -9.507  -6.488  5.573   1.00 0.00 ? 54 TRP A O    1 
ATOM 881  C CB   . TRP A 1 54 ? -10.167 -9.603  6.019   1.00 0.00 ? 54 TRP A CB   1 
ATOM 882  C CG   . TRP A 1 54 ? -9.791  -11.032 6.266   1.00 0.00 ? 54 TRP A CG   1 
ATOM 883  C CD1  . TRP A 1 54 ? -10.483 -11.887 7.048   1.00 0.00 ? 54 TRP A CD1  1 
ATOM 884  C CD2  . TRP A 1 54 ? -8.596  -11.758 5.840   1.00 0.00 ? 54 TRP A CD2  1 
ATOM 885  N NE1  . TRP A 1 54 ? -9.816  -13.090 7.141   1.00 0.00 ? 54 TRP A NE1  1 
ATOM 886  C CE2  . TRP A 1 54 ? -8.635  -13.058 6.428   1.00 0.00 ? 54 TRP A CE2  1 
ATOM 887  C CE3  . TRP A 1 54 ? -7.475  -11.449 5.037   1.00 0.00 ? 54 TRP A CE3  1 
ATOM 888  C CZ2  . TRP A 1 54 ? -7.608  -13.994 6.247   1.00 0.00 ? 54 TRP A CZ2  1 
ATOM 889  C CZ3  . TRP A 1 54 ? -6.457  -12.400 4.819   1.00 0.00 ? 54 TRP A CZ3  1 
ATOM 890  C CH2  . TRP A 1 54 ? -6.504  -13.650 5.454   1.00 0.00 ? 54 TRP A CH2  1 
ATOM 891  H H    . TRP A 1 54 ? -9.559  -9.752  8.458   1.00 0.00 ? 54 TRP A H    1 
ATOM 892  H HA   . TRP A 1 54 ? -8.269  -8.661  6.228   1.00 0.00 ? 54 TRP A HA   1 
ATOM 893  H HB2  . TRP A 1 54 ? -11.186 -9.443  6.376   1.00 0.00 ? 54 TRP A HB2  1 
ATOM 894  H HB3  . TRP A 1 54 ? -10.152 -9.422  4.943   1.00 0.00 ? 54 TRP A HB3  1 
ATOM 895  H HD1  . TRP A 1 54 ? -11.402 -11.645 7.557   1.00 0.00 ? 54 TRP A HD1  1 
ATOM 896  H HE1  . TRP A 1 54 ? -10.118 -13.891 7.675   1.00 0.00 ? 54 TRP A HE1  1 
ATOM 897  H HE3  . TRP A 1 54 ? -7.394  -10.469 4.588   1.00 0.00 ? 54 TRP A HE3  1 
ATOM 898  H HZ2  . TRP A 1 54 ? -7.662  -14.963 6.722   1.00 0.00 ? 54 TRP A HZ2  1 
ATOM 899  H HZ3  . TRP A 1 54 ? -5.627  -12.180 4.162   1.00 0.00 ? 54 TRP A HZ3  1 
ATOM 900  H HH2  . TRP A 1 54 ? -5.688  -14.346 5.339   1.00 0.00 ? 54 TRP A HH2  1 
ATOM 901  N N    . THR A 1 55 ? -10.477 -6.687  7.605   1.00 0.00 ? 55 THR A N    1 
ATOM 902  C CA   . THR A 1 55 ? -10.961 -5.320  7.703   1.00 0.00 ? 55 THR A CA   1 
ATOM 903  C C    . THR A 1 55 ? -9.775  -4.354  7.733   1.00 0.00 ? 55 THR A C    1 
ATOM 904  O O    . THR A 1 55 ? -9.694  -3.448  6.907   1.00 0.00 ? 55 THR A O    1 
ATOM 905  C CB   . THR A 1 55 ? -11.847 -5.174  8.949   1.00 0.00 ? 55 THR A CB   1 
ATOM 906  O OG1  . THR A 1 55 ? -12.823 -6.197  8.961   1.00 0.00 ? 55 THR A OG1  1 
ATOM 907  C CG2  . THR A 1 55 ? -12.550 -3.813  8.977   1.00 0.00 ? 55 THR A CG2  1 
ATOM 908  H H    . THR A 1 55 ? -10.580 -7.292  8.415   1.00 0.00 ? 55 THR A H    1 
ATOM 909  H HA   . THR A 1 55 ? -11.558 -5.107  6.821   1.00 0.00 ? 55 THR A HA   1 
ATOM 910  H HB   . THR A 1 55 ? -11.243 -5.276  9.850   1.00 0.00 ? 55 THR A HB   1 
ATOM 911  H HG1  . THR A 1 55 ? -13.358 -6.121  8.167   1.00 0.00 ? 55 THR A HG1  1 
ATOM 912  H HG21 . THR A 1 55 ? -13.179 -3.747  9.865   1.00 0.00 ? 55 THR A HG21 1 
ATOM 913  H HG22 . THR A 1 55 ? -11.817 -3.008  9.005   1.00 0.00 ? 55 THR A HG22 1 
ATOM 914  H HG23 . THR A 1 55 ? -13.174 -3.697  8.089   1.00 0.00 ? 55 THR A HG23 1 
ATOM 915  N N    . GLY A 1 56 ? -8.858  -4.569  8.679   1.00 0.00 ? 56 GLY A N    1 
ATOM 916  C CA   . GLY A 1 56 ? -7.664  -3.760  8.878   1.00 0.00 ? 56 GLY A CA   1 
ATOM 917  C C    . GLY A 1 56 ? -6.686  -3.856  7.709   1.00 0.00 ? 56 GLY A C    1 
ATOM 918  O O    . GLY A 1 56 ? -5.997  -2.889  7.402   1.00 0.00 ? 56 GLY A O    1 
ATOM 919  H H    . GLY A 1 56 ? -8.982  -5.387  9.255   1.00 0.00 ? 56 GLY A H    1 
ATOM 920  H HA2  . GLY A 1 56 ? -7.953  -2.733  9.054   1.00 0.00 ? 56 GLY A HA2  1 
ATOM 921  H HA3  . GLY A 1 56 ? -7.144  -4.077  9.771   1.00 0.00 ? 56 GLY A HA3  1 
ATOM 922  N N    . VAL A 1 57 ? -6.617  -5.023  7.064   1.00 0.00 ? 57 VAL A N    1 
ATOM 923  C CA   . VAL A 1 57 ? -5.746  -5.273  5.922   1.00 0.00 ? 57 VAL A CA   1 
ATOM 924  C C    . VAL A 1 57 ? -6.199  -4.440  4.725   1.00 0.00 ? 57 VAL A C    1 
ATOM 925  O O    . VAL A 1 57 ? -5.418  -3.676  4.161   1.00 0.00 ? 57 VAL A O    1 
ATOM 926  C CB   . VAL A 1 57 ? -5.702  -6.780  5.623   1.00 0.00 ? 57 VAL A CB   1 
ATOM 927  C CG1  . VAL A 1 57 ? -5.017  -7.092  4.289   1.00 0.00 ? 57 VAL A CG1  1 
ATOM 928  C CG2  . VAL A 1 57 ? -4.953  -7.532  6.734   1.00 0.00 ? 57 VAL A CG2  1 
ATOM 929  H H    . VAL A 1 57 ? -7.204  -5.774  7.394   1.00 0.00 ? 57 VAL A H    1 
ATOM 930  H HA   . VAL A 1 57 ? -4.745  -4.942  6.169   1.00 0.00 ? 57 VAL A HA   1 
ATOM 931  H HB   . VAL A 1 57 ? -6.720  -7.157  5.567   1.00 0.00 ? 57 VAL A HB   1 
ATOM 932  H HG11 . VAL A 1 57 ? -4.006  -6.684  4.284   1.00 0.00 ? 57 VAL A HG11 1 
ATOM 933  H HG12 . VAL A 1 57 ? -4.972  -8.173  4.160   1.00 0.00 ? 57 VAL A HG12 1 
ATOM 934  H HG13 . VAL A 1 57 ? -5.584  -6.675  3.456   1.00 0.00 ? 57 VAL A HG13 1 
ATOM 935  H HG21 . VAL A 1 57 ? -5.381  -7.316  7.710   1.00 0.00 ? 57 VAL A HG21 1 
ATOM 936  H HG22 . VAL A 1 57 ? -5.015  -8.606  6.557   1.00 0.00 ? 57 VAL A HG22 1 
ATOM 937  H HG23 . VAL A 1 57 ? -3.904  -7.234  6.741   1.00 0.00 ? 57 VAL A HG23 1 
ATOM 938  N N    . GLU A 1 58 ? -7.471  -4.580  4.353   1.00 0.00 ? 58 GLU A N    1 
ATOM 939  C CA   . GLU A 1 58 ? -8.078  -3.802  3.288   1.00 0.00 ? 58 GLU A CA   1 
ATOM 940  C C    . GLU A 1 58 ? -8.021  -2.309  3.603   1.00 0.00 ? 58 GLU A C    1 
ATOM 941  O O    . GLU A 1 58 ? -7.703  -1.504  2.730   1.00 0.00 ? 58 GLU A O    1 
ATOM 942  C CB   . GLU A 1 58 ? -9.514  -4.283  3.083   1.00 0.00 ? 58 GLU A CB   1 
ATOM 943  C CG   . GLU A 1 58 ? -9.558  -5.701  2.496   1.00 0.00 ? 58 GLU A CG   1 
ATOM 944  C CD   . GLU A 1 58 ? -9.053  -5.750  1.056   1.00 0.00 ? 58 GLU A CD   1 
ATOM 945  O OE1  . GLU A 1 58 ? -7.986  -6.307  0.810   1.00 0.00 ? 58 GLU A OE1  1 
ATOM 946  O OE2  . GLU A 1 58 ? -9.849  -5.153  0.122   1.00 0.00 ? 58 GLU A OE2  1 
ATOM 947  H H    . GLU A 1 58 ? -8.056  -5.235  4.851   1.00 0.00 ? 58 GLU A H    1 
ATOM 948  H HA   . GLU A 1 58 ? -7.514  -3.961  2.376   1.00 0.00 ? 58 GLU A HA   1 
ATOM 949  H HB2  . GLU A 1 58 ? -10.025 -4.273  4.043   1.00 0.00 ? 58 GLU A HB2  1 
ATOM 950  H HB3  . GLU A 1 58 ? -10.028 -3.592  2.420   1.00 0.00 ? 58 GLU A HB3  1 
ATOM 951  H HG2  . GLU A 1 58 ? -8.953  -6.379  3.097   1.00 0.00 ? 58 GLU A HG2  1 
ATOM 952  H HG3  . GLU A 1 58 ? -10.586 -6.055  2.527   1.00 0.00 ? 58 GLU A HG3  1 
ATOM 953  H HE2  . GLU A 1 58 ? -9.491  -5.209  -0.766  1.00 0.00 ? 58 GLU A HE2  1 
ATOM 954  N N    . ALA A 1 59 ? -8.303  -1.953  4.859   1.00 0.00 ? 59 ALA A N    1 
ATOM 955  C CA   . ALA A 1 59 ? -8.217  -0.591  5.362   1.00 0.00 ? 59 ALA A CA   1 
ATOM 956  C C    . ALA A 1 59 ? -6.825  -0.005  5.152   1.00 0.00 ? 59 ALA A C    1 
ATOM 957  O O    . ALA A 1 59 ? -6.686  1.092   4.618   1.00 0.00 ? 59 ALA A O    1 
ATOM 958  C CB   . ALA A 1 59 ? -8.588  -0.564  6.852   1.00 0.00 ? 59 ALA A CB   1 
ATOM 959  H H    . ALA A 1 59 ? -8.583  -2.684  5.498   1.00 0.00 ? 59 ALA A H    1 
ATOM 960  H HA   . ALA A 1 59 ? -8.906  0.018   4.784   1.00 0.00 ? 59 ALA A HA   1 
ATOM 961  H HB1  . ALA A 1 59 ? -7.911  -1.204  7.415   1.00 0.00 ? 59 ALA A HB1  1 
ATOM 962  H HB2  . ALA A 1 59 ? -8.503  0.447   7.248   1.00 0.00 ? 59 ALA A HB2  1 
ATOM 963  H HB3  . ALA A 1 59 ? -9.608  -0.918  7.001   1.00 0.00 ? 59 ALA A HB3  1 
ATOM 964  N N    . LEU A 1 60 ? -5.799  -0.751  5.561   1.00 0.00 ? 60 LEU A N    1 
ATOM 965  C CA   . LEU A 1 60 ? -4.410  -0.345  5.430   1.00 0.00 ? 60 LEU A CA   1 
ATOM 966  C C    . LEU A 1 60 ? -4.084  -0.074  3.977   1.00 0.00 ? 60 LEU A C    1 
ATOM 967  O O    . LEU A 1 60 ? -3.515  0.964   3.654   1.00 0.00 ? 60 LEU A O    1 
ATOM 968  C CB   . LEU A 1 60 ? -3.491  -1.439  5.993   1.00 0.00 ? 60 LEU A CB   1 
ATOM 969  C CG   . LEU A 1 60 ? -1.988  -1.193  5.768   1.00 0.00 ? 60 LEU A CG   1 
ATOM 970  C CD1  . LEU A 1 60 ? -1.526  0.135   6.378   1.00 0.00 ? 60 LEU A CD1  1 
ATOM 971  C CD2  . LEU A 1 60 ? -1.177  -2.344  6.373   1.00 0.00 ? 60 LEU A CD2  1 
ATOM 972  H H    . LEU A 1 60 ? -6.002  -1.662  5.952   1.00 0.00 ? 60 LEU A H    1 
ATOM 973  H HA   . LEU A 1 60 ? -4.292  0.596   5.963   1.00 0.00 ? 60 LEU A HA   1 
ATOM 974  H HB2  . LEU A 1 60 ? -3.692  -1.535  7.052   1.00 0.00 ? 60 LEU A HB2  1 
ATOM 975  H HB3  . LEU A 1 60 ? -3.739  -2.388  5.522   1.00 0.00 ? 60 LEU A HB3  1 
ATOM 976  H HG   . LEU A 1 60 ? -1.780  -1.180  4.698   1.00 0.00 ? 60 LEU A HG   1 
ATOM 977  H HD11 . LEU A 1 60 ? -1.779  0.166   7.437   1.00 0.00 ? 60 LEU A HD11 1 
ATOM 978  H HD12 . LEU A 1 60 ? -0.446  0.223   6.259   1.00 0.00 ? 60 LEU A HD12 1 
ATOM 979  H HD13 . LEU A 1 60 ? -1.995  0.977   5.873   1.00 0.00 ? 60 LEU A HD13 1 
ATOM 980  H HD21 . LEU A 1 60 ? -1.491  -3.289  5.930   1.00 0.00 ? 60 LEU A HD21 1 
ATOM 981  H HD22 . LEU A 1 60 ? -0.116  -2.196  6.167   1.00 0.00 ? 60 LEU A HD22 1 
ATOM 982  H HD23 . LEU A 1 60 ? -1.324  -2.389  7.452   1.00 0.00 ? 60 LEU A HD23 1 
ATOM 983  N N    . ILE A 1 61 ? -4.454  -1.012  3.109   1.00 0.00 ? 61 ILE A N    1 
ATOM 984  C CA   . ILE A 1 61 ? -4.164  -0.906  1.696   1.00 0.00 ? 61 ILE A CA   1 
ATOM 985  C C    . ILE A 1 61 ? -4.878  0.294   1.097   1.00 0.00 ? 61 ILE A C    1 
ATOM 986  O O    . ILE A 1 61 ? -4.297  0.986   0.270   1.00 0.00 ? 61 ILE A O    1 
ATOM 987  C CB   . ILE A 1 61 ? -4.484  -2.222  0.989   1.00 0.00 ? 61 ILE A CB   1 
ATOM 988  C CG1  . ILE A 1 61 ? -3.440  -3.267  1.405   1.00 0.00 ? 61 ILE A CG1  1 
ATOM 989  C CG2  . ILE A 1 61 ? -4.547  -2.088  -0.538  1.00 0.00 ? 61 ILE A CG2  1 
ATOM 990  C CD1  . ILE A 1 61 ? -2.069  -3.146  0.722   1.00 0.00 ? 61 ILE A CD1  1 
ATOM 991  H H    . ILE A 1 61 ? -4.969  -1.814  3.453   1.00 0.00 ? 61 ILE A H    1 
ATOM 992  H HA   . ILE A 1 61 ? -3.101  -0.731  1.597   1.00 0.00 ? 61 ILE A HA   1 
ATOM 993  H HB   . ILE A 1 61 ? -5.464  -2.563  1.327   1.00 0.00 ? 61 ILE A HB   1 
ATOM 994  H HG12 . ILE A 1 61 ? -3.297  -3.256  2.485   1.00 0.00 ? 61 ILE A HG12 1 
ATOM 995  H HG13 . ILE A 1 61 ? -3.869  -4.220  1.141   1.00 0.00 ? 61 ILE A HG13 1 
ATOM 996  H HG21 . ILE A 1 61 ? -3.651  -1.598  -0.920  1.00 0.00 ? 61 ILE A HG21 1 
ATOM 997  H HG22 . ILE A 1 61 ? -4.635  -3.080  -0.980  1.00 0.00 ? 61 ILE A HG22 1 
ATOM 998  H HG23 . ILE A 1 61 ? -5.421  -1.504  -0.830  1.00 0.00 ? 61 ILE A HG23 1 
ATOM 999  H HD11 . ILE A 1 61 ? -1.630  -2.162  0.879   1.00 0.00 ? 61 ILE A HD11 1 
ATOM 1000 H HD12 . ILE A 1 61 ? -1.393  -3.888  1.147   1.00 0.00 ? 61 ILE A HD12 1 
ATOM 1001 H HD13 . ILE A 1 61 ? -2.156  -3.333  -0.347  1.00 0.00 ? 61 ILE A HD13 1 
ATOM 1002 N N    . ARG A 1 62 ? -6.111  0.567   1.529   1.00 0.00 ? 62 ARG A N    1 
ATOM 1003 C CA   . ARG A 1 62 ? -6.871  1.701   1.038   1.00 0.00 ? 62 ARG A CA   1 
ATOM 1004 C C    . ARG A 1 62 ? -6.186  3.017   1.403   1.00 0.00 ? 62 ARG A C    1 
ATOM 1005 O O    . ARG A 1 62 ? -6.034  3.895   0.555   1.00 0.00 ? 62 ARG A O    1 
ATOM 1006 C CB   . ARG A 1 62 ? -8.313  1.638   1.553   1.00 0.00 ? 62 ARG A CB   1 
ATOM 1007 C CG   . ARG A 1 62 ? -9.201  2.755   0.980   1.00 0.00 ? 62 ARG A CG   1 
ATOM 1008 C CD   . ARG A 1 62 ? -9.174  2.814   -0.555  1.00 0.00 ? 62 ARG A CD   1 
ATOM 1009 N NE   . ARG A 1 62 ? -10.144 3.785   -1.073  1.00 0.00 ? 62 ARG A NE   1 
ATOM 1010 C CZ   . ARG A 1 62 ? -10.176 4.236   -2.340  1.00 0.00 ? 62 ARG A CZ   1 
ATOM 1011 N NH1  . ARG A 1 62 ? -9.300  3.798   -3.257  1.00 0.00 ? 62 ARG A NH1  1 
ATOM 1012 N NH2  . ARG A 1 62 ? -11.101 5.140   -2.692  1.00 0.00 ? 62 ARG A NH2  1 
ATOM 1013 H H    . ARG A 1 62 ? -6.527  -0.032  2.228   1.00 0.00 ? 62 ARG A H    1 
ATOM 1014 H HA   . ARG A 1 62 ? -6.882  1.608   -0.039  1.00 0.00 ? 62 ARG A HA   1 
ATOM 1015 H HB2  . ARG A 1 62 ? -8.747  0.668   1.307   1.00 0.00 ? 62 ARG A HB2  1 
ATOM 1016 H HB3  . ARG A 1 62 ? -8.295  1.723   2.637   1.00 0.00 ? 62 ARG A HB3  1 
ATOM 1017 H HG2  . ARG A 1 62 ? -10.225 2.575   1.312   1.00 0.00 ? 62 ARG A HG2  1 
ATOM 1018 H HG3  . ARG A 1 62 ? -8.878  3.719   1.377   1.00 0.00 ? 62 ARG A HG3  1 
ATOM 1019 H HD2  . ARG A 1 62 ? -8.185  3.123   -0.888  1.00 0.00 ? 62 ARG A HD2  1 
ATOM 1020 H HD3  . ARG A 1 62 ? -9.405  1.827   -0.960  1.00 0.00 ? 62 ARG A HD3  1 
ATOM 1021 H HE   . ARG A 1 62 ? -10.825 4.140   -0.416  1.00 0.00 ? 62 ARG A HE   1 
ATOM 1022 H HH11 . ARG A 1 62 ? -8.590  3.119   -3.016  1.00 0.00 ? 62 ARG A HH11 1 
ATOM 1023 H HH12 . ARG A 1 62 ? -9.336  4.151   -4.203  1.00 0.00 ? 62 ARG A HH12 1 
ATOM 1024 H HH21 . ARG A 1 62 ? -11.765 5.480   -2.011  1.00 0.00 ? 62 ARG A HH21 1 
ATOM 1025 H HH22 . ARG A 1 62 ? -11.137 5.491   -3.638  1.00 0.00 ? 62 ARG A HH22 1 
ATOM 1026 N N    . ILE A 1 63 ? -5.766  3.147   2.664   1.00 0.00 ? 63 ILE A N    1 
ATOM 1027 C CA   . ILE A 1 63 ? -5.135  4.357   3.168   1.00 0.00 ? 63 ILE A CA   1 
ATOM 1028 C C    . ILE A 1 63 ? -3.762  4.548   2.529   1.00 0.00 ? 63 ILE A C    1 
ATOM 1029 O O    . ILE A 1 63 ? -3.394  5.663   2.171   1.00 0.00 ? 63 ILE A O    1 
ATOM 1030 C CB   . ILE A 1 63 ? -5.077  4.309   4.704   1.00 0.00 ? 63 ILE A CB   1 
ATOM 1031 C CG1  . ILE A 1 63 ? -6.516  4.330   5.250   1.00 0.00 ? 63 ILE A CG1  1 
ATOM 1032 C CG2  . ILE A 1 63 ? -4.265  5.484   5.271   1.00 0.00 ? 63 ILE A CG2  1 
ATOM 1033 C CD1  . ILE A 1 63 ? -6.596  4.103   6.762   1.00 0.00 ? 63 ILE A CD1  1 
ATOM 1034 H H    . ILE A 1 63 ? -5.892  2.369   3.304   1.00 0.00 ? 63 ILE A H    1 
ATOM 1035 H HA   . ILE A 1 63 ? -5.740  5.206   2.864   1.00 0.00 ? 63 ILE A HA   1 
ATOM 1036 H HB   . ILE A 1 63 ? -4.594  3.378   4.998   1.00 0.00 ? 63 ILE A HB   1 
ATOM 1037 H HG12 . ILE A 1 63 ? -6.971  5.282   4.992   1.00 0.00 ? 63 ILE A HG12 1 
ATOM 1038 H HG13 . ILE A 1 63 ? -7.112  3.550   4.781   1.00 0.00 ? 63 ILE A HG13 1 
ATOM 1039 H HG21 . ILE A 1 63 ? -4.713  6.430   4.965   1.00 0.00 ? 63 ILE A HG21 1 
ATOM 1040 H HG22 . ILE A 1 63 ? -4.235  5.437   6.358   1.00 0.00 ? 63 ILE A HG22 1 
ATOM 1041 H HG23 . ILE A 1 63 ? -3.234  5.447   4.919   1.00 0.00 ? 63 ILE A HG23 1 
ATOM 1042 H HD11 . ILE A 1 63 ? -6.057  3.192   7.028   1.00 0.00 ? 63 ILE A HD11 1 
ATOM 1043 H HD12 . ILE A 1 63 ? -6.179  4.949   7.306   1.00 0.00 ? 63 ILE A HD12 1 
ATOM 1044 H HD13 . ILE A 1 63 ? -7.642  3.990   7.049   1.00 0.00 ? 63 ILE A HD13 1 
ATOM 1045 N N    . LEU A 1 64 ? -3.018  3.455   2.381   1.00 0.00 ? 64 LEU A N    1 
ATOM 1046 C CA   . LEU A 1 64 ? -1.698  3.441   1.778   1.00 0.00 ? 64 LEU A CA   1 
ATOM 1047 C C    . LEU A 1 64 ? -1.780  3.820   0.303   1.00 0.00 ? 64 LEU A C    1 
ATOM 1048 O O    . LEU A 1 64 ? -1.010  4.650   -0.160  1.00 0.00 ? 64 LEU A O    1 
ATOM 1049 C CB   . LEU A 1 64 ? -1.072  2.065   2.014   1.00 0.00 ? 64 LEU A CB   1 
ATOM 1050 C CG   . LEU A 1 64 ? 0.409   1.910   1.636   1.00 0.00 ? 64 LEU A CG   1 
ATOM 1051 C CD1  . LEU A 1 64 ? 0.582   1.384   0.214   1.00 0.00 ? 64 LEU A CD1  1 
ATOM 1052 C CD2  . LEU A 1 64 ? 1.289   3.151   1.814   1.00 0.00 ? 64 LEU A CD2  1 
ATOM 1053 H H    . LEU A 1 64 ? -3.402  2.580   2.709   1.00 0.00 ? 64 LEU A H    1 
ATOM 1054 H HA   . LEU A 1 64 ? -1.099  4.191   2.279   1.00 0.00 ? 64 LEU A HA   1 
ATOM 1055 H HB2  . LEU A 1 64 ? -1.158  1.838   3.077   1.00 0.00 ? 64 LEU A HB2  1 
ATOM 1056 H HB3  . LEU A 1 64 ? -1.660  1.320   1.482   1.00 0.00 ? 64 LEU A HB3  1 
ATOM 1057 H HG   . LEU A 1 64 ? 0.795   1.158   2.316   1.00 0.00 ? 64 LEU A HG   1 
ATOM 1058 H HD11 . LEU A 1 64 ? 0.048   0.444   0.088   1.00 0.00 ? 64 LEU A HD11 1 
ATOM 1059 H HD12 . LEU A 1 64 ? 0.214   2.114   -0.503  1.00 0.00 ? 64 LEU A HD12 1 
ATOM 1060 H HD13 . LEU A 1 64 ? 1.643   1.213   0.045   1.00 0.00 ? 64 LEU A HD13 1 
ATOM 1061 H HD21 . LEU A 1 64 ? 1.196   3.535   2.827   1.00 0.00 ? 64 LEU A HD21 1 
ATOM 1062 H HD22 . LEU A 1 64 ? 2.325   2.868   1.635   1.00 0.00 ? 64 LEU A HD22 1 
ATOM 1063 H HD23 . LEU A 1 64 ? 1.028   3.921   1.091   1.00 0.00 ? 64 LEU A HD23 1 
ATOM 1064 N N    . GLN A 1 65 ? -2.738  3.236   -0.417  1.00 0.00 ? 65 GLN A N    1 
ATOM 1065 C CA   . GLN A 1 65 ? -3.033  3.521   -1.814  1.00 0.00 ? 65 GLN A CA   1 
ATOM 1066 C C    . GLN A 1 65 ? -3.341  4.992   -2.019  1.00 0.00 ? 65 GLN A C    1 
ATOM 1067 O O    . GLN A 1 65 ? -2.809  5.617   -2.930  1.00 0.00 ? 65 GLN A O    1 
ATOM 1068 C CB   . GLN A 1 65 ? -4.218  2.661   -2.239  1.00 0.00 ? 65 GLN A CB   1 
ATOM 1069 C CG   . GLN A 1 65 ? -4.545  2.820   -3.718  1.00 0.00 ? 65 GLN A CG   1 
ATOM 1070 C CD   . GLN A 1 65 ? -5.695  1.894   -4.105  1.00 0.00 ? 65 GLN A CD   1 
ATOM 1071 O OE1  . GLN A 1 65 ? -6.857  2.296   -4.076  1.00 0.00 ? 65 GLN A OE1  1 
ATOM 1072 N NE2  . GLN A 1 65 ? -5.372  0.643   -4.444  1.00 0.00 ? 65 GLN A NE2  1 
ATOM 1073 H H    . GLN A 1 65 ? -3.344  2.591   0.069   1.00 0.00 ? 65 GLN A H    1 
ATOM 1074 H HA   . GLN A 1 65 ? -2.183  3.277   -2.442  1.00 0.00 ? 65 GLN A HA   1 
ATOM 1075 H HB2  . GLN A 1 65 ? -3.967  1.625   -2.050  1.00 0.00 ? 65 GLN A HB2  1 
ATOM 1076 H HB3  . GLN A 1 65 ? -5.093  2.922   -1.650  1.00 0.00 ? 65 GLN A HB3  1 
ATOM 1077 H HG2  . GLN A 1 65 ? -4.812  3.856   -3.913  1.00 0.00 ? 65 GLN A HG2  1 
ATOM 1078 H HG3  . GLN A 1 65 ? -3.654  2.589   -4.295  1.00 0.00 ? 65 GLN A HG3  1 
ATOM 1079 H HE21 . GLN A 1 65 ? -4.404  0.357   -4.444  1.00 0.00 ? 65 GLN A HE21 1 
ATOM 1080 H HE22 . GLN A 1 65 ? -6.093  -0.018  -4.693  1.00 0.00 ? 65 GLN A HE22 1 
ATOM 1081 N N    . GLN A 1 66 ? -4.214  5.524   -1.170  1.00 0.00 ? 66 GLN A N    1 
ATOM 1082 C CA   . GLN A 1 66 ? -4.586  6.930   -1.182  1.00 0.00 ? 66 GLN A CA   1 
ATOM 1083 C C    . GLN A 1 66 ? -3.364  7.809   -0.958  1.00 0.00 ? 66 GLN A C    1 
ATOM 1084 O O    . GLN A 1 66 ? -3.084  8.721   -1.731  1.00 0.00 ? 66 GLN A O    1 
ATOM 1085 C CB   . GLN A 1 66 ? -5.643  7.164   -0.111  1.00 0.00 ? 66 GLN A CB   1 
ATOM 1086 C CG   . GLN A 1 66 ? -6.182  8.598   -0.049  1.00 0.00 ? 66 GLN A CG   1 
ATOM 1087 C CD   . GLN A 1 66 ? -6.261  9.334   -1.389  1.00 0.00 ? 66 GLN A CD   1 
ATOM 1088 O OE1  . GLN A 1 66 ? -6.976  8.918   -2.298  1.00 0.00 ? 66 GLN A OE1  1 
ATOM 1089 N NE2  . GLN A 1 66 ? -5.519  10.438  -1.500  1.00 0.00 ? 66 GLN A NE2  1 
ATOM 1090 H H    . GLN A 1 66 ? -4.622  4.898   -0.485  1.00 0.00 ? 66 GLN A H    1 
ATOM 1091 H HA   . GLN A 1 66 ? -5.024  7.161   -2.145  1.00 0.00 ? 66 GLN A HA   1 
ATOM 1092 H HB2  . GLN A 1 66 ? -6.449  6.473   -0.312  1.00 0.00 ? 66 GLN A HB2  1 
ATOM 1093 H HB3  . GLN A 1 66 ? -5.240  6.909   0.866   1.00 0.00 ? 66 GLN A HB3  1 
ATOM 1094 H HG2  . GLN A 1 66 ? -7.184  8.528   0.356   1.00 0.00 ? 66 GLN A HG2  1 
ATOM 1095 H HG3  . GLN A 1 66 ? -5.560  9.165   0.645   1.00 0.00 ? 66 GLN A HG3  1 
ATOM 1096 H HE21 . GLN A 1 66 ? -4.940  10.709  -0.720  1.00 0.00 ? 66 GLN A HE21 1 
ATOM 1097 H HE22 . GLN A 1 66 ? -5.470  10.976  -2.355  1.00 0.00 ? 66 GLN A HE22 1 
ATOM 1098 N N    . LEU A 1 67 ? -2.634  7.506   0.110   1.00 0.00 ? 67 LEU A N    1 
ATOM 1099 C CA   . LEU A 1 67 ? -1.408  8.207   0.461   1.00 0.00 ? 67 LEU A CA   1 
ATOM 1100 C C    . LEU A 1 67 ? -0.422  8.221   -0.695  1.00 0.00 ? 67 LEU A C    1 
ATOM 1101 O O    . LEU A 1 67 ? 0.173   9.258   -0.990  1.00 0.00 ? 67 LEU A O    1 
ATOM 1102 C CB   . LEU A 1 67 ? -0.812  7.590   1.732   1.00 0.00 ? 67 LEU A CB   1 
ATOM 1103 C CG   . LEU A 1 67 ? 0.506   8.239   2.190   1.00 0.00 ? 67 LEU A CG   1 
ATOM 1104 C CD1  . LEU A 1 67 ? 0.654   8.075   3.703   1.00 0.00 ? 67 LEU A CD1  1 
ATOM 1105 C CD2  . LEU A 1 67 ? 1.739   7.569   1.572   1.00 0.00 ? 67 LEU A CD2  1 
ATOM 1106 H H    . LEU A 1 67 ? -2.975  6.746   0.688   1.00 0.00 ? 67 LEU A H    1 
ATOM 1107 H HA   . LEU A 1 67 ? -1.666  9.244   0.617   1.00 0.00 ? 67 LEU A HA   1 
ATOM 1108 H HB2  . LEU A 1 67 ? -1.555  7.681   2.525   1.00 0.00 ? 67 LEU A HB2  1 
ATOM 1109 H HB3  . LEU A 1 67 ? -0.643  6.532   1.564   1.00 0.00 ? 67 LEU A HB3  1 
ATOM 1110 H HG   . LEU A 1 67 ? 0.497   9.303   1.955   1.00 0.00 ? 67 LEU A HG   1 
ATOM 1111 H HD11 . LEU A 1 67 ? -0.177  8.553   4.215   1.00 0.00 ? 67 LEU A HD11 1 
ATOM 1112 H HD12 . LEU A 1 67 ? 0.675   7.013   3.953   1.00 0.00 ? 67 LEU A HD12 1 
ATOM 1113 H HD13 . LEU A 1 67 ? 1.585   8.543   4.025   1.00 0.00 ? 67 LEU A HD13 1 
ATOM 1114 H HD21 . LEU A 1 67 ? 1.751   6.512   1.835   1.00 0.00 ? 67 LEU A HD21 1 
ATOM 1115 H HD22 . LEU A 1 67 ? 1.760   7.657   0.491   1.00 0.00 ? 67 LEU A HD22 1 
ATOM 1116 H HD23 . LEU A 1 67 ? 2.635   8.048   1.967   1.00 0.00 ? 67 LEU A HD23 1 
ATOM 1117 N N    . LEU A 1 68 ? -0.264  7.073   -1.355  1.00 0.00 ? 68 LEU A N    1 
ATOM 1118 C CA   . LEU A 1 68 ? 0.583   6.934   -2.504  1.00 0.00 ? 68 LEU A CA   1 
ATOM 1119 C C    . LEU A 1 68 ? 0.082   7.868   -3.573  1.00 0.00 ? 68 LEU A C    1 
ATOM 1120 O O    . LEU A 1 68 ? 0.840   8.696   -4.048  1.00 0.00 ? 68 LEU A O    1 
ATOM 1121 C CB   . LEU A 1 68 ? 0.507   5.484   -3.000  1.00 0.00 ? 68 LEU A CB   1 
ATOM 1122 C CG   . LEU A 1 68 ? 1.864   4.814   -2.869  1.00 0.00 ? 68 LEU A CG   1 
ATOM 1123 C CD1  . LEU A 1 68 ? 1.745   3.319   -3.136  1.00 0.00 ? 68 LEU A CD1  1 
ATOM 1124 C CD2  . LEU A 1 68 ? 2.953   5.374   -3.776  1.00 0.00 ? 68 LEU A CD2  1 
ATOM 1125 H H    . LEU A 1 68 ? -0.825  6.265   -1.130  1.00 0.00 ? 68 LEU A H    1 
ATOM 1126 H HA   . LEU A 1 68 ? 1.590   7.248   -2.227  1.00 0.00 ? 68 LEU A HA   1 
ATOM 1127 H HB2  . LEU A 1 68 ? -0.196  4.910   -2.405  1.00 0.00 ? 68 LEU A HB2  1 
ATOM 1128 H HB3  . LEU A 1 68 ? 0.126   5.435   -4.009  1.00 0.00 ? 68 LEU A HB3  1 
ATOM 1129 H HG   . LEU A 1 68 ? 2.154   4.994   -1.847  1.00 0.00 ? 68 LEU A HG   1 
ATOM 1130 H HD11 . LEU A 1 68 ? 1.018   2.874   -2.461  1.00 0.00 ? 68 LEU A HD11 1 
ATOM 1131 H HD12 . LEU A 1 68 ? 1.441   3.142   -4.167  1.00 0.00 ? 68 LEU A HD12 1 
ATOM 1132 H HD13 . LEU A 1 68 ? 2.724   2.880   -2.963  1.00 0.00 ? 68 LEU A HD13 1 
ATOM 1133 H HD21 . LEU A 1 68 ? 2.608   5.337   -4.805  1.00 0.00 ? 68 LEU A HD21 1 
ATOM 1134 H HD22 . LEU A 1 68 ? 3.203   6.391   -3.487  1.00 0.00 ? 68 LEU A HD22 1 
ATOM 1135 H HD23 . LEU A 1 68 ? 3.844   4.755   -3.669  1.00 0.00 ? 68 LEU A HD23 1 
ATOM 1136 N N    . PHE A 1 69 ? -1.200  7.724   -3.907  1.00 0.00 ? 69 PHE A N    1 
ATOM 1137 C CA   . PHE A 1 69 ? -1.867  8.440   -4.981  1.00 0.00 ? 69 PHE A CA   1 
ATOM 1138 C C    . PHE A 1 69 ? -1.564  9.934   -4.920  1.00 0.00 ? 69 PHE A C    1 
ATOM 1139 O O    . PHE A 1 69 ? -1.323  10.530  -5.965  1.00 0.00 ? 69 PHE A O    1 
ATOM 1140 C CB   . PHE A 1 69 ? -3.375  8.160   -4.987  1.00 0.00 ? 69 PHE A CB   1 
ATOM 1141 C CG   . PHE A 1 69 ? -4.139  8.978   -6.011  1.00 0.00 ? 69 PHE A CG   1 
ATOM 1142 C CD1  . PHE A 1 69 ? -4.019  8.681   -7.382  1.00 0.00 ? 69 PHE A CD1  1 
ATOM 1143 C CD2  . PHE A 1 69 ? -4.883  10.102  -5.603  1.00 0.00 ? 69 PHE A CD2  1 
ATOM 1144 C CE1  . PHE A 1 69 ? -4.663  9.488   -8.336  1.00 0.00 ? 69 PHE A CE1  1 
ATOM 1145 C CE2  . PHE A 1 69 ? -5.528  10.906  -6.558  1.00 0.00 ? 69 PHE A CE2  1 
ATOM 1146 C CZ   . PHE A 1 69 ? -5.425  10.594  -7.925  1.00 0.00 ? 69 PHE A CZ   1 
ATOM 1147 H H    . PHE A 1 69 ? -1.708  7.043   -3.361  1.00 0.00 ? 69 PHE A H    1 
ATOM 1148 H HA   . PHE A 1 69 ? -1.468  8.056   -5.919  1.00 0.00 ? 69 PHE A HA   1 
ATOM 1149 H HB2  . PHE A 1 69 ? -3.535  7.101   -5.196  1.00 0.00 ? 69 PHE A HB2  1 
ATOM 1150 H HB3  . PHE A 1 69 ? -3.794  8.368   -4.007  1.00 0.00 ? 69 PHE A HB3  1 
ATOM 1151 H HD1  . PHE A 1 69 ? -3.427  7.837   -7.705  1.00 0.00 ? 69 PHE A HD1  1 
ATOM 1152 H HD2  . PHE A 1 69 ? -4.959  10.355  -4.556  1.00 0.00 ? 69 PHE A HD2  1 
ATOM 1153 H HE1  . PHE A 1 69 ? -4.578  9.250   -9.387  1.00 0.00 ? 69 PHE A HE1  1 
ATOM 1154 H HE2  . PHE A 1 69 ? -6.108  11.760  -6.240  1.00 0.00 ? 69 PHE A HE2  1 
ATOM 1155 H HZ   . PHE A 1 69 ? -5.940  11.199  -8.656  1.00 0.00 ? 69 PHE A HZ   1 
ATOM 1156 N N    . ILE A 1 70 ? -1.524  10.533  -3.722  1.00 0.00 ? 70 ILE A N    1 
ATOM 1157 C CA   . ILE A 1 70 ? -1.172  11.941  -3.606  1.00 0.00 ? 70 ILE A CA   1 
ATOM 1158 C C    . ILE A 1 70 ? 0.263   12.176  -4.077  1.00 0.00 ? 70 ILE A C    1 
ATOM 1159 O O    . ILE A 1 70 ? 0.508   13.028  -4.929  1.00 0.00 ? 70 ILE A O    1 
ATOM 1160 C CB   . ILE A 1 70 ? -1.408  12.454  -2.173  1.00 0.00 ? 70 ILE A CB   1 
ATOM 1161 C CG1  . ILE A 1 70 ? -2.864  12.250  -1.727  1.00 0.00 ? 70 ILE A CG1  1 
ATOM 1162 C CG2  . ILE A 1 70 ? -1.083  13.949  -2.091  1.00 0.00 ? 70 ILE A CG2  1 
ATOM 1163 C CD1  . ILE A 1 70 ? -3.077  12.558  -0.238  1.00 0.00 ? 70 ILE A CD1  1 
ATOM 1164 H H    . ILE A 1 70 ? -1.696  10.005  -2.871  1.00 0.00 ? 70 ILE A H    1 
ATOM 1165 H HA   . ILE A 1 70 ? -1.809  12.488  -4.289  1.00 0.00 ? 70 ILE A HA   1 
ATOM 1166 H HB   . ILE A 1 70 ? -0.755  11.895  -1.505  1.00 0.00 ? 70 ILE A HB   1 
ATOM 1167 H HG12 . ILE A 1 70 ? -3.531  12.870  -2.328  1.00 0.00 ? 70 ILE A HG12 1 
ATOM 1168 H HG13 . ILE A 1 70 ? -3.124  11.212  -1.890  1.00 0.00 ? 70 ILE A HG13 1 
ATOM 1169 H HG21 . ILE A 1 70 ? -0.061  14.137  -2.411  1.00 0.00 ? 70 ILE A HG21 1 
ATOM 1170 H HG22 . ILE A 1 70 ? -1.773  14.503  -2.730  1.00 0.00 ? 70 ILE A HG22 1 
ATOM 1171 H HG23 . ILE A 1 70 ? -1.180  14.303  -1.068  1.00 0.00 ? 70 ILE A HG23 1 
ATOM 1172 H HD11 . ILE A 1 70 ? -2.373  11.984  0.363   1.00 0.00 ? 70 ILE A HD11 1 
ATOM 1173 H HD12 . ILE A 1 70 ? -2.951  13.619  -0.034  1.00 0.00 ? 70 ILE A HD12 1 
ATOM 1174 H HD13 . ILE A 1 70 ? -4.091  12.288  0.054   1.00 0.00 ? 70 ILE A HD13 1 
ATOM 1175 N N    . HIS A 1 71 ? 1.211   11.416  -3.524  1.00 0.00 ? 71 HIS A N    1 
ATOM 1176 C CA   . HIS A 1 71 ? 2.630   11.577  -3.821  1.00 0.00 ? 71 HIS A CA   1 
ATOM 1177 C C    . HIS A 1 71 ? 2.978   11.110  -5.238  1.00 0.00 ? 71 HIS A C    1 
ATOM 1178 O O    . HIS A 1 71 ? 4.004   11.509  -5.780  1.00 0.00 ? 71 HIS A O    1 
ATOM 1179 C CB   . HIS A 1 71 ? 3.460   10.825  -2.776  1.00 0.00 ? 71 HIS A CB   1 
ATOM 1180 C CG   . HIS A 1 71 ? 3.108   11.185  -1.354  1.00 0.00 ? 71 HIS A CG   1 
ATOM 1181 N ND1  . HIS A 1 71 ? 2.725   12.478  -0.993  1.00 0.00 ? 71 HIS A ND1  1 
ATOM 1182 C CD2  . HIS A 1 71 ? 3.062   10.385  -0.245  1.00 0.00 ? 71 HIS A CD2  1 
ATOM 1183 C CE1  . HIS A 1 71 ? 2.441   12.398  0.310   1.00 0.00 ? 71 HIS A CE1  1 
ATOM 1184 N NE2  . HIS A 1 71 ? 2.627   11.164  0.806   1.00 0.00 ? 71 HIS A NE2  1 
ATOM 1185 H H    . HIS A 1 71 ? 0.924   10.681  -2.888  1.00 0.00 ? 71 HIS A H    1 
ATOM 1186 H HA   . HIS A 1 71 ? 2.876   12.638  -3.753  1.00 0.00 ? 71 HIS A HA   1 
ATOM 1187 H HB2  . HIS A 1 71 ? 3.302   9.753   -2.907  1.00 0.00 ? 71 HIS A HB2  1 
ATOM 1188 H HB3  . HIS A 1 71 ? 4.517   11.040  -2.936  1.00 0.00 ? 71 HIS A HB3  1 
ATOM 1189 H HD2  . HIS A 1 71 ? 3.293   9.332   -0.215  1.00 0.00 ? 71 HIS A HD2  1 
ATOM 1190 H HE1  . HIS A 1 71 ? 2.103   13.237  0.901   1.00 0.00 ? 71 HIS A HE1  1 
ATOM 1191 H HE2  . HIS A 1 71 ? 2.477   10.858  1.757   1.00 0.00 ? 71 HIS A HE2  1 
ATOM 1192 N N    . PHE A 1 72 ? 2.124   10.269  -5.828  1.00 0.00 ? 72 PHE A N    1 
ATOM 1193 C CA   . PHE A 1 72 ? 2.247   9.687   -7.149  1.00 0.00 ? 72 PHE A CA   1 
ATOM 1194 C C    . PHE A 1 72 ? 1.755   10.713  -8.168  1.00 0.00 ? 72 PHE A C    1 
ATOM 1195 O O    . PHE A 1 72 ? 2.370   10.896  -9.214  1.00 0.00 ? 72 PHE A O    1 
ATOM 1196 C CB   . PHE A 1 72 ? 1.405   8.403   -7.148  1.00 0.00 ? 72 PHE A CB   1 
ATOM 1197 C CG   . PHE A 1 72 ? 1.765   7.255   -8.070  1.00 0.00 ? 72 PHE A CG   1 
ATOM 1198 C CD1  . PHE A 1 72 ? 2.629   7.426   -9.168  1.00 0.00 ? 72 PHE A CD1  1 
ATOM 1199 C CD2  . PHE A 1 72 ? 1.297   5.963   -7.750  1.00 0.00 ? 72 PHE A CD2  1 
ATOM 1200 C CE1  . PHE A 1 72 ? 2.963   6.330   -9.982  1.00 0.00 ? 72 PHE A CE1  1 
ATOM 1201 C CE2  . PHE A 1 72 ? 1.617   4.870   -8.574  1.00 0.00 ? 72 PHE A CE2  1 
ATOM 1202 C CZ   . PHE A 1 72 ? 2.448   5.055   -9.692  1.00 0.00 ? 72 PHE A CZ   1 
ATOM 1203 H H    . PHE A 1 72 ? 1.298   9.991   -5.319  1.00 0.00 ? 72 PHE A H    1 
ATOM 1204 H HA   . PHE A 1 72 ? 3.289   9.447   -7.323  1.00 0.00 ? 72 PHE A HA   1 
ATOM 1205 H HB2  . PHE A 1 72 ? 1.503   7.969   -6.162  1.00 0.00 ? 72 PHE A HB2  1 
ATOM 1206 H HB3  . PHE A 1 72 ? 0.362   8.677   -7.282  1.00 0.00 ? 72 PHE A HB3  1 
ATOM 1207 H HD1  . PHE A 1 72 ? 3.076   8.385   -9.365  1.00 0.00 ? 72 PHE A HD1  1 
ATOM 1208 H HD2  . PHE A 1 72 ? 0.713   5.797   -6.850  1.00 0.00 ? 72 PHE A HD2  1 
ATOM 1209 H HE1  . PHE A 1 72 ? 3.624   6.467   -10.825 1.00 0.00 ? 72 PHE A HE1  1 
ATOM 1210 H HE2  . PHE A 1 72 ? 1.239   3.887   -8.337  1.00 0.00 ? 72 PHE A HE2  1 
ATOM 1211 H HZ   . PHE A 1 72 ? 2.702   4.214   -10.321 1.00 0.00 ? 72 PHE A HZ   1 
ATOM 1212 N N    . ARG A 1 73 ? 0.663   11.409  -7.828  1.00 0.00 ? 73 ARG A N    1 
ATOM 1213 C CA   . ARG A 1 73 ? 0.115   12.502  -8.623  1.00 0.00 ? 73 ARG A CA   1 
ATOM 1214 C C    . ARG A 1 73 ? 1.140   13.627  -8.717  1.00 0.00 ? 73 ARG A C    1 
ATOM 1215 O O    . ARG A 1 73 ? 1.491   14.075  -9.808  1.00 0.00 ? 73 ARG A O    1 
ATOM 1216 C CB   . ARG A 1 73 ? -1.192  12.987  -7.992  1.00 0.00 ? 73 ARG A CB   1 
ATOM 1217 C CG   . ARG A 1 73 ? -1.990  13.905  -8.921  1.00 0.00 ? 73 ARG A CG   1 
ATOM 1218 C CD   . ARG A 1 73 ? -3.329  14.252  -8.258  1.00 0.00 ? 73 ARG A CD   1 
ATOM 1219 N NE   . ARG A 1 73 ? -4.190  15.043  -9.146  1.00 0.00 ? 73 ARG A NE   1 
ATOM 1220 C CZ   . ARG A 1 73 ? -4.921  14.551  -10.162 1.00 0.00 ? 73 ARG A CZ   1 
ATOM 1221 N NH1  . ARG A 1 73 ? -4.898  13.243  -10.457 1.00 0.00 ? 73 ARG A NH1  1 
ATOM 1222 N NH2  . ARG A 1 73 ? -5.681  15.379  -10.891 1.00 0.00 ? 73 ARG A NH2  1 
ATOM 1223 H H    . ARG A 1 73 ? 0.221   11.190  -6.940  1.00 0.00 ? 73 ARG A H    1 
ATOM 1224 H HA   . ARG A 1 73 ? -0.104  12.128  -9.618  1.00 0.00 ? 73 ARG A HA   1 
ATOM 1225 H HB2  . ARG A 1 73 ? -1.801  12.117  -7.772  1.00 0.00 ? 73 ARG A HB2  1 
ATOM 1226 H HB3  . ARG A 1 73 ? -0.984  13.503  -7.060  1.00 0.00 ? 73 ARG A HB3  1 
ATOM 1227 H HG2  . ARG A 1 73 ? -1.429  14.820  -9.115  1.00 0.00 ? 73 ARG A HG2  1 
ATOM 1228 H HG3  . ARG A 1 73 ? -2.166  13.388  -9.865  1.00 0.00 ? 73 ARG A HG3  1 
ATOM 1229 H HD2  . ARG A 1 73 ? -3.847  13.342  -7.956  1.00 0.00 ? 73 ARG A HD2  1 
ATOM 1230 H HD3  . ARG A 1 73 ? -3.131  14.839  -7.359  1.00 0.00 ? 73 ARG A HD3  1 
ATOM 1231 H HE   . ARG A 1 73 ? -4.231  16.036  -8.962  1.00 0.00 ? 73 ARG A HE   1 
ATOM 1232 H HH11 . ARG A 1 73 ? -4.318  12.615  -9.919  1.00 0.00 ? 73 ARG A HH11 1 
ATOM 1233 H HH12 . ARG A 1 73 ? -5.448  12.880  -11.222 1.00 0.00 ? 73 ARG A HH12 1 
ATOM 1234 H HH21 . ARG A 1 73 ? -5.704  16.366  -10.678 1.00 0.00 ? 73 ARG A HH21 1 
ATOM 1235 H HH22 . ARG A 1 73 ? -6.234  15.024  -11.657 1.00 0.00 ? 73 ARG A HH22 1 
ATOM 1236 N N    . ILE A 1 74 ? 1.634   14.047  -7.549  1.00 0.00 ? 74 ILE A N    1 
ATOM 1237 C CA   . ILE A 1 74 ? 2.700   15.035  -7.428  1.00 0.00 ? 74 ILE A CA   1 
ATOM 1238 C C    . ILE A 1 74 ? 3.930   14.552  -8.198  1.00 0.00 ? 74 ILE A C    1 
ATOM 1239 O O    . ILE A 1 74 ? 4.495   15.302  -8.985  1.00 0.00 ? 74 ILE A O    1 
ATOM 1240 C CB   . ILE A 1 74 ? 3.002   15.321  -5.945  1.00 0.00 ? 74 ILE A CB   1 
ATOM 1241 C CG1  . ILE A 1 74 ? 1.792   16.019  -5.297  1.00 0.00 ? 74 ILE A CG1  1 
ATOM 1242 C CG2  . ILE A 1 74 ? 4.253   16.203  -5.786  1.00 0.00 ? 74 ILE A CG2  1 
ATOM 1243 C CD1  . ILE A 1 74 ? 1.894   16.088  -3.770  1.00 0.00 ? 74 ILE A CD1  1 
ATOM 1244 H H    . ILE A 1 74 ? 1.253   13.619  -6.714  1.00 0.00 ? 74 ILE A H    1 
ATOM 1245 H HA   . ILE A 1 74 ? 2.366   15.960  -7.887  1.00 0.00 ? 74 ILE A HA   1 
ATOM 1246 H HB   . ILE A 1 74 ? 3.181   14.369  -5.448  1.00 0.00 ? 74 ILE A HB   1 
ATOM 1247 H HG12 . ILE A 1 74 ? 1.701   17.027  -5.698  1.00 0.00 ? 74 ILE A HG12 1 
ATOM 1248 H HG13 . ILE A 1 74 ? 0.876   15.482  -5.537  1.00 0.00 ? 74 ILE A HG13 1 
ATOM 1249 H HG21 . ILE A 1 74 ? 5.124   15.738  -6.247  1.00 0.00 ? 74 ILE A HG21 1 
ATOM 1250 H HG22 . ILE A 1 74 ? 4.084   17.175  -6.250  1.00 0.00 ? 74 ILE A HG22 1 
ATOM 1251 H HG23 . ILE A 1 74 ? 4.482   16.349  -4.732  1.00 0.00 ? 74 ILE A HG23 1 
ATOM 1252 H HD11 . ILE A 1 74 ? 2.081   15.094  -3.363  1.00 0.00 ? 74 ILE A HD11 1 
ATOM 1253 H HD12 . ILE A 1 74 ? 2.693   16.761  -3.464  1.00 0.00 ? 74 ILE A HD12 1 
ATOM 1254 H HD13 . ILE A 1 74 ? 0.953   16.465  -3.368  1.00 0.00 ? 74 ILE A HD13 1 
ATOM 1255 N N    . GLY A 1 75 ? 4.317   13.294  -7.981  1.00 0.00 ? 75 GLY A N    1 
ATOM 1256 C CA   . GLY A 1 75 ? 5.438   12.645  -8.649  1.00 0.00 ? 75 GLY A CA   1 
ATOM 1257 C C    . GLY A 1 75 ? 5.337   12.691  -10.175 1.00 0.00 ? 75 GLY A C    1 
ATOM 1258 O O    . GLY A 1 75 ? 6.349   12.859  -10.851 1.00 0.00 ? 75 GLY A O    1 
ATOM 1259 H H    . GLY A 1 75 ? 3.788   12.760  -7.308  1.00 0.00 ? 75 GLY A H    1 
ATOM 1260 H HA2  . GLY A 1 75 ? 6.364   13.129  -8.340  1.00 0.00 ? 75 GLY A HA2  1 
ATOM 1261 H HA3  . GLY A 1 75 ? 5.465   11.599  -8.342  1.00 0.00 ? 75 GLY A HA3  1 
ATOM 1262 N N    . CYS A 1 76 ? 4.125   12.529  -10.718 1.00 0.00 ? 76 CYS A N    1 
ATOM 1263 C CA   . CYS A 1 76 ? 3.878   12.579  -12.151 1.00 0.00 ? 76 CYS A CA   1 
ATOM 1264 C C    . CYS A 1 76 ? 4.083   13.995  -12.685 1.00 0.00 ? 76 CYS A C    1 
ATOM 1265 O O    . CYS A 1 76 ? 4.794   14.195  -13.667 1.00 0.00 ? 76 CYS A O    1 
ATOM 1266 C CB   . CYS A 1 76 ? 2.475   12.048  -12.457 1.00 0.00 ? 76 CYS A CB   1 
ATOM 1267 S SG   . CYS A 1 76 ? 2.196   12.045  -14.246 1.00 0.00 ? 76 CYS A SG   1 
ATOM 1268 H H    . CYS A 1 76 ? 3.333   12.361  -10.110 1.00 0.00 ? 76 CYS A H    1 
ATOM 1269 H HA   . CYS A 1 76 ? 4.586   11.924  -12.648 1.00 0.00 ? 76 CYS A HA   1 
ATOM 1270 H HB2  . CYS A 1 76 ? 2.376   11.028  -12.082 1.00 0.00 ? 76 CYS A HB2  1 
ATOM 1271 H HB3  . CYS A 1 76 ? 1.726   12.678  -11.983 1.00 0.00 ? 76 CYS A HB3  1 
ATOM 1272 H HG   . CYS A 1 76 ? 0.967   11.523  -14.198 1.00 0.00 ? 76 CYS A HG   1 
ATOM 1273 N N    . ARG A 1 77 ? 3.451   14.971  -12.028 1.00 0.00 ? 77 ARG A N    1 
ATOM 1274 C CA   . ARG A 1 77 ? 3.495   16.372  -12.415 1.00 0.00 ? 77 ARG A CA   1 
ATOM 1275 C C    . ARG A 1 77 ? 4.884   16.958  -12.169 1.00 0.00 ? 77 ARG A C    1 
ATOM 1276 O O    . ARG A 1 77 ? 5.622   17.255  -13.106 1.00 0.00 ? 77 ARG A O    1 
ATOM 1277 C CB   . ARG A 1 77 ? 2.402   17.124  -11.647 1.00 0.00 ? 77 ARG A CB   1 
ATOM 1278 C CG   . ARG A 1 77 ? 2.395   18.641  -11.873 1.00 0.00 ? 77 ARG A CG   1 
ATOM 1279 C CD   . ARG A 1 77 ? 2.222   19.021  -13.349 1.00 0.00 ? 77 ARG A CD   1 
ATOM 1280 N NE   . ARG A 1 77 ? 2.167   20.479  -13.525 1.00 0.00 ? 77 ARG A NE   1 
ATOM 1281 C CZ   . ARG A 1 77 ? 1.090   21.253  -13.308 1.00 0.00 ? 77 ARG A CZ   1 
ATOM 1282 N NH1  . ARG A 1 77 ? -0.066  20.723  -12.883 1.00 0.00 ? 77 ARG A NH1  1 
ATOM 1283 N NH2  . ARG A 1 77 ? 1.175   22.573  -13.520 1.00 0.00 ? 77 ARG A NH2  1 
ATOM 1284 H H    . ARG A 1 77 ? 2.897   14.714  -11.223 1.00 0.00 ? 77 ARG A H    1 
ATOM 1285 H HA   . ARG A 1 77 ? 3.270   16.438  -13.474 1.00 0.00 ? 77 ARG A HA   1 
ATOM 1286 H HB2  . ARG A 1 77 ? 1.439   16.717  -11.939 1.00 0.00 ? 77 ARG A HB2  1 
ATOM 1287 H HB3  . ARG A 1 77 ? 2.520   16.934  -10.582 1.00 0.00 ? 77 ARG A HB3  1 
ATOM 1288 H HG2  . ARG A 1 77 ? 1.566   19.041  -11.292 1.00 0.00 ? 77 ARG A HG2  1 
ATOM 1289 H HG3  . ARG A 1 77 ? 3.317   19.084  -11.496 1.00 0.00 ? 77 ARG A HG3  1 
ATOM 1290 H HD2  . ARG A 1 77 ? 3.081   18.665  -13.917 1.00 0.00 ? 77 ARG A HD2  1 
ATOM 1291 H HD3  . ARG A 1 77 ? 1.325   18.552  -13.756 1.00 0.00 ? 77 ARG A HD3  1 
ATOM 1292 H HE   . ARG A 1 77 ? 3.019   20.920  -13.842 1.00 0.00 ? 77 ARG A HE   1 
ATOM 1293 H HH11 . ARG A 1 77 ? -0.134  19.730  -12.714 1.00 0.00 ? 77 ARG A HH11 1 
ATOM 1294 H HH12 . ARG A 1 77 ? -0.871  21.311  -12.724 1.00 0.00 ? 77 ARG A HH12 1 
ATOM 1295 H HH21 . ARG A 1 77 ? 2.041   22.981  -13.840 1.00 0.00 ? 77 ARG A HH21 1 
ATOM 1296 H HH22 . ARG A 1 77 ? 0.374   23.168  -13.361 1.00 0.00 ? 77 ARG A HH22 1 
ATOM 1297 N N    . HIS A 1 78 ? 5.207   17.146  -10.891 1.00 0.00 ? 78 HIS A N    1 
ATOM 1298 C CA   . HIS A 1 78 ? 6.448   17.706  -10.405 1.00 0.00 ? 78 HIS A CA   1 
ATOM 1299 C C    . HIS A 1 78 ? 7.570   16.692  -10.603 1.00 0.00 ? 78 HIS A C    1 
ATOM 1300 O O    . HIS A 1 78 ? 7.407   15.516  -10.287 1.00 0.00 ? 78 HIS A O    1 
ATOM 1301 C CB   . HIS A 1 78 ? 6.324   18.055  -8.918  1.00 0.00 ? 78 HIS A CB   1 
ATOM 1302 C CG   . HIS A 1 78 ? 5.142   18.904  -8.529  1.00 0.00 ? 78 HIS A CG   1 
ATOM 1303 N ND1  . HIS A 1 78 ? 3.822   18.500  -8.739  1.00 0.00 ? 78 HIS A ND1  1 
ATOM 1304 C CD2  . HIS A 1 78 ? 5.135   20.084  -7.841  1.00 0.00 ? 78 HIS A CD2  1 
ATOM 1305 C CE1  . HIS A 1 78 ? 3.077   19.470  -8.202  1.00 0.00 ? 78 HIS A CE1  1 
ATOM 1306 N NE2  . HIS A 1 78 ? 3.817   20.445  -7.651  1.00 0.00 ? 78 HIS A NE2  1 
ATOM 1307 H H    . HIS A 1 78 ? 4.533   16.876  -10.193 1.00 0.00 ? 78 HIS A H    1 
ATOM 1308 H HA   . HIS A 1 78 ? 6.658   18.625  -10.951 1.00 0.00 ? 78 HIS A HA   1 
ATOM 1309 H HB2  . HIS A 1 78 ? 6.276   17.148  -8.328  1.00 0.00 ? 78 HIS A HB2  1 
ATOM 1310 H HB3  . HIS A 1 78 ? 7.229   18.581  -8.632  1.00 0.00 ? 78 HIS A HB3  1 
ATOM 1311 H HD2  . HIS A 1 78 ? 6.013   20.598  -7.489  1.00 0.00 ? 78 HIS A HD2  1 
ATOM 1312 H HE1  . HIS A 1 78 ? 1.996   19.462  -8.199  1.00 0.00 ? 78 HIS A HE1  1 
ATOM 1313 H HE2  . HIS A 1 78 ? 3.485   21.271  -7.174  1.00 0.00 ? 78 HIS A HE2  1 
ATOM 1314 N N    . SER A 1 79 ? 8.713   17.168  -11.100 1.00 0.00 ? 79 SER A N    1 
ATOM 1315 C CA   . SER A 1 79 ? 9.914   16.366  -11.297 1.00 0.00 ? 79 SER A CA   1 
ATOM 1316 C C    . SER A 1 79 ? 10.326  15.711  -9.978  1.00 0.00 ? 79 SER A C    1 
ATOM 1317 O O    . SER A 1 79 ? 10.433  14.490  -9.895  1.00 0.00 ? 79 SER A O    1 
ATOM 1318 C CB   . SER A 1 79 ? 11.033  17.253  -11.848 1.00 0.00 ? 79 SER A CB   1 
ATOM 1319 O OG   . SER A 1 79 ? 12.110  16.461  -12.302 1.00 0.00 ? 79 SER A OG   1 
ATOM 1320 H H    . SER A 1 79 ? 8.742   18.149  -11.331 1.00 0.00 ? 79 SER A H    1 
ATOM 1321 H HA   . SER A 1 79 ? 9.698   15.596  -12.036 1.00 0.00 ? 79 SER A HA   1 
ATOM 1322 H HB2  . SER A 1 79 ? 10.646  17.844  -12.672 1.00 0.00 ? 79 SER A HB2  1 
ATOM 1323 H HB3  . SER A 1 79 ? 11.387  17.932  -11.077 1.00 0.00 ? 79 SER A HB3  1 
ATOM 1324 H HG   . SER A 1 79 ? 11.793  15.877  -12.996 1.00 0.00 ? 79 SER A HG   1 
ATOM 1325 N N    . ARG A 1 80 ? 10.523  16.558  -8.959  1.00 0.00 ? 80 ARG A N    1 
ATOM 1326 C CA   . ARG A 1 80 ? 10.811  16.233  -7.580  1.00 0.00 ? 80 ARG A CA   1 
ATOM 1327 C C    . ARG A 1 80 ? 11.868  15.135  -7.512  1.00 0.00 ? 80 ARG A C    1 
ATOM 1328 O O    . ARG A 1 80 ? 11.608  14.003  -7.107  1.00 0.00 ? 80 ARG A O    1 
ATOM 1329 C CB   . ARG A 1 80 ? 9.479   15.924  -6.909  1.00 0.00 ? 80 ARG A CB   1 
ATOM 1330 C CG   . ARG A 1 80 ? 9.583   15.622  -5.406  1.00 0.00 ? 80 ARG A CG   1 
ATOM 1331 C CD   . ARG A 1 80 ? 8.272   15.027  -4.888  1.00 0.00 ? 80 ARG A CD   1 
ATOM 1332 N NE   . ARG A 1 80 ? 8.061   13.681  -5.438  1.00 0.00 ? 80 ARG A NE   1 
ATOM 1333 C CZ   . ARG A 1 80 ? 6.926   12.971  -5.342  1.00 0.00 ? 80 ARG A CZ   1 
ATOM 1334 N NH1  . ARG A 1 80 ? 5.853   13.466  -4.710  1.00 0.00 ? 80 ARG A NH1  1 
ATOM 1335 N NH2  . ARG A 1 80 ? 6.860   11.751  -5.888  1.00 0.00 ? 80 ARG A NH2  1 
ATOM 1336 H H    . ARG A 1 80 ? 10.365  17.526  -9.135  1.00 0.00 ? 80 ARG A H    1 
ATOM 1337 H HA   . ARG A 1 80 ? 11.218  17.123  -7.102  1.00 0.00 ? 80 ARG A HA   1 
ATOM 1338 H HB2  . ARG A 1 80 ? 8.824   16.790  -7.023  1.00 0.00 ? 80 ARG A HB2  1 
ATOM 1339 H HB3  . ARG A 1 80 ? 9.048   15.123  -7.498  1.00 0.00 ? 80 ARG A HB3  1 
ATOM 1340 H HG2  . ARG A 1 80 ? 10.388  14.923  -5.184  1.00 0.00 ? 80 ARG A HG2  1 
ATOM 1341 H HG3  . ARG A 1 80 ? 9.787   16.554  -4.876  1.00 0.00 ? 80 ARG A HG3  1 
ATOM 1342 H HD2  . ARG A 1 80 ? 8.321   14.960  -3.801  1.00 0.00 ? 80 ARG A HD2  1 
ATOM 1343 H HD3  . ARG A 1 80 ? 7.450   15.687  -5.168  1.00 0.00 ? 80 ARG A HD3  1 
ATOM 1344 H HE   . ARG A 1 80 ? 8.842   13.273  -5.933  1.00 0.00 ? 80 ARG A HE   1 
ATOM 1345 H HH11 . ARG A 1 80 ? 5.888   14.378  -4.279  1.00 0.00 ? 80 ARG A HH11 1 
ATOM 1346 H HH12 . ARG A 1 80 ? 4.996   12.930  -4.691  1.00 0.00 ? 80 ARG A HH12 1 
ATOM 1347 H HH21 . ARG A 1 80 ? 7.658   11.358  -6.366  1.00 0.00 ? 80 ARG A HH21 1 
ATOM 1348 H HH22 . ARG A 1 80 ? 5.987   11.240  -5.859  1.00 0.00 ? 80 ARG A HH22 1 
ATOM 1349 N N    . ILE A 1 81 ? 13.075  15.518  -7.934  1.00 0.00 ? 81 ILE A N    1 
ATOM 1350 C CA   . ILE A 1 81 ? 14.272  14.687  -7.947  1.00 0.00 ? 81 ILE A CA   1 
ATOM 1351 C C    . ILE A 1 81 ? 14.834  14.659  -6.522  1.00 0.00 ? 81 ILE A C    1 
ATOM 1352 O O    . ILE A 1 81 ? 15.914  15.174  -6.238  1.00 0.00 ? 81 ILE A O    1 
ATOM 1353 C CB   . ILE A 1 81 ? 15.282  15.196  -8.997  1.00 0.00 ? 81 ILE A CB   1 
ATOM 1354 C CG1  . ILE A 1 81 ? 14.589  15.454  -10.350 1.00 0.00 ? 81 ILE A CG1  1 
ATOM 1355 C CG2  . ILE A 1 81 ? 16.416  14.172  -9.171  1.00 0.00 ? 81 ILE A CG2  1 
ATOM 1356 C CD1  . ILE A 1 81 ? 15.556  15.911  -11.447 1.00 0.00 ? 81 ILE A CD1  1 
ATOM 1357 H H    . ILE A 1 81 ? 13.141  16.468  -8.260  1.00 0.00 ? 81 ILE A H    1 
ATOM 1358 H HA   . ILE A 1 81 ? 13.993  13.673  -8.234  1.00 0.00 ? 81 ILE A HA   1 
ATOM 1359 H HB   . ILE A 1 81 ? 15.703  16.137  -8.646  1.00 0.00 ? 81 ILE A HB   1 
ATOM 1360 H HG12 . ILE A 1 81 ? 14.076  14.551  -10.682 1.00 0.00 ? 81 ILE A HG12 1 
ATOM 1361 H HG13 . ILE A 1 81 ? 13.854  16.250  -10.233 1.00 0.00 ? 81 ILE A HG13 1 
ATOM 1362 H HG21 . ILE A 1 81 ? 16.844  13.889  -8.211  1.00 0.00 ? 81 ILE A HG21 1 
ATOM 1363 H HG22 . ILE A 1 81 ? 16.033  13.274  -9.659  1.00 0.00 ? 81 ILE A HG22 1 
ATOM 1364 H HG23 . ILE A 1 81 ? 17.217  14.595  -9.777  1.00 0.00 ? 81 ILE A HG23 1 
ATOM 1365 H HD11 . ILE A 1 81 ? 16.150  16.754  -11.092 1.00 0.00 ? 81 ILE A HD11 1 
ATOM 1366 H HD12 . ILE A 1 81 ? 16.215  15.096  -11.745 1.00 0.00 ? 81 ILE A HD12 1 
ATOM 1367 H HD13 . ILE A 1 81 ? 14.983  16.224  -12.320 1.00 0.00 ? 81 ILE A HD13 1 
ATOM 1368 N N    . GLY A 1 82 ? 14.046  14.082  -5.612  1.00 0.00 ? 82 GLY A N    1 
ATOM 1369 C CA   . GLY A 1 82 ? 14.327  14.037  -4.187  1.00 0.00 ? 82 GLY A CA   1 
ATOM 1370 C C    . GLY A 1 82 ? 14.266  15.433  -3.570  1.00 0.00 ? 82 GLY A C    1 
ATOM 1371 O O    . GLY A 1 82 ? 15.036  15.738  -2.661  1.00 0.00 ? 82 GLY A O    1 
ATOM 1372 H H    . GLY A 1 82 ? 13.145  13.758  -5.935  1.00 0.00 ? 82 GLY A H    1 
ATOM 1373 H HA2  . GLY A 1 82 ? 13.581  13.407  -3.703  1.00 0.00 ? 82 GLY A HA2  1 
ATOM 1374 H HA3  . GLY A 1 82 ? 15.314  13.602  -4.020  1.00 0.00 ? 82 GLY A HA3  1 
ATOM 1375 N N    . ILE A 1 83 ? 13.352  16.280  -4.065  1.00 0.00 ? 83 ILE A N    1 
ATOM 1376 C CA   . ILE A 1 83 ? 13.125  17.628  -3.561  1.00 0.00 ? 83 ILE A CA   1 
ATOM 1377 C C    . ILE A 1 83 ? 12.057  17.514  -2.471  1.00 0.00 ? 83 ILE A C    1 
ATOM 1378 O O    . ILE A 1 83 ? 10.929  17.979  -2.621  1.00 0.00 ? 83 ILE A O    1 
ATOM 1379 C CB   . ILE A 1 83 ? 12.763  18.594  -4.709  1.00 0.00 ? 83 ILE A CB   1 
ATOM 1380 C CG1  . ILE A 1 83 ? 13.825  18.528  -5.825  1.00 0.00 ? 83 ILE A CG1  1 
ATOM 1381 C CG2  . ILE A 1 83 ? 12.660  20.038  -4.188  1.00 0.00 ? 83 ILE A CG2  1 
ATOM 1382 C CD1  . ILE A 1 83 ? 13.492  19.393  -7.044  1.00 0.00 ? 83 ILE A CD1  1 
ATOM 1383 H H    . ILE A 1 83 ? 12.736  15.951  -4.792  1.00 0.00 ? 83 ILE A H    1 
ATOM 1384 H HA   . ILE A 1 83 ? 14.037  18.012  -3.106  1.00 0.00 ? 83 ILE A HA   1 
ATOM 1385 H HB   . ILE A 1 83 ? 11.799  18.297  -5.120  1.00 0.00 ? 83 ILE A HB   1 
ATOM 1386 H HG12 . ILE A 1 83 ? 14.788  18.844  -5.426  1.00 0.00 ? 83 ILE A HG12 1 
ATOM 1387 H HG13 . ILE A 1 83 ? 13.920  17.506  -6.185  1.00 0.00 ? 83 ILE A HG13 1 
ATOM 1388 H HG21 . ILE A 1 83 ? 11.932  20.114  -3.383  1.00 0.00 ? 83 ILE A HG21 1 
ATOM 1389 H HG22 . ILE A 1 83 ? 13.629  20.373  -3.816  1.00 0.00 ? 83 ILE A HG22 1 
ATOM 1390 H HG23 . ILE A 1 83 ? 12.332  20.707  -4.981  1.00 0.00 ? 83 ILE A HG23 1 
ATOM 1391 H HD11 . ILE A 1 83 ? 12.478  19.189  -7.386  1.00 0.00 ? 83 ILE A HD11 1 
ATOM 1392 H HD12 . ILE A 1 83 ? 13.591  20.451  -6.806  1.00 0.00 ? 83 ILE A HD12 1 
ATOM 1393 H HD13 . ILE A 1 83 ? 14.190  19.157  -7.847  1.00 0.00 ? 83 ILE A HD13 1 
ATOM 1394 N N    . ILE A 1 84 ? 12.430  16.847  -1.374  1.00 0.00 ? 84 ILE A N    1 
ATOM 1395 C CA   . ILE A 1 84 ? 11.601  16.692  -0.187  1.00 0.00 ? 84 ILE A CA   1 
ATOM 1396 C C    . ILE A 1 84 ? 11.511  18.050  0.508   1.00 0.00 ? 84 ILE A C    1 
ATOM 1397 O O    . ILE A 1 84 ? 10.421  18.542  0.792   1.00 0.00 ? 84 ILE A O    1 
ATOM 1398 C CB   . ILE A 1 84 ? 12.173  15.588  0.722   1.00 0.00 ? 84 ILE A CB   1 
ATOM 1399 C CG1  . ILE A 1 84 ? 12.198  14.243  -0.032  1.00 0.00 ? 84 ILE A CG1  1 
ATOM 1400 C CG2  . ILE A 1 84 ? 11.342  15.470  2.012   1.00 0.00 ? 84 ILE A CG2  1 
ATOM 1401 C CD1  . ILE A 1 84 ? 12.876  13.120  0.758   1.00 0.00 ? 84 ILE A CD1  1 
ATOM 1402 H H    . ILE A 1 84 ? 13.360  16.451  -1.359  1.00 0.00 ? 84 ILE A H    1 
ATOM 1403 H HA   . ILE A 1 84 ? 10.602  16.392  -0.488  1.00 0.00 ? 84 ILE A HA   1 
ATOM 1404 H HB   . ILE A 1 84 ? 13.193  15.860  0.991   1.00 0.00 ? 84 ILE A HB   1 
ATOM 1405 H HG12 . ILE A 1 84 ? 11.179  13.941  -0.280  1.00 0.00 ? 84 ILE A HG12 1 
ATOM 1406 H HG13 . ILE A 1 84 ? 12.758  14.355  -0.961  1.00 0.00 ? 84 ILE A HG13 1 
ATOM 1407 H HG21 . ILE A 1 84 ? 11.323  16.418  2.547   1.00 0.00 ? 84 ILE A HG21 1 
ATOM 1408 H HG22 . ILE A 1 84 ? 10.320  15.176  1.771   1.00 0.00 ? 84 ILE A HG22 1 
ATOM 1409 H HG23 . ILE A 1 84 ? 11.781  14.729  2.679   1.00 0.00 ? 84 ILE A HG23 1 
ATOM 1410 H HD11 . ILE A 1 84 ? 13.861  13.444  1.096   1.00 0.00 ? 84 ILE A HD11 1 
ATOM 1411 H HD12 . ILE A 1 84 ? 12.270  12.830  1.616   1.00 0.00 ? 84 ILE A HD12 1 
ATOM 1412 H HD13 . ILE A 1 84 ? 12.992  12.251  0.111   1.00 0.00 ? 84 ILE A HD13 1 
ATOM 1413 N N    . GLN A 1 85 ? 12.679  18.649  0.755   1.00 0.00 ? 85 GLN A N    1 
ATOM 1414 C CA   . GLN A 1 85 ? 12.811  19.988  1.305   1.00 0.00 ? 85 GLN A CA   1 
ATOM 1415 C C    . GLN A 1 85 ? 12.265  20.997  0.289   1.00 0.00 ? 85 GLN A C    1 
ATOM 1416 O O    . GLN A 1 85 ? 12.474  20.831  -0.912  1.00 0.00 ? 85 GLN A O    1 
ATOM 1417 C CB   . GLN A 1 85 ? 14.289  20.244  1.620   1.00 0.00 ? 85 GLN A CB   1 
ATOM 1418 C CG   . GLN A 1 85 ? 14.516  21.602  2.297   1.00 0.00 ? 85 GLN A CG   1 
ATOM 1419 C CD   . GLN A 1 85 ? 15.996  21.878  2.554   1.00 0.00 ? 85 GLN A CD   1 
ATOM 1420 O OE1  . GLN A 1 85 ? 16.398  22.114  3.692   1.00 0.00 ? 85 GLN A OE1  1 
ATOM 1421 N NE2  . GLN A 1 85 ? 16.805  21.878  1.495   1.00 0.00 ? 85 GLN A NE2  1 
ATOM 1422 H H    . GLN A 1 85 ? 13.516  18.165  0.472   1.00 0.00 ? 85 GLN A H    1 
ATOM 1423 H HA   . GLN A 1 85 ? 12.246  20.044  2.234   1.00 0.00 ? 85 GLN A HA   1 
ATOM 1424 H HB2  . GLN A 1 85 ? 14.652  19.461  2.288   1.00 0.00 ? 85 GLN A HB2  1 
ATOM 1425 H HB3  . GLN A 1 85 ? 14.848  20.189  0.688   1.00 0.00 ? 85 GLN A HB3  1 
ATOM 1426 H HG2  . GLN A 1 85 ? 14.135  22.407  1.672   1.00 0.00 ? 85 GLN A HG2  1 
ATOM 1427 H HG3  . GLN A 1 85 ? 13.977  21.607  3.245   1.00 0.00 ? 85 GLN A HG3  1 
ATOM 1428 H HE21 . GLN A 1 85 ? 16.422  21.725  0.570   1.00 0.00 ? 85 GLN A HE21 1 
ATOM 1429 H HE22 . GLN A 1 85 ? 17.798  22.037  1.610   1.00 0.00 ? 85 GLN A HE22 1 
ATOM 1430 N N    . GLN A 1 86 ? 11.571  22.034  0.779   1.00 0.00 ? 86 GLN A N    1 
ATOM 1431 C CA   . GLN A 1 86 ? 10.981  23.098  -0.029  1.00 0.00 ? 86 GLN A CA   1 
ATOM 1432 C C    . GLN A 1 86 ? 11.972  23.661  -1.057  1.00 0.00 ? 86 GLN A C    1 
ATOM 1433 O O    . GLN A 1 86 ? 11.631  23.792  -2.231  1.00 0.00 ? 86 GLN A O    1 
ATOM 1434 C CB   . GLN A 1 86 ? 10.379  24.186  0.878   1.00 0.00 ? 86 GLN A CB   1 
ATOM 1435 C CG   . GLN A 1 86 ? 11.341  24.712  1.954   1.00 0.00 ? 86 GLN A CG   1 
ATOM 1436 C CD   . GLN A 1 86 ? 10.727  25.853  2.755   1.00 0.00 ? 86 GLN A CD   1 
ATOM 1437 O OE1  . GLN A 1 86 ? 11.201  26.983  2.679   1.00 0.00 ? 86 GLN A OE1  1 
ATOM 1438 N NE2  . GLN A 1 86 ? 9.679   25.566  3.529   1.00 0.00 ? 86 GLN A NE2  1 
ATOM 1439 H H    . GLN A 1 86 ? 11.423  22.073  1.776   1.00 0.00 ? 86 GLN A H    1 
ATOM 1440 H HA   . GLN A 1 86 ? 10.154  22.661  -0.590  1.00 0.00 ? 86 GLN A HA   1 
ATOM 1441 H HB2  . GLN A 1 86 ? 10.048  25.018  0.254   1.00 0.00 ? 86 GLN A HB2  1 
ATOM 1442 H HB3  . GLN A 1 86 ? 9.505   23.765  1.375   1.00 0.00 ? 86 GLN A HB3  1 
ATOM 1443 H HG2  . GLN A 1 86 ? 11.615  23.915  2.646   1.00 0.00 ? 86 GLN A HG2  1 
ATOM 1444 H HG3  . GLN A 1 86 ? 12.243  25.091  1.484   1.00 0.00 ? 86 GLN A HG3  1 
ATOM 1445 H HE21 . GLN A 1 86 ? 9.317   24.625  3.565   1.00 0.00 ? 86 GLN A HE21 1 
ATOM 1446 H HE22 . GLN A 1 86 ? 9.246   26.298  4.072   1.00 0.00 ? 86 GLN A HE22 1 
ATOM 1447 N N    . ARG A 1 87 ? 13.197  23.975  -0.618  1.00 0.00 ? 87 ARG A N    1 
ATOM 1448 C CA   . ARG A 1 87 ? 14.294  24.406  -1.469  1.00 0.00 ? 87 ARG A CA   1 
ATOM 1449 C C    . ARG A 1 87 ? 15.178  23.186  -1.732  1.00 0.00 ? 87 ARG A C    1 
ATOM 1450 O O    . ARG A 1 87 ? 15.249  22.277  -0.907  1.00 0.00 ? 87 ARG A O    1 
ATOM 1451 C CB   . ARG A 1 87 ? 15.117  25.496  -0.773  1.00 0.00 ? 87 ARG A CB   1 
ATOM 1452 C CG   . ARG A 1 87 ? 14.633  26.925  -1.046  1.00 0.00 ? 87 ARG A CG   1 
ATOM 1453 C CD   . ARG A 1 87 ? 13.286  27.270  -0.406  1.00 0.00 ? 87 ARG A CD   1 
ATOM 1454 N NE   . ARG A 1 87 ? 12.958  28.681  -0.650  1.00 0.00 ? 87 ARG A NE   1 
ATOM 1455 C CZ   . ARG A 1 87 ? 11.825  29.298  -0.276  1.00 0.00 ? 87 ARG A CZ   1 
ATOM 1456 N NH1  . ARG A 1 87 ? 10.876  28.650  0.409   1.00 0.00 ? 87 ARG A NH1  1 
ATOM 1457 N NH2  . ARG A 1 87 ? 11.644  30.587  -0.586  1.00 0.00 ? 87 ARG A NH2  1 
ATOM 1458 H H    . ARG A 1 87 ? 13.414  23.818  0.354   1.00 0.00 ? 87 ARG A H    1 
ATOM 1459 H HA   . ARG A 1 87 ? 13.928  24.791  -2.420  1.00 0.00 ? 87 ARG A HA   1 
ATOM 1460 H HB2  . ARG A 1 87 ? 15.141  25.301  0.296   1.00 0.00 ? 87 ARG A HB2  1 
ATOM 1461 H HB3  . ARG A 1 87 ? 16.142  25.444  -1.143  1.00 0.00 ? 87 ARG A HB3  1 
ATOM 1462 H HG2  . ARG A 1 87 ? 15.382  27.606  -0.641  1.00 0.00 ? 87 ARG A HG2  1 
ATOM 1463 H HG3  . ARG A 1 87 ? 14.575  27.085  -2.124  1.00 0.00 ? 87 ARG A HG3  1 
ATOM 1464 H HD2  . ARG A 1 87 ? 12.506  26.640  -0.833  1.00 0.00 ? 87 ARG A HD2  1 
ATOM 1465 H HD3  . ARG A 1 87 ? 13.348  27.101  0.669   1.00 0.00 ? 87 ARG A HD3  1 
ATOM 1466 H HE   . ARG A 1 87 ? 13.650  29.223  -1.146  1.00 0.00 ? 87 ARG A HE   1 
ATOM 1467 H HH11 . ARG A 1 87 ? 11.029  27.705  0.731   1.00 0.00 ? 87 ARG A HH11 1 
ATOM 1468 H HH12 . ARG A 1 87 ? 10.042  29.147  0.705   1.00 0.00 ? 87 ARG A HH12 1 
ATOM 1469 H HH21 . ARG A 1 87 ? 12.377  31.126  -1.028  1.00 0.00 ? 87 ARG A HH21 1 
ATOM 1470 H HH22 . ARG A 1 87 ? 10.794  31.062  -0.304  1.00 0.00 ? 87 ARG A HH22 1 
ATOM 1471 N N    . ARG A 1 88 ? 15.879  23.183  -2.870  1.00 0.00 ? 88 ARG A N    1 
ATOM 1472 C CA   . ARG A 1 88 ? 16.838  22.138  -3.193  1.00 0.00 ? 88 ARG A CA   1 
ATOM 1473 C C    . ARG A 1 88 ? 17.985  22.156  -2.179  1.00 0.00 ? 88 ARG A C    1 
ATOM 1474 O O    . ARG A 1 88 ? 18.317  21.120  -1.605  1.00 0.00 ? 88 ARG A O    1 
ATOM 1475 C CB   . ARG A 1 88 ? 17.342  22.333  -4.631  1.00 0.00 ? 88 ARG A CB   1 
ATOM 1476 C CG   . ARG A 1 88 ? 18.466  21.378  -5.071  1.00 0.00 ? 88 ARG A CG   1 
ATOM 1477 C CD   . ARG A 1 88 ? 18.040  19.907  -5.164  1.00 0.00 ? 88 ARG A CD   1 
ATOM 1478 N NE   . ARG A 1 88 ? 17.876  19.293  -3.841  1.00 0.00 ? 88 ARG A NE   1 
ATOM 1479 C CZ   . ARG A 1 88 ? 17.286  18.112  -3.604  1.00 0.00 ? 88 ARG A CZ   1 
ATOM 1480 N NH1  . ARG A 1 88 ? 16.914  17.319  -4.617  1.00 0.00 ? 88 ARG A NH1  1 
ATOM 1481 N NH2  . ARG A 1 88 ? 17.066  17.726  -2.340  1.00 0.00 ? 88 ARG A NH2  1 
ATOM 1482 H H    . ARG A 1 88 ? 15.778  23.955  -3.514  1.00 0.00 ? 88 ARG A H    1 
ATOM 1483 H HA   . ARG A 1 88 ? 16.315  21.187  -3.139  1.00 0.00 ? 88 ARG A HA   1 
ATOM 1484 H HB2  . ARG A 1 88 ? 16.501  22.228  -5.317  1.00 0.00 ? 88 ARG A HB2  1 
ATOM 1485 H HB3  . ARG A 1 88 ? 17.724  23.350  -4.718  1.00 0.00 ? 88 ARG A HB3  1 
ATOM 1486 H HG2  . ARG A 1 88 ? 18.776  21.690  -6.070  1.00 0.00 ? 88 ARG A HG2  1 
ATOM 1487 H HG3  . ARG A 1 88 ? 19.331  21.471  -4.414  1.00 0.00 ? 88 ARG A HG3  1 
ATOM 1488 H HD2  . ARG A 1 88 ? 17.111  19.844  -5.732  1.00 0.00 ? 88 ARG A HD2  1 
ATOM 1489 H HD3  . ARG A 1 88 ? 18.817  19.358  -5.700  1.00 0.00 ? 88 ARG A HD3  1 
ATOM 1490 H HE   . ARG A 1 88 ? 18.190  19.836  -3.046  1.00 0.00 ? 88 ARG A HE   1 
ATOM 1491 H HH11 . ARG A 1 88 ? 17.086  17.600  -5.571  1.00 0.00 ? 88 ARG A HH11 1 
ATOM 1492 H HH12 . ARG A 1 88 ? 16.472  16.427  -4.443  1.00 0.00 ? 88 ARG A HH12 1 
ATOM 1493 H HH21 . ARG A 1 88 ? 17.350  18.318  -1.572  1.00 0.00 ? 88 ARG A HH21 1 
ATOM 1494 H HH22 . ARG A 1 88 ? 16.576  16.860  -2.157  1.00 0.00 ? 88 ARG A HH22 1 
ATOM 1495 N N    . THR A 1 89 ? 18.587  23.334  -1.975  1.00 0.00 ? 89 THR A N    1 
ATOM 1496 C CA   . THR A 1 89 ? 19.757  23.528  -1.138  1.00 0.00 ? 89 THR A CA   1 
ATOM 1497 C C    . THR A 1 89 ? 19.390  23.536  0.349   1.00 0.00 ? 89 THR A C    1 
ATOM 1498 O O    . THR A 1 89 ? 19.647  22.559  1.051   1.00 0.00 ? 89 THR A O    1 
ATOM 1499 C CB   . THR A 1 89 ? 20.458  24.826  -1.567  1.00 0.00 ? 89 THR A CB   1 
ATOM 1500 O OG1  . THR A 1 89 ? 19.529  25.893  -1.616  1.00 0.00 ? 89 THR A OG1  1 
ATOM 1501 C CG2  . THR A 1 89 ? 21.108  24.671  -2.946  1.00 0.00 ? 89 THR A CG2  1 
ATOM 1502 H H    . THR A 1 89 ? 18.253  24.150  -2.465  1.00 0.00 ? 89 THR A H    1 
ATOM 1503 H HA   . THR A 1 89 ? 20.452  22.702  -1.302  1.00 0.00 ? 89 THR A HA   1 
ATOM 1504 H HB   . THR A 1 89 ? 21.238  25.065  -0.844  1.00 0.00 ? 89 THR A HB   1 
ATOM 1505 H HG1  . THR A 1 89 ? 19.995  26.694  -1.866  1.00 0.00 ? 89 THR A HG1  1 
ATOM 1506 H HG21 . THR A 1 89 ? 21.625  25.593  -3.211  1.00 0.00 ? 89 THR A HG21 1 
ATOM 1507 H HG22 . THR A 1 89 ? 21.832  23.857  -2.925  1.00 0.00 ? 89 THR A HG22 1 
ATOM 1508 H HG23 . THR A 1 89 ? 20.352  24.459  -3.703  1.00 0.00 ? 89 THR A HG23 1 
ATOM 1509 N N    . ARG A 1 90 ? 18.803  24.639  0.828   1.00 0.00 ? 90 ARG A N    1 
ATOM 1510 C CA   . ARG A 1 90 ? 18.489  24.863  2.233   1.00 0.00 ? 90 ARG A CA   1 
ATOM 1511 C C    . ARG A 1 90 ? 17.151  25.601  2.320   1.00 0.00 ? 90 ARG A C    1 
ATOM 1512 O O    . ARG A 1 90 ? 16.970  26.621  1.657   1.00 0.00 ? 90 ARG A O    1 
ATOM 1513 C CB   . ARG A 1 90 ? 19.642  25.662  2.863   1.00 0.00 ? 90 ARG A CB   1 
ATOM 1514 C CG   . ARG A 1 90 ? 19.795  25.504  4.383   1.00 0.00 ? 90 ARG A CG   1 
ATOM 1515 C CD   . ARG A 1 90 ? 18.676  26.173  5.190   1.00 0.00 ? 90 ARG A CD   1 
ATOM 1516 N NE   . ARG A 1 90 ? 19.011  26.264  6.617   1.00 0.00 ? 90 ARG A NE   1 
ATOM 1517 C CZ   . ARG A 1 90 ? 18.984  25.244  7.494   1.00 0.00 ? 90 ARG A CZ   1 
ATOM 1518 N NH1  . ARG A 1 90 ? 18.653  24.005  7.104   1.00 0.00 ? 90 ARG A NH1  1 
ATOM 1519 N NH2  . ARG A 1 90 ? 19.298  25.470  8.777   1.00 0.00 ? 90 ARG A NH2  1 
ATOM 1520 H H    . ARG A 1 90 ? 18.623  25.399  0.183   1.00 0.00 ? 90 ARG A H    1 
ATOM 1521 H HA   . ARG A 1 90 ? 18.413  23.911  2.754   1.00 0.00 ? 90 ARG A HA   1 
ATOM 1522 H HB2  . ARG A 1 90 ? 20.578  25.300  2.431   1.00 0.00 ? 90 ARG A HB2  1 
ATOM 1523 H HB3  . ARG A 1 90 ? 19.542  26.714  2.604   1.00 0.00 ? 90 ARG A HB3  1 
ATOM 1524 H HG2  . ARG A 1 90 ? 19.860  24.444  4.631   1.00 0.00 ? 90 ARG A HG2  1 
ATOM 1525 H HG3  . ARG A 1 90 ? 20.737  25.977  4.663   1.00 0.00 ? 90 ARG A HG3  1 
ATOM 1526 H HD2  . ARG A 1 90 ? 18.532  27.188  4.817   1.00 0.00 ? 90 ARG A HD2  1 
ATOM 1527 H HD3  . ARG A 1 90 ? 17.743  25.626  5.082   1.00 0.00 ? 90 ARG A HD3  1 
ATOM 1528 H HE   . ARG A 1 90 ? 19.267  27.180  6.956   1.00 0.00 ? 90 ARG A HE   1 
ATOM 1529 H HH11 . ARG A 1 90 ? 18.411  23.829  6.138   1.00 0.00 ? 90 ARG A HH11 1 
ATOM 1530 H HH12 . ARG A 1 90 ? 18.650  23.244  7.765   1.00 0.00 ? 90 ARG A HH12 1 
ATOM 1531 H HH21 . ARG A 1 90 ? 19.549  26.400  9.081   1.00 0.00 ? 90 ARG A HH21 1 
ATOM 1532 H HH22 . ARG A 1 90 ? 19.284  24.716  9.446   1.00 0.00 ? 90 ARG A HH22 1 
ATOM 1533 N N    . ASN A 1 91 ? 16.216  25.075  3.124   1.00 0.00 ? 91 ASN A N    1 
ATOM 1534 C CA   . ASN A 1 91 ? 14.898  25.647  3.357   1.00 0.00 ? 91 ASN A CA   1 
ATOM 1535 C C    . ASN A 1 91 ? 14.950  27.124  3.758   1.00 0.00 ? 91 ASN A C    1 
ATOM 1536 O O    . ASN A 1 91 ? 15.940  27.601  4.311   1.00 0.00 ? 91 ASN A O    1 
ATOM 1537 C CB   . ASN A 1 91 ? 14.157  24.819  4.413   1.00 0.00 ? 91 ASN A CB   1 
ATOM 1538 C CG   . ASN A 1 91 ? 14.872  24.805  5.764   1.00 0.00 ? 91 ASN A CG   1 
ATOM 1539 O OD1  . ASN A 1 91 ? 14.692  25.707  6.576   1.00 0.00 ? 91 ASN A OD1  1 
ATOM 1540 N ND2  . ASN A 1 91 ? 15.677  23.770  6.015   1.00 0.00 ? 91 ASN A ND2  1 
ATOM 1541 H H    . ASN A 1 91 ? 16.423  24.216  3.614   1.00 0.00 ? 91 ASN A H    1 
ATOM 1542 H HA   . ASN A 1 91 ? 14.337  25.566  2.427   1.00 0.00 ? 91 ASN A HA   1 
ATOM 1543 H HB2  . ASN A 1 91 ? 13.166  25.242  4.552   1.00 0.00 ? 91 ASN A HB2  1 
ATOM 1544 H HB3  . ASN A 1 91 ? 14.035  23.799  4.055   1.00 0.00 ? 91 ASN A HB3  1 
ATOM 1545 H HD21 . ASN A 1 91 ? 15.802  23.040  5.324   1.00 0.00 ? 91 ASN A HD21 1 
ATOM 1546 H HD22 . ASN A 1 91 ? 16.135  23.707  6.912   1.00 0.00 ? 91 ASN A HD22 1 
ATOM 1547 N N    . GLY A 1 92 ? 13.865  27.846  3.462   1.00 0.00 ? 92 GLY A N    1 
ATOM 1548 C CA   . GLY A 1 92 ? 13.748  29.273  3.703   1.00 0.00 ? 92 GLY A CA   1 
ATOM 1549 C C    . GLY A 1 92 ? 14.474  30.048  2.608   1.00 0.00 ? 92 GLY A C    1 
ATOM 1550 O O    . GLY A 1 92 ? 13.830  30.574  1.703   1.00 0.00 ? 92 GLY A O    1 
ATOM 1551 H H    . GLY A 1 92 ? 13.074  27.389  3.029   1.00 0.00 ? 92 GLY A H    1 
ATOM 1552 H HA2  . GLY A 1 92 ? 12.689  29.529  3.684   1.00 0.00 ? 92 GLY A HA2  1 
ATOM 1553 H HA3  . GLY A 1 92 ? 14.151  29.533  4.682   1.00 0.00 ? 92 GLY A HA3  1 
ATOM 1554 N N    . ALA A 1 93 ? 15.810  30.101  2.704   1.00 0.00 ? 93 ALA A N    1 
ATOM 1555 C CA   . ALA A 1 93 ? 16.724  30.776  1.785   1.00 0.00 ? 93 ALA A CA   1 
ATOM 1556 C C    . ALA A 1 93 ? 16.439  32.279  1.676   1.00 0.00 ? 93 ALA A C    1 
ATOM 1557 O O    . ALA A 1 93 ? 17.124  33.084  2.302   1.00 0.00 ? 93 ALA A O    1 
ATOM 1558 C CB   . ALA A 1 93 ? 16.743  30.075  0.422   1.00 0.00 ? 93 ALA A CB   1 
ATOM 1559 H H    . ALA A 1 93 ? 16.233  29.600  3.475   1.00 0.00 ? 93 ALA A H    1 
ATOM 1560 H HA   . ALA A 1 93 ? 17.726  30.670  2.206   1.00 0.00 ? 93 ALA A HA   1 
ATOM 1561 H HB1  . ALA A 1 93 ? 17.070  29.044  0.549   1.00 0.00 ? 93 ALA A HB1  1 
ATOM 1562 H HB2  . ALA A 1 93 ? 15.757  30.078  -0.043  1.00 0.00 ? 93 ALA A HB2  1 
ATOM 1563 H HB3  . ALA A 1 93 ? 17.447  30.584  -0.239  1.00 0.00 ? 93 ALA A HB3  1 
ATOM 1564 N N    . SER A 1 94 ? 15.440  32.651  0.869   1.00 0.00 ? 94 SER A N    1 
ATOM 1565 C CA   . SER A 1 94 ? 14.983  34.016  0.670   1.00 0.00 ? 94 SER A CA   1 
ATOM 1566 C C    . SER A 1 94 ? 13.523  33.954  0.224   1.00 0.00 ? 94 SER A C    1 
ATOM 1567 O O    . SER A 1 94 ? 13.168  33.095  -0.585  1.00 0.00 ? 94 SER A O    1 
ATOM 1568 C CB   . SER A 1 94 ? 15.861  34.715  -0.373  1.00 0.00 ? 94 SER A CB   1 
ATOM 1569 O OG   . SER A 1 94 ? 15.446  36.054  -0.552  1.00 0.00 ? 94 SER A OG   1 
ATOM 1570 H H    . SER A 1 94 ? 14.889  31.924  0.431   1.00 0.00 ? 94 SER A H    1 
ATOM 1571 H HA   . SER A 1 94 ? 15.051  34.557  1.615   1.00 0.00 ? 94 SER A HA   1 
ATOM 1572 H HB2  . SER A 1 94 ? 16.898  34.717  -0.035  1.00 0.00 ? 94 SER A HB2  1 
ATOM 1573 H HB3  . SER A 1 94 ? 15.801  34.188  -1.327  1.00 0.00 ? 94 SER A HB3  1 
ATOM 1574 H HG   . SER A 1 94 ? 14.571  36.059  -0.947  1.00 0.00 ? 94 SER A HG   1 
ATOM 1575 N N    . LYS A 1 95 ? 12.689  34.849  0.772   1.00 0.00 ? 95 LYS A N    1 
ATOM 1576 C CA   . LYS A 1 95 ? 11.246  34.884  0.558   1.00 0.00 ? 95 LYS A CA   1 
ATOM 1577 C C    . LYS A 1 95 ? 10.650  33.501  0.844   1.00 0.00 ? 95 LYS A C    1 
ATOM 1578 O O    . LYS A 1 95 ? 10.102  32.857  -0.049  1.00 0.00 ? 95 LYS A O    1 
ATOM 1579 C CB   . LYS A 1 95 ? 10.933  35.420  -0.849  1.00 0.00 ? 95 LYS A CB   1 
ATOM 1580 C CG   . LYS A 1 95 ? 9.445   35.763  -1.014  1.00 0.00 ? 95 LYS A CG   1 
ATOM 1581 C CD   . LYS A 1 95 ? 9.185   36.337  -2.411  1.00 0.00 ? 95 LYS A CD   1 
ATOM 1582 C CE   . LYS A 1 95 ? 7.689   36.549  -2.674  1.00 0.00 ? 95 LYS A CE   1 
ATOM 1583 N NZ   . LYS A 1 95 ? 7.089   37.522  -1.743  1.00 0.00 ? 95 LYS A NZ   1 
ATOM 1584 H H    . LYS A 1 95 ? 13.071  35.521  1.421   1.00 0.00 ? 95 LYS A H    1 
ATOM 1585 H HA   . LYS A 1 95 ? 10.830  35.585  1.283   1.00 0.00 ? 95 LYS A HA   1 
ATOM 1586 H HB2  . LYS A 1 95 ? 11.509  36.333  -1.008  1.00 0.00 ? 95 LYS A HB2  1 
ATOM 1587 H HB3  . LYS A 1 95 ? 11.227  34.690  -1.604  1.00 0.00 ? 95 LYS A HB3  1 
ATOM 1588 H HG2  . LYS A 1 95 ? 8.838   34.867  -0.883  1.00 0.00 ? 95 LYS A HG2  1 
ATOM 1589 H HG3  . LYS A 1 95 ? 9.166   36.494  -0.253  1.00 0.00 ? 95 LYS A HG3  1 
ATOM 1590 H HD2  . LYS A 1 95 ? 9.717   37.283  -2.523  1.00 0.00 ? 95 LYS A HD2  1 
ATOM 1591 H HD3  . LYS A 1 95 ? 9.564   35.635  -3.156  1.00 0.00 ? 95 LYS A HD3  1 
ATOM 1592 H HE2  . LYS A 1 95 ? 7.560   36.918  -3.693  1.00 0.00 ? 95 LYS A HE2  1 
ATOM 1593 H HE3  . LYS A 1 95 ? 7.165   35.597  -2.582  1.00 0.00 ? 95 LYS A HE3  1 
ATOM 1594 H HZ1  . LYS A 1 95 ? 7.569   38.407  -1.819  1.00 0.00 ? 95 LYS A HZ1  1 
ATOM 1595 H HZ2  . LYS A 1 95 ? 6.113   37.650  -1.971  1.00 0.00 ? 95 LYS A HZ2  1 
ATOM 1596 H HZ3  . LYS A 1 95 ? 7.165   37.178  -0.796  1.00 0.00 ? 95 LYS A HZ3  1 
ATOM 1597 N N    . SER A 1 96 ? 10.810  33.049  2.094   1.00 0.00 ? 96 SER A N    1 
ATOM 1598 C CA   . SER A 1 96 ? 10.430  31.728  2.575   1.00 0.00 ? 96 SER A CA   1 
ATOM 1599 C C    . SER A 1 96 ? 9.010   31.344  2.154   1.00 0.00 ? 96 SER A C    1 
ATOM 1600 O O    . SER A 1 96 ? 8.888   30.318  1.414   1.00 0.00 ? 96 SER A O    1 
ATOM 1601 C CB   . SER A 1 96 ? 10.585  31.692  4.097   1.00 0.00 ? 96 SER A CB   1 
ATOM 1602 O OG   . SER A 1 96 ? 11.879  32.131  4.457   1.00 0.00 ? 96 SER A OG   1 
ATOM 1603 O OXT  . SER A 1 96 ? 8.062   32.079  2.568   1.00 0.00 ? 96 SER A OXT  1 
ATOM 1604 H H    . SER A 1 96 ? 11.280  33.643  2.760   1.00 0.00 ? 96 SER A H    1 
ATOM 1605 H HA   . SER A 1 96 ? 11.129  31.006  2.154   1.00 0.00 ? 96 SER A HA   1 
ATOM 1606 H HB2  . SER A 1 96 ? 9.848   32.348  4.563   1.00 0.00 ? 96 SER A HB2  1 
ATOM 1607 H HB3  . SER A 1 96 ? 10.429  30.673  4.455   1.00 0.00 ? 96 SER A HB3  1 
ATOM 1608 H HG   . SER A 1 96 ? 12.525  31.637  3.949   1.00 0.00 ? 96 SER A HG   1 
# 
